data_6PQ7
# 
_entry.id   6PQ7 
# 
_audit_conform.dict_name       mmcif_pdbx.dic 
_audit_conform.dict_version    5.380 
_audit_conform.dict_location   http://mmcif.pdb.org/dictionaries/ascii/mmcif_pdbx.dic 
# 
loop_
_database_2.database_id 
_database_2.database_code 
_database_2.pdbx_database_accession 
_database_2.pdbx_DOI 
PDB   6PQ7         pdb_00006pq7 10.2210/pdb6pq7/pdb 
WWPDB D_1000241432 ?            ?                   
# 
_pdbx_database_related.db_name        PDB 
_pdbx_database_related.details        'different temperature collection' 
_pdbx_database_related.db_id          6E8U 
_pdbx_database_related.content_type   unspecified 
# 
_pdbx_database_status.status_code                     REL 
_pdbx_database_status.status_code_sf                  REL 
_pdbx_database_status.status_code_mr                  ? 
_pdbx_database_status.entry_id                        6PQ7 
_pdbx_database_status.recvd_initial_deposition_date   2019-07-08 
_pdbx_database_status.SG_entry                        N 
_pdbx_database_status.deposit_site                    RCSB 
_pdbx_database_status.process_site                    RCSB 
_pdbx_database_status.status_code_cs                  ? 
_pdbx_database_status.methods_development_category    ? 
_pdbx_database_status.pdb_format_compatible           Y 
_pdbx_database_status.status_code_nmr_data            ? 
# 
loop_
_audit_author.name 
_audit_author.pdbx_ordinal 
_audit_author.identifier_ORCID 
'Trachman III, R.J.'  1 0000-0001-7459-2457 
;Ferre-D'Amare, A.R.
;
2 0000-0003-4549-1619 
# 
loop_
_citation.abstract 
_citation.abstract_id_CAS 
_citation.book_id_ISBN 
_citation.book_publisher 
_citation.book_publisher_city 
_citation.book_title 
_citation.coordinate_linkage 
_citation.country 
_citation.database_id_Medline 
_citation.details 
_citation.id 
_citation.journal_abbrev 
_citation.journal_id_ASTM 
_citation.journal_id_CSD 
_citation.journal_id_ISSN 
_citation.journal_full 
_citation.journal_issue 
_citation.journal_volume 
_citation.language 
_citation.page_first 
_citation.page_last 
_citation.title 
_citation.year 
_citation.database_id_CSD 
_citation.pdbx_database_id_DOI 
_citation.pdbx_database_id_PubMed 
_citation.unpublished_flag 
? ? ? ? ? ? ? US ? ? primary 'Acta Crystallogr.,Sect.F' ACSFEN ? 2053-230X ? ? 75 ? 547 551 
'Co-crystal structure of the iMango-III fluorescent RNA aptamer using an X-ray free-electron laser.' 2019 ? 
10.1107/S2053230X19010136 31397326 ? 
? ? ? ? ? ? ? US ? ? 1       'Acta Crystallogr.,Sect.D' ABCRE6 ? 1399-0047 ? ? 66 ? 213 221 
'PHENIX: a comprehensive Python-based system for macromolecular structure solution.'                 2010 ? 
10.1107/S0907444909052925 20124702 ? 
# 
loop_
_citation_author.citation_id 
_citation_author.name 
_citation_author.ordinal 
_citation_author.identifier_ORCID 
primary 'Trachman III, R.J.'     1  ?                   
primary 'Stagno, J.R.'           2  0000-0002-6464-7829 
primary 'Conrad, C.'             3  ?                   
primary 'Jones, C.P.'            4  ?                   
primary 'Fischer, P.'            5  ?                   
primary 'Meents, A.'             6  0000-0001-6078-4095 
primary 'Wang, Y.X.'             7  ?                   
primary 
;Ferre-D'Amare, A.R.
;
8  ?                   
1       'Adams, P.D.'            9  ?                   
1       'Afonine, P.V.'          10 ?                   
1       'Bunkoczi, G.'           11 ?                   
1       'Chen, V.B.'             12 ?                   
1       'Davis, I.W.'            13 ?                   
1       'Echols, N.'             14 ?                   
1       'Headd, J.J.'            15 ?                   
1       'Hung, L.W.'             16 ?                   
1       'Kapral, G.J.'           17 ?                   
1       'Grosse-Kunstleve, R.W.' 18 ?                   
1       'McCoy, A.J.'            19 ?                   
1       'Moriarty, N.W.'         20 ?                   
1       'Oeffner, R.'            21 ?                   
1       'Read, R.J.'             22 ?                   
1       'Richardson, D.C.'       23 ?                   
1       'Richardson, J.S.'       24 ?                   
1       'Terwilliger, T.C.'      25 ?                   
1       'Zwart, P.H.'            26 ?                   
# 
_cell.angle_alpha                  90.000 
_cell.angle_alpha_esd              ? 
_cell.angle_beta                   90.000 
_cell.angle_beta_esd               ? 
_cell.angle_gamma                  90.000 
_cell.angle_gamma_esd              ? 
_cell.entry_id                     6PQ7 
_cell.details                      ? 
_cell.formula_units_Z              ? 
_cell.length_a                     53.560 
_cell.length_a_esd                 ? 
_cell.length_b                     53.560 
_cell.length_b_esd                 ? 
_cell.length_c                     194.810 
_cell.length_c_esd                 ? 
_cell.volume                       558846.304 
_cell.volume_esd                   ? 
_cell.Z_PDB                        16 
_cell.reciprocal_angle_alpha       ? 
_cell.reciprocal_angle_beta        ? 
_cell.reciprocal_angle_gamma       ? 
_cell.reciprocal_angle_alpha_esd   ? 
_cell.reciprocal_angle_beta_esd    ? 
_cell.reciprocal_angle_gamma_esd   ? 
_cell.reciprocal_length_a          ? 
_cell.reciprocal_length_b          ? 
_cell.reciprocal_length_c          ? 
_cell.reciprocal_length_a_esd      ? 
_cell.reciprocal_length_b_esd      ? 
_cell.reciprocal_length_c_esd      ? 
_cell.pdbx_unique_axis             ? 
# 
_symmetry.entry_id                         6PQ7 
_symmetry.cell_setting                     ? 
_symmetry.Int_Tables_number                98 
_symmetry.space_group_name_Hall            'I 4bw 2bw' 
_symmetry.space_group_name_H-M             'I 41 2 2' 
_symmetry.pdbx_full_space_group_name_H-M   ? 
# 
loop_
_entity.id 
_entity.type 
_entity.src_method 
_entity.pdbx_description 
_entity.formula_weight 
_entity.pdbx_number_of_molecules 
_entity.pdbx_ec 
_entity.pdbx_mutation 
_entity.pdbx_fragment 
_entity.details 
1 polymer     syn 'RNA (37-MER)' 12050.145 1 ? ? ? ? 
2 non-polymer syn 'MAGNESIUM ION' 24.305    1 ? ? ? ? 
3 non-polymer syn 
'~{N}-[2-[2-[2-[2-[2-[2-[(1-methylquinolin-4-yl)methyl]-1,3-benzothiazol-3-yl]ethanoylamino]ethoxy]ethoxy]ethoxy]ethyl]pentanamide' 
608.791   1 ? ? ? ? 
4 non-polymer syn 'POTASSIUM ION' 39.098    1 ? ? ? ? 
# 
_entity_poly.entity_id                      1 
_entity_poly.type                           polyribonucleotide 
_entity_poly.nstd_linkage                   no 
_entity_poly.nstd_monomer                   no 
_entity_poly.pdbx_seq_one_letter_code       GUACGAAGGAAGGUUUGGUAUGGGGUAGUUGUCGUAC 
_entity_poly.pdbx_seq_one_letter_code_can   GUACGAAGGAAGGUUUGGUAUGGGGUAGUUGUCGUAC 
_entity_poly.pdbx_strand_id                 C 
_entity_poly.pdbx_target_identifier         ? 
# 
loop_
_entity_poly_seq.entity_id 
_entity_poly_seq.num 
_entity_poly_seq.mon_id 
_entity_poly_seq.hetero 
1 1  G n 
1 2  U n 
1 3  A n 
1 4  C n 
1 5  G n 
1 6  A n 
1 7  A n 
1 8  G n 
1 9  G n 
1 10 A n 
1 11 A n 
1 12 G n 
1 13 G n 
1 14 U n 
1 15 U n 
1 16 U n 
1 17 G n 
1 18 G n 
1 19 U n 
1 20 A n 
1 21 U n 
1 22 G n 
1 23 G n 
1 24 G n 
1 25 G n 
1 26 U n 
1 27 A n 
1 28 G n 
1 29 U n 
1 30 U n 
1 31 G n 
1 32 U n 
1 33 C n 
1 34 G n 
1 35 U n 
1 36 A n 
1 37 C n 
# 
_pdbx_entity_src_syn.entity_id              1 
_pdbx_entity_src_syn.pdbx_src_id            1 
_pdbx_entity_src_syn.pdbx_alt_source_flag   sample 
_pdbx_entity_src_syn.pdbx_beg_seq_num       1 
_pdbx_entity_src_syn.pdbx_end_seq_num       37 
_pdbx_entity_src_syn.organism_scientific    'synthetic construct' 
_pdbx_entity_src_syn.organism_common_name   ? 
_pdbx_entity_src_syn.ncbi_taxonomy_id       32630 
_pdbx_entity_src_syn.details                ? 
# 
_struct_ref.id                         1 
_struct_ref.db_name                    PDB 
_struct_ref.db_code                    6PQ7 
_struct_ref.pdbx_db_accession          6PQ7 
_struct_ref.pdbx_db_isoform            ? 
_struct_ref.entity_id                  1 
_struct_ref.pdbx_seq_one_letter_code   ? 
_struct_ref.pdbx_align_begin           1 
# 
_struct_ref_seq.align_id                      1 
_struct_ref_seq.ref_id                        1 
_struct_ref_seq.pdbx_PDB_id_code              6PQ7 
_struct_ref_seq.pdbx_strand_id                C 
_struct_ref_seq.seq_align_beg                 1 
_struct_ref_seq.pdbx_seq_align_beg_ins_code   ? 
_struct_ref_seq.seq_align_end                 37 
_struct_ref_seq.pdbx_seq_align_end_ins_code   ? 
_struct_ref_seq.pdbx_db_accession             6PQ7 
_struct_ref_seq.db_align_beg                  1 
_struct_ref_seq.pdbx_db_align_beg_ins_code    ? 
_struct_ref_seq.db_align_end                  37 
_struct_ref_seq.pdbx_db_align_end_ins_code    ? 
_struct_ref_seq.pdbx_auth_seq_align_beg       1 
_struct_ref_seq.pdbx_auth_seq_align_end       37 
# 
loop_
_chem_comp.id 
_chem_comp.type 
_chem_comp.mon_nstd_flag 
_chem_comp.name 
_chem_comp.pdbx_synonyms 
_chem_comp.formula 
_chem_comp.formula_weight 
A   'RNA linking' y "ADENOSINE-5'-MONOPHOSPHATE" ? 'C10 H14 N5 O7 P' 347.221 
C   'RNA linking' y "CYTIDINE-5'-MONOPHOSPHATE" ? 'C9 H14 N3 O8 P'  323.197 
G   'RNA linking' y "GUANOSINE-5'-MONOPHOSPHATE" ? 'C10 H14 N5 O8 P' 363.221 
K   non-polymer   . 'POTASSIUM ION' ? 'K 1'             39.098  
MG  non-polymer   . 'MAGNESIUM ION' ? 'Mg 2'            24.305  
OXV non-polymer   . 
'~{N}-[2-[2-[2-[2-[2-[2-[(1-methylquinolin-4-yl)methyl]-1,3-benzothiazol-3-yl]ethanoylamino]ethoxy]ethoxy]ethoxy]ethyl]pentanamide' 
? 'C33 H44 N4 O5 S' 608.791 
U   'RNA linking' y "URIDINE-5'-MONOPHOSPHATE" ? 'C9 H13 N2 O9 P'  324.181 
# 
_exptl.absorpt_coefficient_mu     ? 
_exptl.absorpt_correction_T_max   ? 
_exptl.absorpt_correction_T_min   ? 
_exptl.absorpt_correction_type    ? 
_exptl.absorpt_process_details    ? 
_exptl.entry_id                   6PQ7 
_exptl.crystals_number            1 
_exptl.details                    ? 
_exptl.method                     'X-RAY DIFFRACTION' 
_exptl.method_details             ? 
# 
_exptl_crystal.colour                      ? 
_exptl_crystal.density_diffrn              ? 
_exptl_crystal.density_Matthews            2.90 
_exptl_crystal.density_method              ? 
_exptl_crystal.density_percent_sol         57.56 
_exptl_crystal.description                 ? 
_exptl_crystal.F_000                       ? 
_exptl_crystal.id                          1 
_exptl_crystal.preparation                 ? 
_exptl_crystal.size_max                    ? 
_exptl_crystal.size_mid                    ? 
_exptl_crystal.size_min                    ? 
_exptl_crystal.size_rad                    ? 
_exptl_crystal.colour_lustre               ? 
_exptl_crystal.colour_modifier             ? 
_exptl_crystal.colour_primary              ? 
_exptl_crystal.density_meas                ? 
_exptl_crystal.density_meas_esd            ? 
_exptl_crystal.density_meas_gt             ? 
_exptl_crystal.density_meas_lt             ? 
_exptl_crystal.density_meas_temp           ? 
_exptl_crystal.density_meas_temp_esd       ? 
_exptl_crystal.density_meas_temp_gt        ? 
_exptl_crystal.density_meas_temp_lt        ? 
_exptl_crystal.pdbx_crystal_image_url      ? 
_exptl_crystal.pdbx_crystal_image_format   ? 
_exptl_crystal.pdbx_mosaicity              ? 
_exptl_crystal.pdbx_mosaicity_esd          ? 
# 
_exptl_crystal_grow.apparatus       ? 
_exptl_crystal_grow.atmosphere      ? 
_exptl_crystal_grow.crystal_id      1 
_exptl_crystal_grow.details         ? 
_exptl_crystal_grow.method          'VAPOR DIFFUSION, SITTING DROP' 
_exptl_crystal_grow.method_ref      ? 
_exptl_crystal_grow.pH              7.1 
_exptl_crystal_grow.pressure        ? 
_exptl_crystal_grow.pressure_esd    ? 
_exptl_crystal_grow.seeding         ? 
_exptl_crystal_grow.seeding_ref     ? 
_exptl_crystal_grow.temp            294 
_exptl_crystal_grow.temp_details    ? 
_exptl_crystal_grow.temp_esd        ? 
_exptl_crystal_grow.time            ? 
_exptl_crystal_grow.pdbx_details    
'0.1 M Na cacodylate pH 7.1, 17.5% (w/v) polyethylene glycol (PEG) 3350, and 0.25 M Magnesium acetate' 
_exptl_crystal_grow.pdbx_pH_range   ? 
# 
_diffrn.ambient_environment              ? 
_diffrn.ambient_temp                     296 
_diffrn.ambient_temp_details             'room temperature' 
_diffrn.ambient_temp_esd                 ? 
_diffrn.crystal_id                       1 
_diffrn.crystal_support                  ? 
_diffrn.crystal_treatment                ? 
_diffrn.details                          ? 
_diffrn.id                               1 
_diffrn.ambient_pressure                 ? 
_diffrn.ambient_pressure_esd             ? 
_diffrn.ambient_pressure_gt              ? 
_diffrn.ambient_pressure_lt              ? 
_diffrn.ambient_temp_gt                  ? 
_diffrn.ambient_temp_lt                  ? 
_diffrn.pdbx_serial_crystal_experiment   Y 
# 
_diffrn_detector.details                      ? 
_diffrn_detector.detector                     PIXEL 
_diffrn_detector.diffrn_id                    1 
_diffrn_detector.type                         'DECTRIS EIGER X 16M' 
_diffrn_detector.area_resol_mean              ? 
_diffrn_detector.dtime                        ? 
_diffrn_detector.pdbx_frames_total            ? 
_diffrn_detector.pdbx_collection_time_total   ? 
_diffrn_detector.pdbx_collection_date         2018-04-08 
_diffrn_detector.pdbx_frequency               ? 
# 
_diffrn_radiation.collimation                      ? 
_diffrn_radiation.diffrn_id                        1 
_diffrn_radiation.filter_edge                      ? 
_diffrn_radiation.inhomogeneity                    ? 
_diffrn_radiation.monochromator                    ? 
_diffrn_radiation.polarisn_norm                    ? 
_diffrn_radiation.polarisn_ratio                   ? 
_diffrn_radiation.probe                            ? 
_diffrn_radiation.type                             ? 
_diffrn_radiation.xray_symbol                      ? 
_diffrn_radiation.wavelength_id                    1 
_diffrn_radiation.pdbx_monochromatic_or_laue_m_l   M 
_diffrn_radiation.pdbx_wavelength_list             ? 
_diffrn_radiation.pdbx_wavelength                  ? 
_diffrn_radiation.pdbx_diffrn_protocol             'SINGLE WAVELENGTH' 
_diffrn_radiation.pdbx_analyzer                    ? 
_diffrn_radiation.pdbx_scattering_type             x-ray 
# 
_diffrn_radiation_wavelength.id           1 
_diffrn_radiation_wavelength.wavelength   1.303 
_diffrn_radiation_wavelength.wt           1.0 
# 
_diffrn_source.current                     ? 
_diffrn_source.details                     ? 
_diffrn_source.diffrn_id                   1 
_diffrn_source.power                       ? 
_diffrn_source.size                        ? 
_diffrn_source.source                      'FREE ELECTRON LASER' 
_diffrn_source.target                      ? 
_diffrn_source.type                        'SLAC LCLS BEAMLINE MFX' 
_diffrn_source.voltage                     ? 
_diffrn_source.take-off_angle              ? 
_diffrn_source.pdbx_wavelength_list        1.303 
_diffrn_source.pdbx_wavelength             ? 
_diffrn_source.pdbx_synchrotron_beamline   MFX 
_diffrn_source.pdbx_synchrotron_site       'SLAC LCLS' 
# 
_reflns.B_iso_Wilson_estimate            56.80 
_reflns.entry_id                         6PQ7 
_reflns.data_reduction_details           ? 
_reflns.data_reduction_method            ? 
_reflns.d_resolution_high                3.0 
_reflns.d_resolution_low                 52.5 
_reflns.details                          ? 
_reflns.limit_h_max                      ? 
_reflns.limit_h_min                      ? 
_reflns.limit_k_max                      ? 
_reflns.limit_k_min                      ? 
_reflns.limit_l_max                      ? 
_reflns.limit_l_min                      ? 
_reflns.number_all                       ? 
_reflns.number_obs                       5419 
_reflns.observed_criterion               ? 
_reflns.observed_criterion_F_max         ? 
_reflns.observed_criterion_F_min         ? 
_reflns.observed_criterion_I_max         ? 
_reflns.observed_criterion_I_min         ? 
_reflns.observed_criterion_sigma_F       ? 
_reflns.observed_criterion_sigma_I       ? 
_reflns.percent_possible_obs             99.9 
_reflns.R_free_details                   ? 
_reflns.Rmerge_F_all                     ? 
_reflns.Rmerge_F_obs                     ? 
_reflns.Friedel_coverage                 ? 
_reflns.number_gt                        ? 
_reflns.threshold_expression             ? 
_reflns.pdbx_redundancy                  3.0 
_reflns.pdbx_Rmerge_I_obs                ? 
_reflns.pdbx_Rmerge_I_all                ? 
_reflns.pdbx_Rsym_value                  ? 
_reflns.pdbx_netI_over_av_sigmaI         ? 
_reflns.pdbx_netI_over_sigmaI            2.3 
_reflns.pdbx_res_netI_over_av_sigmaI_2   ? 
_reflns.pdbx_res_netI_over_sigmaI_2      ? 
_reflns.pdbx_chi_squared                 ? 
_reflns.pdbx_scaling_rejects             ? 
_reflns.pdbx_d_res_high_opt              ? 
_reflns.pdbx_d_res_low_opt               ? 
_reflns.pdbx_d_res_opt_method            ? 
_reflns.phase_calculation_details        ? 
_reflns.pdbx_Rrim_I_all                  ? 
_reflns.pdbx_Rpim_I_all                  ? 
_reflns.pdbx_d_opt                       ? 
_reflns.pdbx_number_measured_all         ? 
_reflns.pdbx_diffrn_id                   1 
_reflns.pdbx_ordinal                     1 
_reflns.pdbx_CC_half                     0.7 
_reflns.pdbx_R_split                     0.530 
# 
_reflns_shell.d_res_high                  3.0 
_reflns_shell.d_res_low                   3.3 
_reflns_shell.meanI_over_sigI_all         ? 
_reflns_shell.meanI_over_sigI_obs         ? 
_reflns_shell.number_measured_all         ? 
_reflns_shell.number_measured_obs         ? 
_reflns_shell.number_possible             ? 
_reflns_shell.number_unique_all           ? 
_reflns_shell.number_unique_obs           368 
_reflns_shell.percent_possible_all        100 
_reflns_shell.percent_possible_obs        ? 
_reflns_shell.Rmerge_F_all                ? 
_reflns_shell.Rmerge_F_obs                ? 
_reflns_shell.Rmerge_I_all                ? 
_reflns_shell.Rmerge_I_obs                ? 
_reflns_shell.meanI_over_sigI_gt          ? 
_reflns_shell.meanI_over_uI_all           ? 
_reflns_shell.meanI_over_uI_gt            ? 
_reflns_shell.number_measured_gt          ? 
_reflns_shell.number_unique_gt            ? 
_reflns_shell.percent_possible_gt         ? 
_reflns_shell.Rmerge_F_gt                 ? 
_reflns_shell.Rmerge_I_gt                 ? 
_reflns_shell.pdbx_redundancy             3.0 
_reflns_shell.pdbx_Rsym_value             ? 
_reflns_shell.pdbx_chi_squared            ? 
_reflns_shell.pdbx_netI_over_sigmaI_all   ? 
_reflns_shell.pdbx_netI_over_sigmaI_obs   ? 
_reflns_shell.pdbx_Rrim_I_all             ? 
_reflns_shell.pdbx_Rpim_I_all             ? 
_reflns_shell.pdbx_rejects                ? 
_reflns_shell.pdbx_ordinal                1 
_reflns_shell.pdbx_diffrn_id              1 
_reflns_shell.pdbx_CC_half                0.245 
_reflns_shell.pdbx_R_split                1.421 
# 
_refine.aniso_B[1][1]                            ? 
_refine.aniso_B[1][2]                            ? 
_refine.aniso_B[1][3]                            ? 
_refine.aniso_B[2][2]                            ? 
_refine.aniso_B[2][3]                            ? 
_refine.aniso_B[3][3]                            ? 
_refine.B_iso_max                                ? 
_refine.B_iso_mean                               45.19 
_refine.B_iso_min                                ? 
_refine.correlation_coeff_Fo_to_Fc               ? 
_refine.correlation_coeff_Fo_to_Fc_free          ? 
_refine.details                                  ? 
_refine.diff_density_max                         ? 
_refine.diff_density_max_esd                     ? 
_refine.diff_density_min                         ? 
_refine.diff_density_min_esd                     ? 
_refine.diff_density_rms                         ? 
_refine.diff_density_rms_esd                     ? 
_refine.entry_id                                 6PQ7 
_refine.pdbx_refine_id                           'X-RAY DIFFRACTION' 
_refine.ls_abs_structure_details                 ? 
_refine.ls_abs_structure_Flack                   ? 
_refine.ls_abs_structure_Flack_esd               ? 
_refine.ls_abs_structure_Rogers                  ? 
_refine.ls_abs_structure_Rogers_esd              ? 
_refine.ls_d_res_high                            3.00 
_refine.ls_d_res_low                             51.64 
_refine.ls_extinction_coef                       ? 
_refine.ls_extinction_coef_esd                   ? 
_refine.ls_extinction_expression                 ? 
_refine.ls_extinction_method                     ? 
_refine.ls_goodness_of_fit_all                   ? 
_refine.ls_goodness_of_fit_all_esd               ? 
_refine.ls_goodness_of_fit_obs                   ? 
_refine.ls_goodness_of_fit_obs_esd               ? 
_refine.ls_hydrogen_treatment                    ? 
_refine.ls_matrix_type                           ? 
_refine.ls_number_constraints                    ? 
_refine.ls_number_parameters                     ? 
_refine.ls_number_reflns_all                     ? 
_refine.ls_number_reflns_obs                     5419 
_refine.ls_number_reflns_R_free                  538 
_refine.ls_number_reflns_R_work                  ? 
_refine.ls_number_restraints                     ? 
_refine.ls_percent_reflns_obs                    99.89 
_refine.ls_percent_reflns_R_free                 9.93 
_refine.ls_R_factor_all                          ? 
_refine.ls_R_factor_obs                          0.2726 
_refine.ls_R_factor_R_free                       0.3044 
_refine.ls_R_factor_R_free_error                 ? 
_refine.ls_R_factor_R_free_error_details         ? 
_refine.ls_R_factor_R_work                       0.2688 
_refine.ls_R_Fsqd_factor_obs                     ? 
_refine.ls_R_I_factor_obs                        ? 
_refine.ls_redundancy_reflns_all                 ? 
_refine.ls_redundancy_reflns_obs                 ? 
_refine.ls_restrained_S_all                      ? 
_refine.ls_restrained_S_obs                      ? 
_refine.ls_shift_over_esd_max                    ? 
_refine.ls_shift_over_esd_mean                   ? 
_refine.ls_structure_factor_coef                 ? 
_refine.ls_weighting_details                     ? 
_refine.ls_weighting_scheme                      ? 
_refine.ls_wR_factor_all                         ? 
_refine.ls_wR_factor_obs                         ? 
_refine.ls_wR_factor_R_free                      ? 
_refine.ls_wR_factor_R_work                      ? 
_refine.occupancy_max                            ? 
_refine.occupancy_min                            ? 
_refine.solvent_model_details                    ? 
_refine.solvent_model_param_bsol                 ? 
_refine.solvent_model_param_ksol                 ? 
_refine.ls_R_factor_gt                           ? 
_refine.ls_goodness_of_fit_gt                    ? 
_refine.ls_goodness_of_fit_ref                   ? 
_refine.ls_shift_over_su_max                     ? 
_refine.ls_shift_over_su_max_lt                  ? 
_refine.ls_shift_over_su_mean                    ? 
_refine.ls_shift_over_su_mean_lt                 ? 
_refine.pdbx_ls_sigma_I                          ? 
_refine.pdbx_ls_sigma_F                          1.34 
_refine.pdbx_ls_sigma_Fsqd                       ? 
_refine.pdbx_data_cutoff_high_absF               ? 
_refine.pdbx_data_cutoff_high_rms_absF           ? 
_refine.pdbx_data_cutoff_low_absF                ? 
_refine.pdbx_isotropic_thermal_model             ? 
_refine.pdbx_ls_cross_valid_method               'FREE R-VALUE' 
_refine.pdbx_method_to_determine_struct          'MOLECULAR REPLACEMENT' 
_refine.pdbx_starting_model                      6E8U 
_refine.pdbx_stereochemistry_target_values       ? 
_refine.pdbx_R_Free_selection_details            ? 
_refine.pdbx_stereochem_target_val_spec_case     ? 
_refine.pdbx_overall_ESU_R                       ? 
_refine.pdbx_overall_ESU_R_Free                  ? 
_refine.pdbx_solvent_vdw_probe_radii             1.1100 
_refine.pdbx_solvent_ion_probe_radii             ? 
_refine.pdbx_solvent_shrinkage_radii             0.9000 
_refine.pdbx_real_space_R                        ? 
_refine.pdbx_density_correlation                 ? 
_refine.pdbx_pd_number_of_powder_patterns        ? 
_refine.pdbx_pd_number_of_points                 ? 
_refine.pdbx_pd_meas_number_of_points            ? 
_refine.pdbx_pd_proc_ls_prof_R_factor            ? 
_refine.pdbx_pd_proc_ls_prof_wR_factor           ? 
_refine.pdbx_pd_Marquardt_correlation_coeff      ? 
_refine.pdbx_pd_Fsqrd_R_factor                   ? 
_refine.pdbx_pd_ls_matrix_band_width             ? 
_refine.pdbx_overall_phase_error                 29.2294 
_refine.pdbx_overall_SU_R_free_Cruickshank_DPI   ? 
_refine.pdbx_overall_SU_R_free_Blow_DPI          ? 
_refine.pdbx_overall_SU_R_Blow_DPI               ? 
_refine.pdbx_TLS_residual_ADP_flag               ? 
_refine.pdbx_diffrn_id                           1 
_refine.overall_SU_B                             ? 
_refine.overall_SU_ML                            0.3945 
_refine.overall_SU_R_Cruickshank_DPI             ? 
_refine.overall_SU_R_free                        ? 
_refine.overall_FOM_free_R_set                   ? 
_refine.overall_FOM_work_R_set                   ? 
_refine.pdbx_average_fsc_overall                 ? 
_refine.pdbx_average_fsc_work                    ? 
_refine.pdbx_average_fsc_free                    ? 
# 
_refine_hist.pdbx_refine_id                   'X-RAY DIFFRACTION' 
_refine_hist.cycle_id                         LAST 
_refine_hist.details                          ? 
_refine_hist.d_res_high                       3.00 
_refine_hist.d_res_low                        51.64 
_refine_hist.number_atoms_solvent             0 
_refine_hist.number_atoms_total               841 
_refine_hist.number_reflns_all                ? 
_refine_hist.number_reflns_obs                ? 
_refine_hist.number_reflns_R_free             ? 
_refine_hist.number_reflns_R_work             ? 
_refine_hist.R_factor_all                     ? 
_refine_hist.R_factor_obs                     ? 
_refine_hist.R_factor_R_free                  ? 
_refine_hist.R_factor_R_work                  ? 
_refine_hist.pdbx_number_residues_total       ? 
_refine_hist.pdbx_B_iso_mean_ligand           ? 
_refine_hist.pdbx_B_iso_mean_solvent          ? 
_refine_hist.pdbx_number_atoms_protein        0 
_refine_hist.pdbx_number_atoms_nucleic_acid   796 
_refine_hist.pdbx_number_atoms_ligand         45 
_refine_hist.pdbx_number_atoms_lipid          ? 
_refine_hist.pdbx_number_atoms_carb           ? 
_refine_hist.pdbx_pseudo_atom_details         ? 
# 
loop_
_refine_ls_restr.pdbx_refine_id 
_refine_ls_restr.criterion 
_refine_ls_restr.dev_ideal 
_refine_ls_restr.dev_ideal_target 
_refine_ls_restr.number 
_refine_ls_restr.rejects 
_refine_ls_restr.type 
_refine_ls_restr.weight 
_refine_ls_restr.pdbx_restraint_function 
'X-RAY DIFFRACTION' ? 0.0056  ? 938  ? f_bond_d           ? ? 
'X-RAY DIFFRACTION' ? 1.1412  ? 1451 ? f_angle_d          ? ? 
'X-RAY DIFFRACTION' ? 0.0473  ? 183  ? f_chiral_restr     ? ? 
'X-RAY DIFFRACTION' ? 0.0062  ? 41   ? f_plane_restr      ? ? 
'X-RAY DIFFRACTION' ? 17.7288 ? 454  ? f_dihedral_angle_d ? ? 
# 
loop_
_refine_ls_shell.pdbx_refine_id 
_refine_ls_shell.d_res_high 
_refine_ls_shell.d_res_low 
_refine_ls_shell.number_reflns_all 
_refine_ls_shell.number_reflns_obs 
_refine_ls_shell.number_reflns_R_free 
_refine_ls_shell.number_reflns_R_work 
_refine_ls_shell.percent_reflns_obs 
_refine_ls_shell.percent_reflns_R_free 
_refine_ls_shell.R_factor_all 
_refine_ls_shell.R_factor_obs 
_refine_ls_shell.R_factor_R_free 
_refine_ls_shell.R_factor_R_free_error 
_refine_ls_shell.R_factor_R_work 
_refine_ls_shell.redundancy_reflns_all 
_refine_ls_shell.redundancy_reflns_obs 
_refine_ls_shell.wR_factor_all 
_refine_ls_shell.wR_factor_obs 
_refine_ls_shell.wR_factor_R_free 
_refine_ls_shell.wR_factor_R_work 
_refine_ls_shell.pdbx_total_number_of_bins_used 
_refine_ls_shell.pdbx_phase_error 
_refine_ls_shell.pdbx_fsc_work 
_refine_ls_shell.pdbx_fsc_free 
'X-RAY DIFFRACTION' 3.00 3.30  . . 132 1212 99.93  . . . 0.3195 . 0.2614 . . . . . . . . . . 
'X-RAY DIFFRACTION' 3.30 3.78  . . 131 1218 99.78  . . . 0.2738 . 0.2527 . . . . . . . . . . 
'X-RAY DIFFRACTION' 3.78 4.76  . . 138 1228 100.00 . . . 0.2859 . 0.2612 . . . . . . . . . . 
'X-RAY DIFFRACTION' 4.76 51.64 . . 137 1223 99.85  . . . 0.3314 . 0.2870 . . . . . . . . . . 
# 
_struct.entry_id                     6PQ7 
_struct.title                        'Structure of the iMango-III fluorescent aptamer at room temperature.' 
_struct.pdbx_model_details           ? 
_struct.pdbx_formula_weight          ? 
_struct.pdbx_formula_weight_method   ? 
_struct.pdbx_model_type_details      ? 
_struct.pdbx_CASP_flag               N 
# 
_struct_keywords.entry_id        6PQ7 
_struct_keywords.text            'fluorescent, RNA, aptamer, XFELS' 
_struct_keywords.pdbx_keywords   RNA 
# 
loop_
_struct_asym.id 
_struct_asym.pdbx_blank_PDB_chainid_flag 
_struct_asym.pdbx_modified 
_struct_asym.entity_id 
_struct_asym.details 
A N N 1 ? 
B N N 2 ? 
C N N 3 ? 
D N N 4 ? 
# 
loop_
_struct_conn.id 
_struct_conn.conn_type_id 
_struct_conn.pdbx_leaving_atom_flag 
_struct_conn.pdbx_PDB_id 
_struct_conn.ptnr1_label_asym_id 
_struct_conn.ptnr1_label_comp_id 
_struct_conn.ptnr1_label_seq_id 
_struct_conn.ptnr1_label_atom_id 
_struct_conn.pdbx_ptnr1_label_alt_id 
_struct_conn.pdbx_ptnr1_PDB_ins_code 
_struct_conn.pdbx_ptnr1_standard_comp_id 
_struct_conn.ptnr1_symmetry 
_struct_conn.ptnr2_label_asym_id 
_struct_conn.ptnr2_label_comp_id 
_struct_conn.ptnr2_label_seq_id 
_struct_conn.ptnr2_label_atom_id 
_struct_conn.pdbx_ptnr2_label_alt_id 
_struct_conn.pdbx_ptnr2_PDB_ins_code 
_struct_conn.ptnr1_auth_asym_id 
_struct_conn.ptnr1_auth_comp_id 
_struct_conn.ptnr1_auth_seq_id 
_struct_conn.ptnr2_auth_asym_id 
_struct_conn.ptnr2_auth_comp_id 
_struct_conn.ptnr2_auth_seq_id 
_struct_conn.ptnr2_symmetry 
_struct_conn.pdbx_ptnr3_label_atom_id 
_struct_conn.pdbx_ptnr3_label_seq_id 
_struct_conn.pdbx_ptnr3_label_comp_id 
_struct_conn.pdbx_ptnr3_label_asym_id 
_struct_conn.pdbx_ptnr3_label_alt_id 
_struct_conn.pdbx_ptnr3_PDB_ins_code 
_struct_conn.details 
_struct_conn.pdbx_dist_value 
_struct_conn.pdbx_value_order 
_struct_conn.pdbx_role 
metalc1  metalc ? ? A G 8  O6  ? ? ? 1_555 D K  .  K  ? ? C G 8  C K  103 1_555  ? ? ? ? ? ? ?             2.633 ? ? 
metalc2  metalc ? ? A G 9  O6  ? ? ? 1_555 D K  .  K  ? ? C G 9  C K  103 1_555  ? ? ? ? ? ? ?             2.818 ? ? 
metalc3  metalc ? ? A G 12 O6  ? ? ? 1_555 D K  .  K  ? ? C G 12 C K  103 1_555  ? ? ? ? ? ? ?             2.870 ? ? 
metalc4  metalc ? ? A G 13 O6  ? ? ? 1_555 D K  .  K  ? ? C G 13 C K  103 1_555  ? ? ? ? ? ? ?             2.859 ? ? 
metalc5  metalc ? ? A G 17 O6  ? ? ? 1_555 D K  .  K  ? ? C G 17 C K  103 1_555  ? ? ? ? ? ? ?             2.853 ? ? 
metalc6  metalc ? ? A G 18 O6  ? ? ? 1_555 D K  .  K  ? ? C G 18 C K  103 1_555  ? ? ? ? ? ? ?             2.660 ? ? 
metalc7  metalc ? ? A U 19 OP1 ? ? ? 1_555 B MG .  MG ? ? C U 19 C MG 101 1_555  ? ? ? ? ? ? ?             2.029 ? ? 
metalc8  metalc ? ? A U 19 OP1 ? ? ? 1_555 B MG .  MG ? ? C U 19 C MG 101 10_555 ? ? ? ? ? ? ?             2.029 ? ? 
metalc9  metalc ? ? A G 22 O6  ? ? ? 1_555 D K  .  K  ? ? C G 22 C K  103 1_555  ? ? ? ? ? ? ?             2.699 ? ? 
metalc10 metalc ? ? A G 24 O6  ? ? ? 1_555 D K  .  K  ? ? C G 24 C K  103 1_555  ? ? ? ? ? ? ?             2.833 ? ? 
hydrog1  hydrog ? ? A G 1  O6  ? ? ? 1_555 A C  37 N4 ? ? C G 1  C C  37  1_555  ? ? ? ? ? ? 'G-C PAIR'    ?     ? ? 
hydrog2  hydrog ? ? A U 2  N3  ? ? ? 1_555 A A  36 N1 ? ? C U 2  C A  36  1_555  ? ? ? ? ? ? WATSON-CRICK  ?     ? ? 
hydrog3  hydrog ? ? A U 2  O4  ? ? ? 1_555 A A  36 N6 ? ? C U 2  C A  36  1_555  ? ? ? ? ? ? WATSON-CRICK  ?     ? ? 
hydrog4  hydrog ? ? A A 3  N1  ? ? ? 1_555 A U  35 N3 ? ? C A 3  C U  35  1_555  ? ? ? ? ? ? WATSON-CRICK  ?     ? ? 
hydrog5  hydrog ? ? A A 3  N6  ? ? ? 1_555 A U  35 O4 ? ? C A 3  C U  35  1_555  ? ? ? ? ? ? WATSON-CRICK  ?     ? ? 
hydrog6  hydrog ? ? A C 4  N3  ? ? ? 1_555 A G  34 N1 ? ? C C 4  C G  34  1_555  ? ? ? ? ? ? WATSON-CRICK  ?     ? ? 
hydrog7  hydrog ? ? A C 4  N4  ? ? ? 1_555 A G  34 O6 ? ? C C 4  C G  34  1_555  ? ? ? ? ? ? WATSON-CRICK  ?     ? ? 
hydrog8  hydrog ? ? A C 4  O2  ? ? ? 1_555 A G  34 N2 ? ? C C 4  C G  34  1_555  ? ? ? ? ? ? WATSON-CRICK  ?     ? ? 
hydrog9  hydrog ? ? A G 5  N2  ? ? ? 1_555 A C  33 O2 ? ? C G 5  C C  33  1_555  ? ? ? ? ? ? 'G-C PAIR'    ?     ? ? 
hydrog10 hydrog ? ? A A 6  N1  ? ? ? 1_555 A U  32 N3 ? ? C A 6  C U  32  1_555  ? ? ? ? ? ? WATSON-CRICK  ?     ? ? 
hydrog11 hydrog ? ? A A 6  N6  ? ? ? 1_555 A U  32 O4 ? ? C A 6  C U  32  1_555  ? ? ? ? ? ? WATSON-CRICK  ?     ? ? 
hydrog12 hydrog ? ? A A 7  N1  ? ? ? 1_555 A G  31 N1 ? ? C A 7  C G  31  1_555  ? ? ? ? ? ? TYPE_8_PAIR   ?     ? ? 
hydrog13 hydrog ? ? A A 7  N6  ? ? ? 1_555 A G  31 O6 ? ? C A 7  C G  31  1_555  ? ? ? ? ? ? TYPE_8_PAIR   ?     ? ? 
hydrog14 hydrog ? ? A G 8  N1  ? ? ? 1_555 A G  12 O6 ? ? C G 8  C G  12  1_555  ? ? ? ? ? ? TYPE_6_PAIR   ?     ? ? 
hydrog15 hydrog ? ? A G 8  N2  ? ? ? 1_555 A G  12 N7 ? ? C G 8  C G  12  1_555  ? ? ? ? ? ? TYPE_6_PAIR   ?     ? ? 
hydrog16 hydrog ? ? A G 8  N7  ? ? ? 1_555 A G  24 N2 ? ? C G 8  C G  24  1_555  ? ? ? ? ? ? TYPE_6_PAIR   ?     ? ? 
hydrog17 hydrog ? ? A G 8  O6  ? ? ? 1_555 A G  24 N1 ? ? C G 8  C G  24  1_555  ? ? ? ? ? ? TYPE_6_PAIR   ?     ? ? 
hydrog18 hydrog ? ? A G 9  N1  ? ? ? 1_555 A G  13 O6 ? ? C G 9  C G  13  1_555  ? ? ? ? ? ? TYPE_6_PAIR   ?     ? ? 
hydrog19 hydrog ? ? A G 9  N2  ? ? ? 1_555 A G  13 N7 ? ? C G 9  C G  13  1_555  ? ? ? ? ? ? TYPE_6_PAIR   ?     ? ? 
hydrog20 hydrog ? ? A G 9  N7  ? ? ? 1_555 A G  22 N2 ? ? C G 9  C G  22  1_555  ? ? ? ? ? ? TYPE_6_PAIR   ?     ? ? 
hydrog21 hydrog ? ? A G 9  O6  ? ? ? 1_555 A G  22 N1 ? ? C G 9  C G  22  1_555  ? ? ? ? ? ? TYPE_6_PAIR   ?     ? ? 
hydrog22 hydrog ? ? A A 11 N6  ? ? ? 1_555 A G  23 O6 ? ? C A 11 C G  23  1_555  ? ? ? ? ? ? 'A-G MISPAIR' ?     ? ? 
hydrog23 hydrog ? ? A A 11 N1  ? ? ? 1_555 A U  30 N3 ? ? C A 11 C U  30  1_555  ? ? ? ? ? ? WATSON-CRICK  ?     ? ? 
hydrog24 hydrog ? ? A A 11 N6  ? ? ? 1_555 A U  30 O4 ? ? C A 11 C U  30  1_555  ? ? ? ? ? ? WATSON-CRICK  ?     ? ? 
hydrog25 hydrog ? ? A G 12 N1  ? ? ? 1_555 A G  17 O6 ? ? C G 12 C G  17  1_555  ? ? ? ? ? ? TYPE_6_PAIR   ?     ? ? 
hydrog26 hydrog ? ? A G 12 N2  ? ? ? 1_555 A G  17 N7 ? ? C G 12 C G  17  1_555  ? ? ? ? ? ? TYPE_6_PAIR   ?     ? ? 
hydrog27 hydrog ? ? A G 13 N1  ? ? ? 1_555 A G  18 O6 ? ? C G 13 C G  18  1_555  ? ? ? ? ? ? TYPE_6_PAIR   ?     ? ? 
hydrog28 hydrog ? ? A G 13 N2  ? ? ? 1_555 A G  18 N7 ? ? C G 13 C G  18  1_555  ? ? ? ? ? ? TYPE_6_PAIR   ?     ? ? 
hydrog29 hydrog ? ? A U 14 N3  ? ? ? 1_555 A U  21 O4 ? ? C U 14 C U  21  1_555  ? ? ? ? ? ? TYPE_12_PAIR  ?     ? ? 
hydrog30 hydrog ? ? A U 14 O4  ? ? ? 1_555 A U  21 N3 ? ? C U 14 C U  21  1_555  ? ? ? ? ? ? TYPE_12_PAIR  ?     ? ? 
hydrog31 hydrog ? ? A G 17 N1  ? ? ? 1_555 A G  24 O6 ? ? C G 17 C G  24  1_555  ? ? ? ? ? ? TYPE_6_PAIR   ?     ? ? 
hydrog32 hydrog ? ? A G 17 N2  ? ? ? 1_555 A G  24 N7 ? ? C G 17 C G  24  1_555  ? ? ? ? ? ? TYPE_6_PAIR   ?     ? ? 
hydrog33 hydrog ? ? A G 17 N2  ? ? ? 1_555 A U  29 O2 ? ? C G 17 C U  29  1_555  ? ? ? ? ? ? 'G-U MISPAIR' ?     ? ? 
hydrog34 hydrog ? ? A G 18 N1  ? ? ? 1_555 A G  22 O6 ? ? C G 18 C G  22  1_555  ? ? ? ? ? ? TYPE_6_PAIR   ?     ? ? 
hydrog35 hydrog ? ? A G 18 N2  ? ? ? 1_555 A G  22 N7 ? ? C G 18 C G  22  1_555  ? ? ? ? ? ? TYPE_6_PAIR   ?     ? ? 
hydrog36 hydrog ? ? A G 18 N1  ? ? ? 1_555 A G  24 O6 ? ? C G 18 C G  24  1_555  ? ? ? ? ? ? TYPE_6_PAIR   ?     ? ? 
hydrog37 hydrog ? ? A G 18 N2  ? ? ? 1_555 A G  24 N7 ? ? C G 18 C G  24  1_555  ? ? ? ? ? ? TYPE_6_PAIR   ?     ? ? 
hydrog38 hydrog ? ? A A 20 N6  ? ? ? 1_555 A A  27 N7 ? ? C A 20 C A  27  1_555  ? ? ? ? ? ? TYPE_2_PAIR   ?     ? ? 
hydrog39 hydrog ? ? A A 20 N7  ? ? ? 1_555 A A  27 N6 ? ? C A 20 C A  27  1_555  ? ? ? ? ? ? TYPE_2_PAIR   ?     ? ? 
hydrog40 hydrog ? ? A G 23 N1  ? ? ? 1_555 A U  30 O4 ? ? C G 23 C U  30  1_555  ? ? ? ? ? ? 'G-U MISPAIR' ?     ? ? 
hydrog41 hydrog ? ? A G 25 N1  ? ? ? 1_555 A G  28 O6 ? ? C G 25 C G  28  1_555  ? ? ? ? ? ? 'G-G MISPAIR' ?     ? ? 
# 
loop_
_struct_conn_type.id 
_struct_conn_type.criteria 
_struct_conn_type.reference 
metalc ? ? 
hydrog ? ? 
# 
loop_
_struct_site.id 
_struct_site.pdbx_evidence_code 
_struct_site.pdbx_auth_asym_id 
_struct_site.pdbx_auth_comp_id 
_struct_site.pdbx_auth_seq_id 
_struct_site.pdbx_auth_ins_code 
_struct_site.pdbx_num_residues 
_struct_site.details 
AC1 Software C MG  101 ? 2  'binding site for residue MG C 101'  
AC2 Software C OXV 102 ? 12 'binding site for residue OXV C 102' 
AC3 Software C K   103 ? 8  'binding site for residue K C 103'   
# 
loop_
_struct_site_gen.id 
_struct_site_gen.site_id 
_struct_site_gen.pdbx_num_res 
_struct_site_gen.label_comp_id 
_struct_site_gen.label_asym_id 
_struct_site_gen.label_seq_id 
_struct_site_gen.pdbx_auth_ins_code 
_struct_site_gen.auth_comp_id 
_struct_site_gen.auth_asym_id 
_struct_site_gen.auth_seq_id 
_struct_site_gen.label_atom_id 
_struct_site_gen.label_alt_id 
_struct_site_gen.symmetry 
_struct_site_gen.details 
1  AC1 2  U A 19 ? U C 19 . ? 10_555 ? 
2  AC1 2  U A 19 ? U C 19 . ? 1_555  ? 
3  AC2 12 G A 9  ? G C 9  . ? 1_555  ? 
4  AC2 12 G A 13 ? G C 13 . ? 1_555  ? 
5  AC2 12 U A 14 ? U C 14 . ? 5_554  ? 
6  AC2 12 U A 14 ? U C 14 . ? 1_555  ? 
7  AC2 12 U A 15 ? U C 15 . ? 5_554  ? 
8  AC2 12 U A 16 ? U C 16 . ? 1_555  ? 
9  AC2 12 G A 18 ? G C 18 . ? 1_555  ? 
10 AC2 12 U A 19 ? U C 19 . ? 1_555  ? 
11 AC2 12 A A 20 ? A C 20 . ? 10_555 ? 
12 AC2 12 U A 21 ? U C 21 . ? 1_555  ? 
13 AC2 12 G A 22 ? G C 22 . ? 1_555  ? 
14 AC2 12 A A 27 ? A C 27 . ? 10_555 ? 
15 AC3 8  G A 8  ? G C 8  . ? 1_555  ? 
16 AC3 8  G A 9  ? G C 9  . ? 1_555  ? 
17 AC3 8  G A 12 ? G C 12 . ? 1_555  ? 
18 AC3 8  G A 13 ? G C 13 . ? 1_555  ? 
19 AC3 8  G A 17 ? G C 17 . ? 1_555  ? 
20 AC3 8  G A 18 ? G C 18 . ? 1_555  ? 
21 AC3 8  G A 22 ? G C 22 . ? 1_555  ? 
22 AC3 8  G A 24 ? G C 24 . ? 1_555  ? 
# 
_atom_sites.entry_id                    6PQ7 
_atom_sites.Cartn_transf_matrix[1][1]   ? 
_atom_sites.Cartn_transf_matrix[1][2]   ? 
_atom_sites.Cartn_transf_matrix[1][3]   ? 
_atom_sites.Cartn_transf_matrix[2][1]   ? 
_atom_sites.Cartn_transf_matrix[2][2]   ? 
_atom_sites.Cartn_transf_matrix[2][3]   ? 
_atom_sites.Cartn_transf_matrix[3][1]   ? 
_atom_sites.Cartn_transf_matrix[3][2]   ? 
_atom_sites.Cartn_transf_matrix[3][3]   ? 
_atom_sites.Cartn_transf_vector[1]      ? 
_atom_sites.Cartn_transf_vector[2]      ? 
_atom_sites.Cartn_transf_vector[3]      ? 
_atom_sites.fract_transf_matrix[1][1]   0.00385800 
_atom_sites.fract_transf_matrix[1][2]   0.01402654 
_atom_sites.fract_transf_matrix[1][3]   0.01170377 
_atom_sites.fract_transf_matrix[2][1]   -0.01377306 
_atom_sites.fract_transf_matrix[2][2]   0.01009163 
_atom_sites.fract_transf_matrix[2][3]   -0.00755434 
_atom_sites.fract_transf_matrix[3][1]   -0.00329930 
_atom_sites.fract_transf_matrix[3][2]   -0.00194438 
_atom_sites.fract_transf_matrix[3][3]   0.00341784 
_atom_sites.fract_transf_vector[1]      0.002467 
_atom_sites.fract_transf_vector[2]      -0.257284 
_atom_sites.fract_transf_vector[3]      -0.166670 
_atom_sites.solution_primary            ? 
_atom_sites.solution_secondary          ? 
_atom_sites.solution_hydrogens          ? 
_atom_sites.special_details             ? 
# 
loop_
_atom_type.symbol 
_atom_type.scat_dispersion_real 
_atom_type.scat_dispersion_imag 
_atom_type.scat_Cromer_Mann_a1 
_atom_type.scat_Cromer_Mann_a2 
_atom_type.scat_Cromer_Mann_a3 
_atom_type.scat_Cromer_Mann_a4 
_atom_type.scat_Cromer_Mann_b1 
_atom_type.scat_Cromer_Mann_b2 
_atom_type.scat_Cromer_Mann_b3 
_atom_type.scat_Cromer_Mann_b4 
_atom_type.scat_Cromer_Mann_c 
_atom_type.scat_source 
_atom_type.scat_dispersion_source 
C  ? ? 3.54356  2.42580 ? ? 25.62398 1.50364  ? ? 0.0 
;2-Gaussian fit: Grosse-Kunstleve RW, Sauter NK, Adams PD: Newsletter of the IUCr Commission on Crystallographic Computing 2004, 3, 22-31.
;
? 
K  ? ? 16.37977 2.54835 ? ? 4.54127  84.28225 ? ? 0.0 
;2-Gaussian fit: Grosse-Kunstleve RW, Sauter NK, Adams PD: Newsletter of the IUCr Commission on Crystallographic Computing 2004, 3, 22-31.
;
? 
MG ? ? 9.41153  2.53737 ? ? 2.59044  63.03566 ? ? 0.0 
;2-Gaussian fit: Grosse-Kunstleve RW, Sauter NK, Adams PD: Newsletter of the IUCr Commission on Crystallographic Computing 2004, 3, 22-31.
;
? 
N  ? ? 6.96715  ?       ? ? 11.43723 ?        ? ? 0.0 
;1-Gaussian fit: Grosse-Kunstleve RW, Sauter NK, Adams PD: Newsletter of the IUCr Commission on Crystallographic Computing 2004, 3, 22-31.
;
? 
O  ? ? 7.96527  ?       ? ? 9.05267  ?        ? ? 0.0 
;1-Gaussian fit: Grosse-Kunstleve RW, Sauter NK, Adams PD: Newsletter of the IUCr Commission on Crystallographic Computing 2004, 3, 22-31.
;
? 
P  ? ? 9.51135  5.44231 ? ? 1.42069  35.72801 ? ? 0.0 
;2-Gaussian fit: Grosse-Kunstleve RW, Sauter NK, Adams PD: Newsletter of the IUCr Commission on Crystallographic Computing 2004, 3, 22-31.
;
? 
S  ? ? 9.55732  6.39887 ? ? 1.23737  29.19336 ? ? 0.0 
;2-Gaussian fit: Grosse-Kunstleve RW, Sauter NK, Adams PD: Newsletter of the IUCr Commission on Crystallographic Computing 2004, 3, 22-31.
;
? 
# 
loop_
_atom_site.group_PDB 
_atom_site.id 
_atom_site.type_symbol 
_atom_site.label_atom_id 
_atom_site.label_alt_id 
_atom_site.label_comp_id 
_atom_site.label_asym_id 
_atom_site.label_entity_id 
_atom_site.label_seq_id 
_atom_site.pdbx_PDB_ins_code 
_atom_site.Cartn_x 
_atom_site.Cartn_y 
_atom_site.Cartn_z 
_atom_site.occupancy 
_atom_site.B_iso_or_equiv 
_atom_site.pdbx_formal_charge 
_atom_site.auth_seq_id 
_atom_site.auth_comp_id 
_atom_site.auth_asym_id 
_atom_site.auth_atom_id 
_atom_site.pdbx_PDB_model_num 
ATOM   1   C  "C4'" . G   A 1 1  ? 3.93630   0.82458   -15.99238 1.000 68.67901 ? 1   G   C "C4'" 1 
ATOM   2   O  "O4'" . G   A 1 1  ? 5.06756   0.42844   -16.80666 1.000 67.45050 ? 1   G   C "O4'" 1 
ATOM   3   C  "C3'" . G   A 1 1  ? 3.22625   -0.48637  -15.66313 1.000 80.29197 ? 1   G   C "C3'" 1 
ATOM   4   O  "O3'" . G   A 1 1  ? 1.85466   -0.28402  -15.36553 1.000 77.14860 ? 1   G   C "O3'" 1 
ATOM   5   C  "C2'" . G   A 1 1  ? 3.45006   -1.31396  -16.92754 1.000 72.14186 ? 1   G   C "C2'" 1 
ATOM   6   O  "O2'" . G   A 1 1  ? 2.54266   -0.91419  -17.93172 1.000 74.11961 ? 1   G   C "O2'" 1 
ATOM   7   C  "C1'" . G   A 1 1  ? 4.84925   -0.86460  -17.34075 1.000 69.76738 ? 1   G   C "C1'" 1 
ATOM   8   N  N9    . G   A 1 1  ? 5.88452   -1.77596  -16.82156 1.000 69.46268 ? 1   G   C N9    1 
ATOM   9   C  C8    . G   A 1 1  ? 6.71578   -1.55726  -15.75125 1.000 64.93540 ? 1   G   C C8    1 
ATOM   10  N  N7    . G   A 1 1  ? 7.52753   -2.55463  -15.53679 1.000 65.15428 ? 1   G   C N7    1 
ATOM   11  C  C5    . G   A 1 1  ? 7.21118   -3.48247  -16.51923 1.000 64.17861 ? 1   G   C C5    1 
ATOM   12  C  C6    . G   A 1 1  ? 7.76144   -4.75780  -16.77768 1.000 63.19291 ? 1   G   C C6    1 
ATOM   13  O  O6    . G   A 1 1  ? 8.66999   -5.32559  -16.16659 1.000 62.06903 ? 1   G   C O6    1 
ATOM   14  N  N1    . G   A 1 1  ? 7.15040   -5.37662  -17.86369 1.000 64.31846 ? 1   G   C N1    1 
ATOM   15  C  C2    . G   A 1 1  ? 6.13917   -4.82568  -18.61211 1.000 66.49345 ? 1   G   C C2    1 
ATOM   16  N  N2    . G   A 1 1  ? 5.68778   -5.57413  -19.62669 1.000 66.86814 ? 1   G   C N2    1 
ATOM   17  N  N3    . G   A 1 1  ? 5.60816   -3.63095  -18.38321 1.000 67.70461 ? 1   G   C N3    1 
ATOM   18  C  C4    . G   A 1 1  ? 6.19352   -3.02132  -17.32393 1.000 67.01792 ? 1   G   C C4    1 
ATOM   19  P  P     . U   A 1 2  ? 1.06721   -1.27633  -14.37379 1.000 76.65126 ? 2   U   C P     1 
ATOM   20  O  OP1   . U   A 1 2  ? -0.32804  -0.78235  -14.29153 1.000 77.45791 ? 2   U   C OP1   1 
ATOM   21  O  OP2   . U   A 1 2  ? 1.82275   -1.44342  -13.10501 1.000 71.90444 ? 2   U   C OP2   1 
ATOM   22  O  "O5'" . U   A 1 2  ? 1.09763   -2.67879  -15.12876 1.000 75.19972 ? 2   U   C "O5'" 1 
ATOM   23  C  "C5'" . U   A 1 2  ? 0.18718   -2.99215  -16.17320 1.000 72.75903 ? 2   U   C "C5'" 1 
ATOM   24  C  "C4'" . U   A 1 2  ? 0.50106   -4.34868  -16.74918 1.000 71.12104 ? 2   U   C "C4'" 1 
ATOM   25  O  "O4'" . U   A 1 2  ? 1.88427   -4.35857  -17.19058 1.000 78.56708 ? 2   U   C "O4'" 1 
ATOM   26  C  "C3'" . U   A 1 2  ? 0.42546   -5.50382  -15.76383 1.000 71.59091 ? 2   U   C "C3'" 1 
ATOM   27  O  "O3'" . U   A 1 2  ? -0.88360  -5.99434  -15.57143 1.000 75.97845 ? 2   U   C "O3'" 1 
ATOM   28  C  "C2'" . U   A 1 2  ? 1.38568   -6.52523  -16.35769 1.000 70.27638 ? 2   U   C "C2'" 1 
ATOM   29  O  "O2'" . U   A 1 2  ? 0.78117   -7.23357  -17.43047 1.000 68.18194 ? 2   U   C "O2'" 1 
ATOM   30  C  "C1'" . U   A 1 2  ? 2.47487   -5.61509  -16.91967 1.000 70.86028 ? 2   U   C "C1'" 1 
ATOM   31  N  N1    . U   A 1 2  ? 3.57554   -5.41528  -15.94913 1.000 68.10429 ? 2   U   C N1    1 
ATOM   32  C  C2    . U   A 1 2  ? 4.52077   -6.41664  -15.82224 1.000 65.32578 ? 2   U   C C2    1 
ATOM   33  O  O2    . U   A 1 2  ? 4.49084   -7.45046  -16.46937 1.000 64.37193 ? 2   U   C O2    1 
ATOM   34  N  N3    . U   A 1 2  ? 5.50713   -6.16104  -14.89915 1.000 64.94835 ? 2   U   C N3    1 
ATOM   35  C  C4    . U   A 1 2  ? 5.64070   -5.03870  -14.10602 1.000 64.05267 ? 2   U   C C4    1 
ATOM   36  O  O4    . U   A 1 2  ? 6.58797   -4.95552  -13.32396 1.000 60.24561 ? 2   U   C O4    1 
ATOM   37  C  C5    . U   A 1 2  ? 4.62324   -4.04953  -14.29922 1.000 67.65154 ? 2   U   C C5    1 
ATOM   38  C  C6    . U   A 1 2  ? 3.65271   -4.26892  -15.19071 1.000 68.76143 ? 2   U   C C6    1 
ATOM   39  P  P     . A   A 1 3  ? -1.40046  -6.25969  -14.07948 1.000 74.52526 ? 3   A   C P     1 
ATOM   40  O  OP1   . A   A 1 3  ? -2.88372  -6.34122  -14.11189 1.000 80.47980 ? 3   A   C OP1   1 
ATOM   41  O  OP2   . A   A 1 3  ? -0.72930  -5.24810  -13.22110 1.000 65.65243 ? 3   A   C OP2   1 
ATOM   42  O  "O5'" . A   A 1 3  ? -0.87856  -7.72802  -13.74916 1.000 70.03063 ? 3   A   C "O5'" 1 
ATOM   43  C  "C5'" . A   A 1 3  ? -1.51052  -8.85627  -14.33296 1.000 66.48459 ? 3   A   C "C5'" 1 
ATOM   44  C  "C4'" . A   A 1 3  ? -0.69036  -10.10636 -14.15936 1.000 65.43172 ? 3   A   C "C4'" 1 
ATOM   45  O  "O4'" . A   A 1 3  ? 0.62931   -9.89754  -14.71965 1.000 63.16441 ? 3   A   C "O4'" 1 
ATOM   46  C  "C3'" . A   A 1 3  ? -0.41434  -10.53634 -12.72603 1.000 64.99015 ? 3   A   C "C3'" 1 
ATOM   47  O  "O3'" . A   A 1 3  ? -1.48964  -11.22926 -12.11947 1.000 65.38141 ? 3   A   C "O3'" 1 
ATOM   48  C  "C2'" . A   A 1 3  ? 0.85060   -11.37165 -12.86734 1.000 66.33245 ? 3   A   C "C2'" 1 
ATOM   49  O  "O2'" . A   A 1 3  ? 0.55763   -12.67784 -13.35044 1.000 58.66581 ? 3   A   C "O2'" 1 
ATOM   50  C  "C1'" . A   A 1 3  ? 1.59296   -10.59554 -13.95388 1.000 63.65904 ? 3   A   C "C1'" 1 
ATOM   51  N  N9    . A   A 1 3  ? 2.53625   -9.61974  -13.37406 1.000 60.86435 ? 3   A   C N9    1 
ATOM   52  C  C8    . A   A 1 3  ? 2.38904   -8.26280  -13.22402 1.000 62.56445 ? 3   A   C C8    1 
ATOM   53  N  N7    . A   A 1 3  ? 3.42428   -7.68051  -12.66043 1.000 61.20505 ? 3   A   C N7    1 
ATOM   54  C  C5    . A   A 1 3  ? 4.30961   -8.72984  -12.42398 1.000 59.80304 ? 3   A   C C5    1 
ATOM   55  C  C6    . A   A 1 3  ? 5.59704   -8.79420  -11.85076 1.000 57.91377 ? 3   A   C C6    1 
ATOM   56  N  N6    . A   A 1 3  ? 6.25709   -7.73372  -11.39076 1.000 55.60044 ? 3   A   C N6    1 
ATOM   57  N  N1    . A   A 1 3  ? 6.19795   -10.00304 -11.76347 1.000 57.21068 ? 3   A   C N1    1 
ATOM   58  C  C2    . A   A 1 3  ? 5.54680   -11.07603 -12.22634 1.000 57.92118 ? 3   A   C C2    1 
ATOM   59  N  N3    . A   A 1 3  ? 4.33946   -11.14407 -12.78222 1.000 58.78784 ? 3   A   C N3    1 
ATOM   60  C  C4    . A   A 1 3  ? 3.76996   -9.92760  -12.85562 1.000 59.03667 ? 3   A   C C4    1 
ATOM   61  P  P     . C   A 1 4  ? -1.91900  -10.84217 -10.62360 1.000 72.68227 ? 4   C   C P     1 
ATOM   62  O  OP1   . C   A 1 4  ? -3.29793  -11.32861 -10.36220 1.000 78.54311 ? 4   C   C OP1   1 
ATOM   63  O  OP2   . C   A 1 4  ? -1.55383  -9.40482  -10.44346 1.000 64.82008 ? 4   C   C OP2   1 
ATOM   64  O  "O5'" . C   A 1 4  ? -0.97474  -11.73687 -9.71412  1.000 68.60753 ? 4   C   C "O5'" 1 
ATOM   65  C  "C5'" . C   A 1 4  ? -0.93573  -13.13943 -9.89159  1.000 62.27341 ? 4   C   C "C5'" 1 
ATOM   66  C  "C4'" . C   A 1 4  ? 0.38792   -13.71178 -9.45504  1.000 59.59146 ? 4   C   C "C4'" 1 
ATOM   67  O  "O4'" . C   A 1 4  ? 1.47278   -13.12372 -10.21828 1.000 58.16739 ? 4   C   C "O4'" 1 
ATOM   68  C  "C3'" . C   A 1 4  ? 0.80000   -13.45015 -8.02202  1.000 57.86875 ? 4   C   C "C3'" 1 
ATOM   69  O  "O3'" . C   A 1 4  ? 0.09311   -14.21742 -7.06830  1.000 57.99136 ? 4   C   C "O3'" 1 
ATOM   70  C  "C2'" . C   A 1 4  ? 2.29955   -13.71613 -8.07179  1.000 56.15205 ? 4   C   C "C2'" 1 
ATOM   71  O  "O2'" . C   A 1 4  ? 2.57675   -15.10890 -8.08976  1.000 55.25363 ? 4   C   C "O2'" 1 
ATOM   72  C  "C1'" . C   A 1 4  ? 2.65296   -13.12211 -9.43843  1.000 56.74182 ? 4   C   C "C1'" 1 
ATOM   73  N  N1    . C   A 1 4  ? 3.12591   -11.73123 -9.28946  1.000 59.40201 ? 4   C   C N1    1 
ATOM   74  C  C2    . C   A 1 4  ? 4.49384   -11.51909 -9.06661  1.000 53.33070 ? 4   C   C C2    1 
ATOM   75  O  O2    . C   A 1 4  ? 5.27393   -12.48643 -9.04579  1.000 52.06950 ? 4   C   C O2    1 
ATOM   76  N  N3    . C   A 1 4  ? 4.93303   -10.25633 -8.89648  1.000 51.56414 ? 4   C   C N3    1 
ATOM   77  C  C4    . C   A 1 4  ? 4.07276   -9.24348  -8.93419  1.000 50.73946 ? 4   C   C C4    1 
ATOM   78  N  N4    . C   A 1 4  ? 4.56679   -8.02316  -8.76811  1.000 48.58597 ? 4   C   C N4    1 
ATOM   79  C  C5    . C   A 1 4  ? 2.67651   -9.43107  -9.14122  1.000 53.95799 ? 4   C   C C5    1 
ATOM   80  C  C6    . C   A 1 4  ? 2.24451   -10.68526 -9.30743  1.000 56.40109 ? 4   C   C C6    1 
ATOM   81  P  P     . G   A 1 5  ? -0.33475  -13.52616 -5.68632  1.000 55.23634 ? 5   G   C P     1 
ATOM   82  O  OP1   . G   A 1 5  ? -1.16987  -14.48814 -4.92644  1.000 53.31399 ? 5   G   C OP1   1 
ATOM   83  O  OP2   . G   A 1 5  ? -0.84075  -12.16775 -5.98529  1.000 51.02865 ? 5   G   C OP2   1 
ATOM   84  O  "O5'" . G   A 1 5  ? 1.05055   -13.36916 -4.91716  1.000 61.43983 ? 5   G   C "O5'" 1 
ATOM   85  C  "C5'" . G   A 1 5  ? 1.89141   -14.49717 -4.73680  1.000 55.55015 ? 5   G   C "C5'" 1 
ATOM   86  C  "C4'" . G   A 1 5  ? 3.22325   -14.11596 -4.15173  1.000 53.93256 ? 5   G   C "C4'" 1 
ATOM   87  O  "O4'" . G   A 1 5  ? 4.04963   -13.44560 -5.14642  1.000 55.08718 ? 5   G   C "O4'" 1 
ATOM   88  C  "C3'" . G   A 1 5  ? 3.19709   -13.12677 -3.00478  1.000 53.02944 ? 5   G   C "C3'" 1 
ATOM   89  O  "O3'" . G   A 1 5  ? 2.75883   -13.65937 -1.77126  1.000 53.12537 ? 5   G   C "O3'" 1 
ATOM   90  C  "C2'" . G   A 1 5  ? 4.63045   -12.62600 -3.00730  1.000 52.39444 ? 5   G   C "C2'" 1 
ATOM   91  O  "O2'" . G   A 1 5  ? 5.51278   -13.62484 -2.51663  1.000 52.37517 ? 5   G   C "O2'" 1 
ATOM   92  C  "C1'" . G   A 1 5  ? 4.85055   -12.46745 -4.50871  1.000 52.74377 ? 5   G   C "C1'" 1 
ATOM   93  N  N9    . G   A 1 5  ? 4.36291   -11.13933 -4.90829  1.000 50.99752 ? 5   G   C N9    1 
ATOM   94  C  C8    . G   A 1 5  ? 3.13911   -10.79529 -5.41512  1.000 50.32402 ? 5   G   C C8    1 
ATOM   95  N  N7    . G   A 1 5  ? 3.01577   -9.51097  -5.59920  1.000 49.33101 ? 5   G   C N7    1 
ATOM   96  C  C5    . G   A 1 5  ? 4.21135   -8.98159  -5.16451  1.000 46.23716 ? 5   G   C C5    1 
ATOM   97  C  C6    . G   A 1 5  ? 4.65385   -7.64606  -5.12463  1.000 46.38992 ? 5   G   C C6    1 
ATOM   98  O  O6    . G   A 1 5  ? 4.05434   -6.62271  -5.48372  1.000 45.22035 ? 5   G   C O6    1 
ATOM   99  N  N1    . G   A 1 5  ? 5.94018   -7.57083  -4.60800  1.000 47.05898 ? 5   G   C N1    1 
ATOM   100 C  C2    . G   A 1 5  ? 6.69631   -8.64145  -4.17965  1.000 54.49827 ? 5   G   C C2    1 
ATOM   101 N  N2    . G   A 1 5  ? 7.92442   -8.38299  -3.69814  1.000 51.58914 ? 5   G   C N2    1 
ATOM   102 N  N3    . G   A 1 5  ? 6.28343   -9.88992  -4.21624  1.000 50.75614 ? 5   G   C N3    1 
ATOM   103 C  C4    . G   A 1 5  ? 5.04327   -9.97309  -4.72091  1.000 49.54963 ? 5   G   C C4    1 
ATOM   104 P  P     . A   A 1 6  ? 2.01545   -12.68692 -0.73426  1.000 52.30576 ? 6   A   C P     1 
ATOM   105 O  OP1   . A   A 1 6  ? 1.36470   -13.48161 0.33613   1.000 46.03184 ? 6   A   C OP1   1 
ATOM   106 O  OP2   . A   A 1 6  ? 1.18860   -11.74764 -1.53554  1.000 54.68994 ? 6   A   C OP2   1 
ATOM   107 O  "O5'" . A   A 1 6  ? 3.21225   -11.83983 -0.11241  1.000 52.42356 ? 6   A   C "O5'" 1 
ATOM   108 C  "C5'" . A   A 1 6  ? 4.36420   -12.48800 0.40078   1.000 51.22123 ? 6   A   C "C5'" 1 
ATOM   109 C  "C4'" . A   A 1 6  ? 5.41419   -11.49878 0.82885   1.000 50.19139 ? 6   A   C "C4'" 1 
ATOM   110 O  "O4'" . A   A 1 6  ? 5.92806   -10.78038 -0.32507  1.000 50.76797 ? 6   A   C "O4'" 1 
ATOM   111 C  "C3'" . A   A 1 6  ? 4.94824   -10.38627 1.75268   1.000 50.01663 ? 6   A   C "C3'" 1 
ATOM   112 O  "O3'" . A   A 1 6  ? 4.76107   -10.78142 3.09860   1.000 47.93278 ? 6   A   C "O3'" 1 
ATOM   113 C  "C2'" . A   A 1 6  ? 6.03915   -9.34893  1.56829   1.000 51.07942 ? 6   A   C "C2'" 1 
ATOM   114 O  "O2'" . A   A 1 6  ? 7.20775   -9.75057  2.26200   1.000 48.41987 ? 6   A   C "O2'" 1 
ATOM   115 C  "C1'" . A   A 1 6  ? 6.29801   -9.46980  0.06456   1.000 49.87353 ? 6   A   C "C1'" 1 
ATOM   116 N  N9    . A   A 1 6  ? 5.48956   -8.49886  -0.69551  1.000 47.54373 ? 6   A   C N9    1 
ATOM   117 C  C8    . A   A 1 6  ? 4.31305   -8.71533  -1.36518  1.000 48.27959 ? 6   A   C C8    1 
ATOM   118 N  N7    . A   A 1 6  ? 3.82640   -7.63350  -1.93369  1.000 48.72600 ? 6   A   C N7    1 
ATOM   119 C  C5    . A   A 1 6  ? 4.74113   -6.64181  -1.61426  1.000 44.16486 ? 6   A   C C5    1 
ATOM   120 C  C6    . A   A 1 6  ? 4.80582   -5.27341  -1.91619  1.000 40.70748 ? 6   A   C C6    1 
ATOM   121 N  N6    . A   A 1 6  ? 3.89640   -4.63458  -2.64372  1.000 39.02301 ? 6   A   C N6    1 
ATOM   122 N  N1    . A   A 1 6  ? 5.84462   -4.56130  -1.43065  1.000 41.05995 ? 6   A   C N1    1 
ATOM   123 C  C2    . A   A 1 6  ? 6.76012   -5.19351  -0.69453  1.000 41.08667 ? 6   A   C C2    1 
ATOM   124 N  N3    . A   A 1 6  ? 6.80370   -6.47447  -0.34467  1.000 43.40448 ? 6   A   C N3    1 
ATOM   125 C  C4    . A   A 1 6  ? 5.76205   -7.15738  -0.84220  1.000 44.85328 ? 6   A   C C4    1 
ATOM   126 P  P     . A   A 1 7  ? 3.72145   -9.97530  4.01947   1.000 40.85868 ? 7   A   C P     1 
ATOM   127 O  OP1   . A   A 1 7  ? 3.19471   -10.85860 5.09145   1.000 44.19088 ? 7   A   C OP1   1 
ATOM   128 O  OP2   . A   A 1 7  ? 2.74160   -9.34718  3.09569   1.000 48.76879 ? 7   A   C OP2   1 
ATOM   129 O  "O5'" . A   A 1 7  ? 4.59307   -8.78792  4.62248   1.000 42.17077 ? 7   A   C "O5'" 1 
ATOM   130 C  "C5'" . A   A 1 7  ? 5.78637   -9.02249  5.35343   1.000 41.77949 ? 7   A   C "C5'" 1 
ATOM   131 C  "C4'" . A   A 1 7  ? 6.62116   -7.76855  5.46529   1.000 38.50965 ? 7   A   C "C4'" 1 
ATOM   132 O  "O4'" . A   A 1 7  ? 6.93545   -7.29906  4.13579   1.000 42.32233 ? 7   A   C "O4'" 1 
ATOM   133 C  "C3'" . A   A 1 7  ? 5.97086   -6.56300  6.13623   1.000 39.49037 ? 7   A   C "C3'" 1 
ATOM   134 O  "O3'" . A   A 1 7  ? 6.00740   -6.60712  7.55739   1.000 41.59573 ? 7   A   C "O3'" 1 
ATOM   135 C  "C2'" . A   A 1 7  ? 6.74578   -5.39235  5.53940   1.000 40.59681 ? 7   A   C "C2'" 1 
ATOM   136 O  "O2'" . A   A 1 7  ? 8.00301   -5.23235  6.17164   1.000 45.38006 ? 7   A   C "O2'" 1 
ATOM   137 C  "C1'" . A   A 1 7  ? 7.00118   -5.88460  4.12021   1.000 41.89671 ? 7   A   C "C1'" 1 
ATOM   138 N  N9    . A   A 1 7  ? 6.00185   -5.36039  3.17022   1.000 40.90626 ? 7   A   C N9    1 
ATOM   139 C  C8    . A   A 1 7  ? 4.82217   -5.95144  2.79057   1.000 40.36902 ? 7   A   C C8    1 
ATOM   140 N  N7    . A   A 1 7  ? 4.13658   -5.23175  1.94611   1.000 40.55741 ? 7   A   C N7    1 
ATOM   141 C  C5    . A   A 1 7  ? 4.90864   -4.09384  1.75368   1.000 40.17582 ? 7   A   C C5    1 
ATOM   142 C  C6    . A   A 1 7  ? 4.72439   -2.95170  0.95738   1.000 38.50995 ? 7   A   C C6    1 
ATOM   143 N  N6    . A   A 1 7  ? 3.65877   -2.78367  0.18614   1.000 37.99762 ? 7   A   C N6    1 
ATOM   144 N  N1    . A   A 1 7  ? 5.67513   -1.99541  0.96985   1.000 38.55178 ? 7   A   C N1    1 
ATOM   145 C  C2    . A   A 1 7  ? 6.74189   -2.19216  1.75572   1.000 44.52810 ? 7   A   C C2    1 
ATOM   146 N  N3    . A   A 1 7  ? 7.02960   -3.22292  2.55799   1.000 44.28821 ? 7   A   C N3    1 
ATOM   147 C  C4    . A   A 1 7  ? 6.06281   -4.15704  2.50568   1.000 41.04774 ? 7   A   C C4    1 
ATOM   148 P  P     . G   A 1 8  ? 4.65736   -6.48443  8.43613   1.000 43.28961 ? 8   G   C P     1 
ATOM   149 O  OP1   . G   A 1 8  ? 4.90214   -7.26672  9.67987   1.000 37.64792 ? 8   G   C OP1   1 
ATOM   150 O  OP2   . G   A 1 8  ? 3.50034   -6.78938  7.56831   1.000 45.27194 ? 8   G   C OP2   1 
ATOM   151 O  "O5'" . G   A 1 8  ? 4.54419   -4.94051  8.81138   1.000 41.59065 ? 8   G   C "O5'" 1 
ATOM   152 C  "C5'" . G   A 1 8  ? 5.61568   -4.29785  9.48807   1.000 42.75248 ? 8   G   C "C5'" 1 
ATOM   153 C  "C4'" . G   A 1 8  ? 5.36770   -2.82960  9.72243   1.000 43.56449 ? 8   G   C "C4'" 1 
ATOM   154 O  "O4'" . G   A 1 8  ? 4.79535   -2.18275  8.53875   1.000 53.66119 ? 8   G   C "O4'" 1 
ATOM   155 C  "C3'" . G   A 1 8  ? 4.43857   -2.46363  10.88885  1.000 43.93293 ? 8   G   C "C3'" 1 
ATOM   156 O  "O3'" . G   A 1 8  ? 4.96745   -1.28940  11.49852  1.000 48.91769 ? 8   G   C "O3'" 1 
ATOM   157 C  "C2'" . G   A 1 8  ? 3.15825   -2.05971  10.16506  1.000 43.34205 ? 8   G   C "C2'" 1 
ATOM   158 O  "O2'" . G   A 1 8  ? 2.28770   -1.21469  10.87904  1.000 44.16214 ? 8   G   C "O2'" 1 
ATOM   159 C  "C1'" . G   A 1 8  ? 3.75094   -1.33991  8.97793   1.000 42.89895 ? 8   G   C "C1'" 1 
ATOM   160 N  N9    . G   A 1 8  ? 2.79428   -0.98048  7.93412   1.000 38.92718 ? 8   G   C N9    1 
ATOM   161 C  C8    . G   A 1 8  ? 1.65304   -1.61985  7.52718   1.000 38.99483 ? 8   G   C C8    1 
ATOM   162 N  N7    . G   A 1 8  ? 1.00458   -0.95451  6.60212   1.000 38.30266 ? 8   G   C N7    1 
ATOM   163 C  C5    . G   A 1 8  ? 1.74527   0.20330   6.43085   1.000 39.19782 ? 8   G   C C5    1 
ATOM   164 C  C6    . G   A 1 8  ? 1.54609   1.31452   5.59051   1.000 36.34300 ? 8   G   C C6    1 
ATOM   165 O  O6    . G   A 1 8  ? 0.64225   1.49337   4.79606   1.000 36.80731 ? 8   G   C O6    1 
ATOM   166 N  N1    . G   A 1 8  ? 2.53357   2.27792   5.72749   1.000 37.78310 ? 8   G   C N1    1 
ATOM   167 C  C2    . G   A 1 8  ? 3.59979   2.18684   6.58465   1.000 37.89880 ? 8   G   C C2    1 
ATOM   168 N  N2    . G   A 1 8  ? 4.46373   3.21145   6.58369   1.000 36.33035 ? 8   G   C N2    1 
ATOM   169 N  N3    . G   A 1 8  ? 3.79543   1.16059   7.39164   1.000 39.79646 ? 8   G   C N3    1 
ATOM   170 C  C4    . G   A 1 8  ? 2.83995   0.21161   7.25862   1.000 40.49160 ? 8   G   C C4    1 
ATOM   171 P  P     . G   A 1 9  ? 5.03097   -1.12523  13.09189  1.000 44.34934 ? 9   G   C P     1 
ATOM   172 O  OP1   . G   A 1 9  ? 6.03750   -2.08092  13.59495  1.000 62.96392 ? 9   G   C OP1   1 
ATOM   173 O  OP2   . G   A 1 9  ? 3.64650   -1.12638  13.63414  1.000 41.58171 ? 9   G   C OP2   1 
ATOM   174 O  "O5'" . G   A 1 9  ? 5.66714   0.31951   13.27775  1.000 46.41332 ? 9   G   C "O5'" 1 
ATOM   175 C  "C5'" . G   A 1 9  ? 6.77292   0.72373   12.47494  1.000 46.68670 ? 9   G   C "C5'" 1 
ATOM   176 C  "C4'" . G   A 1 9  ? 6.68830   2.17438   12.04486  1.000 44.37504 ? 9   G   C "C4'" 1 
ATOM   177 O  "O4'" . G   A 1 9  ? 5.80110   2.31155   10.89535  1.000 42.16036 ? 9   G   C "O4'" 1 
ATOM   178 C  "C3'" . G   A 1 9  ? 6.17660   3.16077   13.09802  1.000 43.46528 ? 9   G   C "C3'" 1 
ATOM   179 O  "O3'" . G   A 1 9  ? 6.88077   4.39319   12.96327  1.000 47.72727 ? 9   G   C "O3'" 1 
ATOM   180 C  "C2'" . G   A 1 9  ? 4.72561   3.37587   12.67542  1.000 41.60772 ? 9   G   C "C2'" 1 
ATOM   181 O  "O2'" . G   A 1 9  ? 4.15924   4.58841   13.11625  1.000 39.38667 ? 9   G   C "O2'" 1 
ATOM   182 C  "C1'" . G   A 1 9  ? 4.85406   3.32891   11.15891  1.000 41.86509 ? 9   G   C "C1'" 1 
ATOM   183 N  N9    . G   A 1 9  ? 3.62355   3.01578   10.43389  1.000 40.26559 ? 9   G   C N9    1 
ATOM   184 C  C8    . G   A 1 9  ? 2.94098   1.82508   10.47828  1.000 42.62112 ? 9   G   C C8    1 
ATOM   185 N  N7    . G   A 1 9  ? 1.87706   1.81758   9.72052   1.000 39.70723 ? 9   G   C N7    1 
ATOM   186 C  C5    . G   A 1 9  ? 1.86638   3.07332   9.12817   1.000 41.87327 ? 9   G   C C5    1 
ATOM   187 C  C6    . G   A 1 9  ? 0.95344   3.63199   8.19431   1.000 41.08539 ? 9   G   C C6    1 
ATOM   188 O  O6    . G   A 1 9  ? -0.05133  3.11361   7.69766   1.000 43.00205 ? 9   G   C O6    1 
ATOM   189 N  N1    . G   A 1 9  ? 1.30701   4.92844   7.84342   1.000 35.88049 ? 9   G   C N1    1 
ATOM   190 C  C2    . G   A 1 9  ? 2.39735   5.59996   8.32669   1.000 34.21932 ? 9   G   C C2    1 
ATOM   191 N  N2    . G   A 1 9  ? 2.54838   6.83942   7.84439   1.000 34.17825 ? 9   G   C N2    1 
ATOM   192 N  N3    . G   A 1 9  ? 3.25100   5.09978   9.20178   1.000 32.99666 ? 9   G   C N3    1 
ATOM   193 C  C4    . G   A 1 9  ? 2.94124   3.83268   9.55304   1.000 37.81019 ? 9   G   C C4    1 
ATOM   194 P  P     . A   A 1 10 ? 8.43651   4.48726   13.34932  1.000 44.40700 ? 10  A   C P     1 
ATOM   195 O  OP1   . A   A 1 10 ? 8.80336   3.25938   14.10452  1.000 52.67185 ? 10  A   C OP1   1 
ATOM   196 O  OP2   . A   A 1 10 ? 8.68939   5.84386   13.90011  1.000 37.51295 ? 10  A   C OP2   1 
ATOM   197 O  "O5'" . A   A 1 10 ? 9.18012   4.35409   11.95508  1.000 44.59610 ? 10  A   C "O5'" 1 
ATOM   198 C  "C5'" . A   A 1 10 ? 10.09488  5.34471   11.50593  1.000 43.97468 ? 10  A   C "C5'" 1 
ATOM   199 C  "C4'" . A   A 1 10 ? 11.15954  4.73326   10.62797  1.000 43.30863 ? 10  A   C "C4'" 1 
ATOM   200 O  "O4'" . A   A 1 10 ? 12.38899  4.64607   11.38945  1.000 43.46548 ? 10  A   C "O4'" 1 
ATOM   201 C  "C3'" . A   A 1 10 ? 10.86401  3.31735   10.14659  1.000 43.39323 ? 10  A   C "C3'" 1 
ATOM   202 O  "O3'" . A   A 1 10 ? 11.55850  3.08961   8.92355   1.000 42.43363 ? 10  A   C "O3'" 1 
ATOM   203 C  "C2'" . A   A 1 10 ? 11.49982  2.46833   11.23627  1.000 46.09896 ? 10  A   C "C2'" 1 
ATOM   204 O  "O2'" . A   A 1 10 ? 11.83706  1.15677   10.83467  1.000 52.38002 ? 10  A   C "O2'" 1 
ATOM   205 C  "C1'" . A   A 1 10 ? 12.73957  3.29209   11.58820  1.000 46.66589 ? 10  A   C "C1'" 1 
ATOM   206 N  N9    . A   A 1 10 ? 13.12892  3.16514   12.98794  1.000 49.99701 ? 10  A   C N9    1 
ATOM   207 C  C8    . A   A 1 10 ? 12.29467  3.09913   14.07426  1.000 49.94125 ? 10  A   C C8    1 
ATOM   208 N  N7    . A   A 1 10 ? 12.92916  2.99911   15.21317  1.000 52.10609 ? 10  A   C N7    1 
ATOM   209 C  C5    . A   A 1 10 ? 14.26443  3.00233   14.84216  1.000 52.57370 ? 10  A   C C5    1 
ATOM   210 C  C6    . A   A 1 10 ? 15.44639  2.92015   15.58242  1.000 55.42961 ? 10  A   C C6    1 
ATOM   211 N  N6    . A   A 1 10 ? 15.46833  2.81286   16.90963  1.000 57.16379 ? 10  A   C N6    1 
ATOM   212 N  N1    . A   A 1 10 ? 16.61730  2.95254   14.90841  1.000 58.01417 ? 10  A   C N1    1 
ATOM   213 C  C2    . A   A 1 10 ? 16.59420  3.06370   13.57538  1.000 54.06781 ? 10  A   C C2    1 
ATOM   214 N  N3    . A   A 1 10 ? 15.54326  3.14684   12.76923  1.000 52.72221 ? 10  A   C N3    1 
ATOM   215 C  C4    . A   A 1 10 ? 14.40353  3.10643   13.47583  1.000 52.04807 ? 10  A   C C4    1 
ATOM   216 P  P     . A   A 1 11 ? 10.90315  2.23826   7.72945   1.000 39.50706 ? 11  A   C P     1 
ATOM   217 O  OP1   . A   A 1 11 ? 9.63235   1.62608   8.18923   1.000 43.31267 ? 11  A   C OP1   1 
ATOM   218 O  OP2   . A   A 1 11 ? 11.92690  1.33180   7.15492   1.000 41.71377 ? 11  A   C OP2   1 
ATOM   219 O  "O5'" . A   A 1 11 ? 10.67816  3.35532   6.62778   1.000 37.77826 ? 11  A   C "O5'" 1 
ATOM   220 C  "C5'" . A   A 1 11 ? 11.70683  4.29612   6.37563   1.000 37.15420 ? 11  A   C "C5'" 1 
ATOM   221 C  "C4'" . A   A 1 11 ? 11.22994  5.43544   5.51963   1.000 36.46566 ? 11  A   C "C4'" 1 
ATOM   222 O  "O4'" . A   A 1 11 ? 10.91411  4.96841   4.18176   1.000 36.04452 ? 11  A   C "O4'" 1 
ATOM   223 C  "C3'" . A   A 1 11 ? 9.95592   6.10475   5.97644   1.000 36.18503 ? 11  A   C "C3'" 1 
ATOM   224 O  "O3'" . A   A 1 11 ? 10.17337  7.01387   7.03295   1.000 39.03698 ? 11  A   C "O3'" 1 
ATOM   225 C  "C2'" . A   A 1 11 ? 9.46062   6.74340   4.69164   1.000 36.07653 ? 11  A   C "C2'" 1 
ATOM   226 O  "O2'" . A   A 1 11 ? 10.26248  7.86014   4.34611   1.000 44.54061 ? 11  A   C "O2'" 1 
ATOM   227 C  "C1'" . A   A 1 11 ? 9.77138   5.63809   3.70097   1.000 34.41198 ? 11  A   C "C1'" 1 
ATOM   228 N  N9    . A   A 1 11 ? 8.65879   4.67223   3.64035   1.000 32.13409 ? 11  A   C N9    1 
ATOM   229 C  C8    . A   A 1 11 ? 8.58019   3.42505   4.19659   1.000 32.79532 ? 11  A   C C8    1 
ATOM   230 N  N7    . A   A 1 11 ? 7.44533   2.82365   3.97135   1.000 34.04645 ? 11  A   C N7    1 
ATOM   231 C  C5    . A   A 1 11 ? 6.71320   3.74204   3.22364   1.000 35.85234 ? 11  A   C C5    1 
ATOM   232 C  C6    . A   A 1 11 ? 5.40489   3.72243   2.65820   1.000 41.63182 ? 11  A   C C6    1 
ATOM   233 N  N6    . A   A 1 11 ? 4.54174   2.69740   2.75807   1.000 36.22818 ? 11  A   C N6    1 
ATOM   234 N  N1    . A   A 1 11 ? 5.00145   4.81956   1.96226   1.000 35.31677 ? 11  A   C N1    1 
ATOM   235 C  C2    . A   A 1 11 ? 5.85409   5.85205   1.85265   1.000 34.48999 ? 11  A   C C2    1 
ATOM   236 N  N3    . A   A 1 11 ? 7.09019   5.98955   2.34015   1.000 33.75663 ? 11  A   C N3    1 
ATOM   237 C  C4    . A   A 1 11 ? 7.46282   4.88499   3.01625   1.000 32.82989 ? 11  A   C C4    1 
ATOM   238 P  P     . G   A 1 12 ? 8.98290   7.36795   8.04597   1.000 48.35193 ? 12  G   C P     1 
ATOM   239 O  OP1   . G   A 1 12 ? 9.53692   8.27040   9.09366   1.000 37.24363 ? 12  G   C OP1   1 
ATOM   240 O  OP2   . G   A 1 12 ? 8.26362   6.11632   8.42644   1.000 40.52531 ? 12  G   C OP2   1 
ATOM   241 O  "O5'" . G   A 1 12 ? 8.05127   8.30866   7.17227   1.000 41.71952 ? 12  G   C "O5'" 1 
ATOM   242 C  "C5'" . G   A 1 12 ? 8.52178   9.58803   6.79919   1.000 37.94108 ? 12  G   C "C5'" 1 
ATOM   243 C  "C4'" . G   A 1 12 ? 7.70029   10.13664  5.68450   1.000 34.42216 ? 12  G   C "C4'" 1 
ATOM   244 O  "O4'" . G   A 1 12 ? 7.43765   9.07479   4.75088   1.000 34.75121 ? 12  G   C "O4'" 1 
ATOM   245 C  "C3'" . G   A 1 12 ? 6.32920   10.62368  6.07716   1.000 33.79761 ? 12  G   C "C3'" 1 
ATOM   246 O  "O3'" . G   A 1 12 ? 6.37083   11.93207  6.59926   1.000 37.26488 ? 12  G   C "O3'" 1 
ATOM   247 C  "C2'" . G   A 1 12 ? 5.54908   10.50765  4.77507   1.000 34.51457 ? 12  G   C "C2'" 1 
ATOM   248 O  "O2'" . G   A 1 12 ? 5.84334   11.59809  3.91684   1.000 34.47405 ? 12  G   C "O2'" 1 
ATOM   249 C  "C1'" . G   A 1 12 ? 6.17087   9.25567   4.16440   1.000 35.05844 ? 12  G   C "C1'" 1 
ATOM   250 N  N9    . G   A 1 12 ? 5.37830   8.03702   4.39567   1.000 32.92120 ? 12  G   C N9    1 
ATOM   251 C  C8    . G   A 1 12 ? 5.75466   6.95477   5.14734   1.000 34.00682 ? 12  G   C C8    1 
ATOM   252 N  N7    . G   A 1 12 ? 4.85516   6.01291   5.16447   1.000 32.64124 ? 12  G   C N7    1 
ATOM   253 C  C5    . G   A 1 12 ? 3.83763   6.50656   4.36567   1.000 32.43527 ? 12  G   C C5    1 
ATOM   254 C  C6    . G   A 1 12 ? 2.60411   5.92263   4.00596   1.000 34.83490 ? 12  G   C C6    1 
ATOM   255 O  O6    . G   A 1 12 ? 2.15397   4.81926   4.34335   1.000 38.22757 ? 12  G   C O6    1 
ATOM   256 N  N1    . G   A 1 12 ? 1.87533   6.76705   3.17549   1.000 32.71251 ? 12  G   C N1    1 
ATOM   257 C  C2    . G   A 1 12 ? 2.28370   8.00384   2.75021   1.000 31.63143 ? 12  G   C C2    1 
ATOM   258 N  N2    . G   A 1 12 ? 1.44219   8.67758   1.95739   1.000 32.39341 ? 12  G   C N2    1 
ATOM   259 N  N3    . G   A 1 12 ? 3.43504   8.55520   3.07944   1.000 32.78687 ? 12  G   C N3    1 
ATOM   260 C  C4    . G   A 1 12 ? 4.14927   7.75152   3.87958   1.000 31.47994 ? 12  G   C C4    1 
ATOM   261 P  P     . G   A 1 13 ? 5.25920   12.38394  7.65063   1.000 37.57672 ? 13  G   C P     1 
ATOM   262 O  OP1   . G   A 1 13 ? 5.56668   13.70768  8.22747   1.000 36.13978 ? 13  G   C OP1   1 
ATOM   263 O  OP2   . G   A 1 13 ? 5.04234   11.20234  8.52149   1.000 35.11584 ? 13  G   C OP2   1 
ATOM   264 O  "O5'" . G   A 1 13 ? 3.99365   12.63674  6.74065   1.000 35.62253 ? 13  G   C "O5'" 1 
ATOM   265 C  "C5'" . G   A 1 13 ? 3.99035   13.69840  5.81277   1.000 34.22736 ? 13  G   C "C5'" 1 
ATOM   266 C  "C4'" . G   A 1 13 ? 2.61349   13.85087  5.25013   1.000 35.49043 ? 13  G   C "C4'" 1 
ATOM   267 O  "O4'" . G   A 1 13 ? 2.30620   12.68762  4.44501   1.000 39.87530 ? 13  G   C "O4'" 1 
ATOM   268 C  "C3'" . G   A 1 13 ? 1.51785   13.89151  6.29630   1.000 33.62455 ? 13  G   C "C3'" 1 
ATOM   269 O  "O3'" . G   A 1 13 ? 1.33317   15.20768  6.78449   1.000 35.12202 ? 13  G   C "O3'" 1 
ATOM   270 C  "C2'" . G   A 1 13 ? 0.31220   13.34574  5.54147   1.000 35.37093 ? 13  G   C "C2'" 1 
ATOM   271 O  "O2'" . G   A 1 13 ? -0.25388  14.36563  4.72817   1.000 34.69521 ? 13  G   C "O2'" 1 
ATOM   272 C  "C1'" . G   A 1 13 ? 0.96283   12.30608  4.63367   1.000 34.75775 ? 13  G   C "C1'" 1 
ATOM   273 N  N9    . G   A 1 13 ? 0.95602   10.93280  5.17933   1.000 32.64793 ? 13  G   C N9    1 
ATOM   274 C  C8    . G   A 1 13 ? 1.88881   10.34489  6.01120   1.000 33.42392 ? 13  G   C C8    1 
ATOM   275 N  N7    . G   A 1 13 ? 1.62874   9.09212   6.29087   1.000 31.09990 ? 13  G   C N7    1 
ATOM   276 C  C5    . G   A 1 13 ? 0.46030   8.83195   5.57232   1.000 33.23652 ? 13  G   C C5    1 
ATOM   277 C  C6    . G   A 1 13 ? -0.31951  7.64593   5.44551   1.000 33.28951 ? 13  G   C C6    1 
ATOM   278 O  O6    . G   A 1 13 ? -0.14177  6.54300   5.97488   1.000 33.40906 ? 13  G   C O6    1 
ATOM   279 N  N1    . G   A 1 13 ? -1.41255  7.82189   4.60323   1.000 31.15822 ? 13  G   C N1    1 
ATOM   280 C  C2    . G   A 1 13 ? -1.73102  8.99072   3.96919   1.000 31.04782 ? 13  G   C C2    1 
ATOM   281 N  N2    . G   A 1 13 ? -2.83045  8.97452   3.21746   1.000 31.16698 ? 13  G   C N2    1 
ATOM   282 N  N3    . G   A 1 13 ? -1.02165  10.10053  4.07211   1.000 36.82333 ? 13  G   C N3    1 
ATOM   283 C  C4    . G   A 1 13 ? 0.04870   9.95210   4.87848   1.000 32.92501 ? 13  G   C C4    1 
ATOM   284 P  P     . U   A 1 14 ? 0.88572   15.49059  8.30450   1.000 38.75075 ? 14  U   C P     1 
ATOM   285 O  OP1   . U   A 1 14 ? 0.51417   16.93495  8.36101   1.000 42.24766 ? 14  U   C OP1   1 
ATOM   286 O  OP2   . U   A 1 14 ? 1.89925   14.96318  9.24884   1.000 35.37036 ? 14  U   C OP2   1 
ATOM   287 O  "O5'" . U   A 1 14 ? -0.42796  14.60919  8.49419   1.000 35.23185 ? 14  U   C "O5'" 1 
ATOM   288 C  "C5'" . U   A 1 14 ? -1.63491  14.92376  7.81222   1.000 32.74954 ? 14  U   C "C5'" 1 
ATOM   289 C  "C4'" . U   A 1 14 ? -2.79179  14.95107  8.76462   1.000 35.63778 ? 14  U   C "C4'" 1 
ATOM   290 O  "O4'" . U   A 1 14 ? -3.21058  13.59534  9.04710   1.000 39.37047 ? 14  U   C "O4'" 1 
ATOM   291 C  "C3'" . U   A 1 14 ? -2.51156  15.61162  10.12261  1.000 36.61799 ? 14  U   C "C3'" 1 
ATOM   292 O  "O3'" . U   A 1 14 ? -3.56460  16.50577  10.46608  1.000 34.90174 ? 14  U   C "O3'" 1 
ATOM   293 C  "C2'" . U   A 1 14 ? -2.49120  14.44221  11.10266  1.000 34.21254 ? 14  U   C "C2'" 1 
ATOM   294 O  "O2'" . U   A 1 14 ? -2.94737  14.77681  12.39399  1.000 31.17268 ? 14  U   C "O2'" 1 
ATOM   295 C  "C1'" . U   A 1 14 ? -3.42750  13.45118  10.43323  1.000 35.16222 ? 14  U   C "C1'" 1 
ATOM   296 N  N1    . U   A 1 14 ? -3.19563  12.05245  10.82210  1.000 33.59483 ? 14  U   C N1    1 
ATOM   297 C  C2    . U   A 1 14 ? -4.28632  11.19088  10.78043  1.000 35.72064 ? 14  U   C C2    1 
ATOM   298 O  O2    . U   A 1 14 ? -5.39837  11.53338  10.40980  1.000 38.04837 ? 14  U   C O2    1 
ATOM   299 N  N3    . U   A 1 14 ? -4.03966  9.90031   11.16388  1.000 35.07680 ? 14  U   C N3    1 
ATOM   300 C  C4    . U   A 1 14 ? -2.82699  9.39947   11.59774  1.000 45.94101 ? 14  U   C C4    1 
ATOM   301 O  O4    . U   A 1 14 ? -2.75859  8.20652   11.91984  1.000 37.91169 ? 14  U   C O4    1 
ATOM   302 C  C5    . U   A 1 14 ? -1.75318  10.35951  11.63059  1.000 35.44639 ? 14  U   C C5    1 
ATOM   303 C  C6    . U   A 1 14 ? -1.96828  11.62604  11.25346  1.000 33.96010 ? 14  U   C C6    1 
ATOM   304 P  P     . U   A 1 15 ? -3.57298  17.97209  9.81802   1.000 34.74466 ? 15  U   C P     1 
ATOM   305 O  OP1   . U   A 1 15 ? -2.17665  18.34370  9.45936   1.000 37.23326 ? 15  U   C OP1   1 
ATOM   306 O  OP2   . U   A 1 15 ? -4.33279  18.85282  10.73083  1.000 41.99934 ? 15  U   C OP2   1 
ATOM   307 O  "O5'" . U   A 1 15 ? -4.43848  17.79447  8.48764   1.000 41.02922 ? 15  U   C "O5'" 1 
ATOM   308 C  "C5'" . U   A 1 15 ? -5.73693  18.37364  8.40505   1.000 46.14987 ? 15  U   C "C5'" 1 
ATOM   309 C  "C4'" . U   A 1 15 ? -6.49611  17.95261  7.17169   1.000 49.15083 ? 15  U   C "C4'" 1 
ATOM   310 O  "O4'" . U   A 1 15 ? -7.76791  18.66377  7.17932   1.000 59.36782 ? 15  U   C "O4'" 1 
ATOM   311 C  "C3'" . U   A 1 15 ? -5.81375  18.31127  5.85603   1.000 51.42406 ? 15  U   C "C3'" 1 
ATOM   312 O  "O3'" . U   A 1 15 ? -6.06570  17.34187  4.84068   1.000 45.76185 ? 15  U   C "O3'" 1 
ATOM   313 C  "C2'" . U   A 1 15 ? -6.46580  19.64138  5.48522   1.000 70.80009 ? 15  U   C "C2'" 1 
ATOM   314 O  "O2'" . U   A 1 15 ? -6.45952  19.97416  4.10813   1.000 73.56610 ? 15  U   C "O2'" 1 
ATOM   315 C  "C1'" . U   A 1 15 ? -7.88352  19.46935  6.02260   1.000 54.64850 ? 15  U   C "C1'" 1 
ATOM   316 N  N1    . U   A 1 15 ? -8.46482  20.76683  6.39637   1.000 53.25307 ? 15  U   C N1    1 
ATOM   317 C  C2    . U   A 1 15 ? -9.82632  20.97329  6.50178   1.000 50.81474 ? 15  U   C C2    1 
ATOM   318 O  O2    . U   A 1 15 ? -10.67499 20.10935  6.35860   1.000 46.17337 ? 15  U   C O2    1 
ATOM   319 N  N3    . U   A 1 15 ? -10.14818 22.27266  6.81677   1.000 55.61662 ? 15  U   C N3    1 
ATOM   320 C  C4    . U   A 1 15 ? -9.29604  23.35137  7.01274   1.000 53.97117 ? 15  U   C C4    1 
ATOM   321 O  O4    . U   A 1 15 ? -9.74840  24.46047  7.28804   1.000 50.25382 ? 15  U   C O4    1 
ATOM   322 C  C5    . U   A 1 15 ? -7.91189  23.06056  6.86003   1.000 52.39739 ? 15  U   C C5    1 
ATOM   323 C  C6    . U   A 1 15 ? -7.57606  21.80972  6.55859   1.000 55.17400 ? 15  U   C C6    1 
ATOM   324 P  P     . U   A 1 16 ? -5.13389  17.40205  3.53200   1.000 47.62745 ? 16  U   C P     1 
ATOM   325 O  OP1   . U   A 1 16 ? -4.10422  18.44379  3.80773   1.000 45.32710 ? 16  U   C OP1   1 
ATOM   326 O  OP2   . U   A 1 16 ? -5.99104  17.50424  2.32526   1.000 43.68698 ? 16  U   C OP2   1 
ATOM   327 O  "O5'" . U   A 1 16 ? -4.34843  16.01834  3.51235   1.000 43.65075 ? 16  U   C "O5'" 1 
ATOM   328 C  "C5'" . U   A 1 16 ? -3.06785  15.92518  2.89523   1.000 38.68026 ? 16  U   C "C5'" 1 
ATOM   329 C  "C4'" . U   A 1 16 ? -2.57954  14.50482  2.85813   1.000 37.52721 ? 16  U   C "C4'" 1 
ATOM   330 O  "O4'" . U   A 1 16 ? -2.72813  13.93715  4.18250   1.000 39.65792 ? 16  U   C "O4'" 1 
ATOM   331 C  "C3'" . U   A 1 16 ? -3.32545  13.57925  1.90532   1.000 36.29748 ? 16  U   C "C3'" 1 
ATOM   332 O  "O3'" . U   A 1 16 ? -2.41695  12.65386  1.31213   1.000 32.89915 ? 16  U   C "O3'" 1 
ATOM   333 C  "C2'" . U   A 1 16 ? -4.31805  12.85219  2.81429   1.000 35.54742 ? 16  U   C "C2'" 1 
ATOM   334 O  "O2'" . U   A 1 16 ? -4.66632  11.55506  2.38699   1.000 33.79278 ? 16  U   C "O2'" 1 
ATOM   335 C  "C1'" . U   A 1 16 ? -3.58377  12.80528  4.14840   1.000 35.98276 ? 16  U   C "C1'" 1 
ATOM   336 N  N1    . U   A 1 16 ? -4.48579  12.93803  5.30295   1.000 36.44249 ? 16  U   C N1    1 
ATOM   337 C  C2    . U   A 1 16 ? -4.40038  12.07324  6.38825   1.000 35.49376 ? 16  U   C C2    1 
ATOM   338 O  O2    . U   A 1 16 ? -3.60984  11.14516  6.45193   1.000 33.06174 ? 16  U   C O2    1 
ATOM   339 N  N3    . U   A 1 16 ? -5.28646  12.34288  7.40602   1.000 34.23018 ? 16  U   C N3    1 
ATOM   340 C  C4    . U   A 1 16 ? -6.21286  13.36064  7.43808   1.000 34.10461 ? 16  U   C C4    1 
ATOM   341 O  O4    . U   A 1 16 ? -6.94655  13.49114  8.40611   1.000 33.10319 ? 16  U   C O4    1 
ATOM   342 C  C5    . U   A 1 16 ? -6.23482  14.19516  6.28945   1.000 36.50235 ? 16  U   C C5    1 
ATOM   343 C  C6    . U   A 1 16 ? -5.39332  13.96335  5.29213   1.000 34.76478 ? 16  U   C C6    1 
ATOM   344 P  P     . G   A 1 17 ? -2.32124  12.56408  -0.28878  1.000 34.15537 ? 17  G   C P     1 
ATOM   345 O  OP1   . G   A 1 17 ? -1.14979  11.73144  -0.65537  1.000 34.40123 ? 17  G   C OP1   1 
ATOM   346 O  OP2   . G   A 1 17 ? -2.45966  13.94822  -0.81691  1.000 35.39066 ? 17  G   C OP2   1 
ATOM   347 O  "O5'" . G   A 1 17 ? -3.61741  11.73611  -0.70290  1.000 32.72878 ? 17  G   C "O5'" 1 
ATOM   348 C  "C5'" . G   A 1 17 ? -3.95802  11.52517  -2.05668  1.000 30.44897 ? 17  G   C "C5'" 1 
ATOM   349 C  "C4'" . G   A 1 17 ? -4.51671  10.14689  -2.21862  1.000 32.96317 ? 17  G   C "C4'" 1 
ATOM   350 O  "O4'" . G   A 1 17 ? -3.43284  9.19905   -2.24895  1.000 34.49304 ? 17  G   C "O4'" 1 
ATOM   351 C  "C3'" . G   A 1 17 ? -5.41203  9.68907   -1.07766  1.000 38.34117 ? 17  G   C "C3'" 1 
ATOM   352 O  "O3'" . G   A 1 17 ? -6.75730  10.07909  -1.30630  1.000 35.68721 ? 17  G   C "O3'" 1 
ATOM   353 C  "C2'" . G   A 1 17 ? -5.20895  8.16840   -1.03136  1.000 38.54936 ? 17  G   C "C2'" 1 
ATOM   354 O  "O2'" . G   A 1 17 ? -6.13771  7.46847   -1.84378  1.000 33.38801 ? 17  G   C "O2'" 1 
ATOM   355 C  "C1'" . G   A 1 17 ? -3.81083  7.99446   -1.62727  1.000 33.96163 ? 17  G   C "C1'" 1 
ATOM   356 N  N9    . G   A 1 17 ? -2.80623  7.64358   -0.60851  1.000 34.62455 ? 17  G   C N9    1 
ATOM   357 C  C8    . G   A 1 17 ? -1.76922  8.40304   -0.13181  1.000 31.11577 ? 17  G   C C8    1 
ATOM   358 N  N7    . G   A 1 17 ? -1.06657  7.77044   0.75488   1.000 31.80355 ? 17  G   C N7    1 
ATOM   359 C  C5    . G   A 1 17 ? -1.67452  6.52559   0.86926   1.000 33.57844 ? 17  G   C C5    1 
ATOM   360 C  C6    . G   A 1 17 ? -1.38318  5.40202   1.68234   1.000 32.68617 ? 17  G   C C6    1 
ATOM   361 O  O6    . G   A 1 17 ? -0.48899  5.24801   2.51708   1.000 33.24101 ? 17  G   C O6    1 
ATOM   362 N  N1    . G   A 1 17 ? -2.27604  4.36996   1.46022   1.000 30.59902 ? 17  G   C N1    1 
ATOM   363 C  C2    . G   A 1 17 ? -3.31333  4.39127   0.58397   1.000 29.48553 ? 17  G   C C2    1 
ATOM   364 N  N2    . G   A 1 17 ? -4.06004  3.29238   0.51838   1.000 32.20183 ? 17  G   C N2    1 
ATOM   365 N  N3    . G   A 1 17 ? -3.59740  5.41412   -0.17504  1.000 32.07649 ? 17  G   C N3    1 
ATOM   366 C  C4    . G   A 1 17 ? -2.74932  6.43622   0.02754   1.000 34.05250 ? 17  G   C C4    1 
ATOM   367 P  P     . G   A 1 18 ? -7.76316  10.37589  -0.09783  1.000 30.95651 ? 18  G   C P     1 
ATOM   368 O  OP1   . G   A 1 18 ? -8.93251  11.10463  -0.64814  1.000 30.75408 ? 18  G   C OP1   1 
ATOM   369 O  OP2   . G   A 1 18 ? -6.97829  10.83655  1.08117   1.000 32.39477 ? 18  G   C OP2   1 
ATOM   370 O  "O5'" . G   A 1 18 ? -8.27675  8.94876   0.32040   1.000 31.66830 ? 18  G   C "O5'" 1 
ATOM   371 C  "C5'" . G   A 1 18 ? -8.82976  8.05877   -0.63008  1.000 32.77808 ? 18  G   C "C5'" 1 
ATOM   372 C  "C4'" . G   A 1 18 ? -9.31356  6.81907   0.05557   1.000 34.27055 ? 18  G   C "C4'" 1 
ATOM   373 O  "O4'" . G   A 1 18 ? -8.16065  6.02557   0.45565   1.000 41.79974 ? 18  G   C "O4'" 1 
ATOM   374 C  "C3'" . G   A 1 18 ? -10.09939 7.11208   1.32352   1.000 31.57024 ? 18  G   C "C3'" 1 
ATOM   375 O  "O3'" . G   A 1 18 ? -11.13469 6.15434   1.47471   1.000 31.64584 ? 18  G   C "O3'" 1 
ATOM   376 C  "C2'" . G   A 1 18 ? -9.05195  6.96079   2.42227   1.000 27.92077 ? 18  G   C "C2'" 1 
ATOM   377 O  "O2'" . G   A 1 18 ? -9.57283  6.63262   3.68270   1.000 28.42137 ? 18  G   C "O2'" 1 
ATOM   378 C  "C1'" . G   A 1 18 ? -8.15440  5.85800   1.86394   1.000 33.34923 ? 18  G   C "C1'" 1 
ATOM   379 N  N9    . G   A 1 18 ? -6.76895  5.94648   2.34520   1.000 31.76966 ? 18  G   C N9    1 
ATOM   380 C  C8    . G   A 1 18 ? -5.97115  7.06470   2.27996   1.000 31.13933 ? 18  G   C C8    1 
ATOM   381 N  N7    . G   A 1 18 ? -4.79654  6.89699   2.80703   1.000 29.83505 ? 18  G   C N7    1 
ATOM   382 C  C5    . G   A 1 18 ? -4.80534  5.58451   3.25594   1.000 33.25138 ? 18  G   C C5    1 
ATOM   383 C  C6    . G   A 1 18 ? -3.79723  4.83360   3.92515   1.000 33.94711 ? 18  G   C C6    1 
ATOM   384 O  O6    . G   A 1 18 ? -2.65616  5.18047   4.25403   1.000 32.79724 ? 18  G   C O6    1 
ATOM   385 N  N1    . G   A 1 18 ? -4.21561  3.53911   4.20442   1.000 33.33151 ? 18  G   C N1    1 
ATOM   386 C  C2    . G   A 1 18 ? -5.43582  3.02813   3.88585   1.000 30.44922 ? 18  G   C C2    1 
ATOM   387 N  N2    . G   A 1 18 ? -5.62430  1.76504   4.25643   1.000 31.75306 ? 18  G   C N2    1 
ATOM   388 N  N3    . G   A 1 18 ? -6.38791  3.70864   3.27171   1.000 32.17591 ? 18  G   C N3    1 
ATOM   389 C  C4    . G   A 1 18 ? -6.01376  4.97607   2.97788   1.000 32.62529 ? 18  G   C C4    1 
ATOM   390 P  P     . U   A 1 19 ? -12.63430 6.55725   1.10072   1.000 29.80386 ? 19  U   C P     1 
ATOM   391 O  OP1   . U   A 1 19 ? -13.17386 5.52391   0.17869   1.000 50.32086 ? 19  U   C OP1   1 
ATOM   392 O  OP2   . U   A 1 19 ? -12.67102 7.99039   0.72027   1.000 32.74872 ? 19  U   C OP2   1 
ATOM   393 O  "O5'" . U   A 1 19 ? -13.41715 6.42361   2.46819   1.000 34.27290 ? 19  U   C "O5'" 1 
ATOM   394 C  "C5'" . U   A 1 19 ? -13.41607 7.46924   3.41993   1.000 34.73738 ? 19  U   C "C5'" 1 
ATOM   395 C  "C4'" . U   A 1 19 ? -13.95605 6.95068   4.71033   1.000 33.52500 ? 19  U   C "C4'" 1 
ATOM   396 O  "O4'" . U   A 1 19 ? -15.38942 7.10919   4.71275   1.000 35.76379 ? 19  U   C "O4'" 1 
ATOM   397 C  "C3'" . U   A 1 19 ? -13.74506 5.45953   4.91274   1.000 34.43455 ? 19  U   C "C3'" 1 
ATOM   398 O  "O3'" . U   A 1 19 ? -12.45416 5.15187   5.42429   1.000 33.04057 ? 19  U   C "O3'" 1 
ATOM   399 C  "C2'" . U   A 1 19 ? -14.89714 5.06632   5.83344   1.000 35.72057 ? 19  U   C "C2'" 1 
ATOM   400 O  "O2'" . U   A 1 19 ? -14.59194 5.37330   7.18363   1.000 35.09896 ? 19  U   C "O2'" 1 
ATOM   401 C  "C1'" . U   A 1 19 ? -16.00072 6.01786   5.37257   1.000 37.41724 ? 19  U   C "C1'" 1 
ATOM   402 N  N1    . U   A 1 19 ? -17.01280 5.39916   4.47271   1.000 37.40706 ? 19  U   C N1    1 
ATOM   403 C  C2    . U   A 1 19 ? -18.14383 4.87150   5.05816   1.000 39.94092 ? 19  U   C C2    1 
ATOM   404 O  O2    . U   A 1 19 ? -18.30263 4.86657   6.26538   1.000 41.68449 ? 19  U   C O2    1 
ATOM   405 N  N3    . U   A 1 19 ? -19.07407 4.34494   4.19520   1.000 40.29238 ? 19  U   C N3    1 
ATOM   406 C  C4    . U   A 1 19 ? -19.01032 4.29360   2.82048   1.000 39.22546 ? 19  U   C C4    1 
ATOM   407 O  O4    . U   A 1 19 ? -19.93446 3.79395   2.16723   1.000 36.96585 ? 19  U   C O4    1 
ATOM   408 C  C5    . U   A 1 19 ? -17.81628 4.86872   2.29437   1.000 40.16139 ? 19  U   C C5    1 
ATOM   409 C  C6    . U   A 1 19 ? -16.89080 5.38552   3.10934   1.000 38.22405 ? 19  U   C C6    1 
ATOM   410 P  P     . A   A 1 20 ? -11.79913 3.71866   5.12777   1.000 31.91834 ? 20  A   C P     1 
ATOM   411 O  OP1   . A   A 1 20 ? -10.67034 3.82281   4.16395   1.000 31.78807 ? 20  A   C OP1   1 
ATOM   412 O  OP2   . A   A 1 20 ? -12.95782 2.80758   4.86485   1.000 30.56568 ? 20  A   C OP2   1 
ATOM   413 O  "O5'" . A   A 1 20 ? -11.07587 3.32556   6.48496   1.000 29.08364 ? 20  A   C "O5'" 1 
ATOM   414 C  "C5'" . A   A 1 20 ? -11.80779 2.76230   7.56248   1.000 32.38578 ? 20  A   C "C5'" 1 
ATOM   415 C  "C4'" . A   A 1 20 ? -11.29249 1.39991   7.97593   1.000 31.80772 ? 20  A   C "C4'" 1 
ATOM   416 O  "O4'" . A   A 1 20 ? -11.70379 0.39304   7.01067   1.000 33.77267 ? 20  A   C "O4'" 1 
ATOM   417 C  "C3'" . A   A 1 20 ? -9.77634  1.25196   8.12580   1.000 32.09118 ? 20  A   C "C3'" 1 
ATOM   418 O  "O3'" . A   A 1 20 ? -9.52592  0.36917   9.21909   1.000 31.98704 ? 20  A   C "O3'" 1 
ATOM   419 C  "C2'" . A   A 1 20 ? -9.38477  0.54240   6.83109   1.000 33.61340 ? 20  A   C "C2'" 1 
ATOM   420 O  "O2'" . A   A 1 20 ? -8.15865  -0.15712  6.89948   1.000 34.11465 ? 20  A   C "O2'" 1 
ATOM   421 C  "C1'" . A   A 1 20 ? -10.58001 -0.38750  6.65509   1.000 35.14166 ? 20  A   C "C1'" 1 
ATOM   422 N  N9    . A   A 1 20 ? -10.79192 -0.96310  5.32172   1.000 34.24150 ? 20  A   C N9    1 
ATOM   423 C  C8    . A   A 1 20 ? -10.72814 -0.39773  4.08393   1.000 35.85959 ? 20  A   C C8    1 
ATOM   424 N  N7    . A   A 1 20 ? -10.99529 -1.23188  3.10540   1.000 38.77585 ? 20  A   C N7    1 
ATOM   425 C  C5    . A   A 1 20 ? -11.25728 -2.43553  3.73952   1.000 39.33967 ? 20  A   C C5    1 
ATOM   426 C  C6    . A   A 1 20 ? -11.59817 -3.71958  3.27045   1.000 40.74969 ? 20  A   C C6    1 
ATOM   427 N  N6    . A   A 1 20 ? -11.74619 -4.04937  1.99000   1.000 42.23100 ? 20  A   C N6    1 
ATOM   428 N  N1    . A   A 1 20 ? -11.79614 -4.68476  4.18452   1.000 41.15589 ? 20  A   C N1    1 
ATOM   429 C  C2    . A   A 1 20 ? -11.64707 -4.37597  5.47499   1.000 38.58326 ? 20  A   C C2    1 
ATOM   430 N  N3    . A   A 1 20 ? -11.31902 -3.22018  6.03795   1.000 37.46003 ? 20  A   C N3    1 
ATOM   431 C  C4    . A   A 1 20 ? -11.13650 -2.27594  5.10403   1.000 37.47913 ? 20  A   C C4    1 
ATOM   432 P  P     . U   A 1 21 ? -8.66810  0.84371   10.49066  1.000 29.40283 ? 21  U   C P     1 
ATOM   433 O  OP1   . U   A 1 21 ? -8.55151  -0.29711  11.42943  1.000 29.69504 ? 21  U   C OP1   1 
ATOM   434 O  OP2   . U   A 1 21 ? -9.25484  2.10107   10.98332  1.000 32.30099 ? 21  U   C OP2   1 
ATOM   435 O  "O5'" . U   A 1 21 ? -7.24181  1.18868   9.87652   1.000 31.94780 ? 21  U   C "O5'" 1 
ATOM   436 C  "C5'" . U   A 1 21 ? -6.26517  0.18103   9.60977   1.000 32.40561 ? 21  U   C "C5'" 1 
ATOM   437 C  "C4'" . U   A 1 21 ? -5.02259  0.35966   10.46142  1.000 32.04916 ? 21  U   C "C4'" 1 
ATOM   438 O  "O4'" . U   A 1 21 ? -4.43168  1.66589   10.20857  1.000 32.31167 ? 21  U   C "O4'" 1 
ATOM   439 C  "C3'" . U   A 1 21 ? -5.26618  0.29844   11.96356  1.000 29.59939 ? 21  U   C "C3'" 1 
ATOM   440 O  "O3'" . U   A 1 21 ? -4.10528  -0.19828  12.60734  1.000 28.07283 ? 21  U   C "O3'" 1 
ATOM   441 C  "C2'" . U   A 1 21 ? -5.43639  1.76220   12.32710  1.000 31.14947 ? 21  U   C "C2'" 1 
ATOM   442 O  "O2'" . U   A 1 21 ? -5.22738  2.05866   13.69154  1.000 30.29026 ? 21  U   C "O2'" 1 
ATOM   443 C  "C1'" . U   A 1 21 ? -4.39878  2.41162   11.41629  1.000 32.67406 ? 21  U   C "C1'" 1 
ATOM   444 N  N1    . U   A 1 21 ? -4.68809  3.81945   11.10739  1.000 34.37879 ? 21  U   C N1    1 
ATOM   445 C  C2    . U   A 1 21 ? -3.66358  4.73500   11.26107  1.000 33.83671 ? 21  U   C C2    1 
ATOM   446 O  O2    . U   A 1 21 ? -2.53609  4.43452   11.61281  1.000 31.25694 ? 21  U   C O2    1 
ATOM   447 N  N3    . U   A 1 21 ? -4.00645  6.02678   10.96164  1.000 34.88020 ? 21  U   C N3    1 
ATOM   448 C  C4    . U   A 1 21 ? -5.23849  6.48608   10.54306  1.000 35.03078 ? 21  U   C C4    1 
ATOM   449 O  O4    . U   A 1 21 ? -5.39012  7.69284   10.31424  1.000 35.98409 ? 21  U   C O4    1 
ATOM   450 C  C5    . U   A 1 21 ? -6.23931  5.46819   10.42529  1.000 33.13666 ? 21  U   C C5    1 
ATOM   451 C  C6    . U   A 1 21 ? -5.94478  4.20337   10.69976  1.000 32.43771 ? 21  U   C C6    1 
ATOM   452 P  P     . G   A 1 22 ? -4.20711  -1.52238  13.49161  1.000 29.13373 ? 22  G   C P     1 
ATOM   453 O  OP1   . G   A 1 22 ? -5.46232  -1.46966  14.28573  1.000 33.43314 ? 22  G   C OP1   1 
ATOM   454 O  OP2   . G   A 1 22 ? -2.91072  -1.77337  14.16384  1.000 26.50430 ? 22  G   C OP2   1 
ATOM   455 O  "O5'" . G   A 1 22 ? -4.30812  -2.64063  12.38522  1.000 30.35833 ? 22  G   C "O5'" 1 
ATOM   456 C  "C5'" . G   A 1 22 ? -3.26380  -2.75516  11.44285  1.000 31.93334 ? 22  G   C "C5'" 1 
ATOM   457 C  "C4'" . G   A 1 22 ? -3.72387  -3.46096  10.20548  1.000 32.71071 ? 22  G   C "C4'" 1 
ATOM   458 O  "O4'" . G   A 1 22 ? -4.60832  -2.61605  9.43930   1.000 37.20804 ? 22  G   C "O4'" 1 
ATOM   459 C  "C3'" . G   A 1 22 ? -2.62425  -3.83317  9.24637   1.000 33.07682 ? 22  G   C "C3'" 1 
ATOM   460 O  "O3'" . G   A 1 22 ? -2.03517  -5.04818  9.65165   1.000 35.48051 ? 22  G   C "O3'" 1 
ATOM   461 C  "C2'" . G   A 1 22 ? -3.35238  -3.93242  7.91059   1.000 33.55668 ? 22  G   C "C2'" 1 
ATOM   462 O  "O2'" . G   A 1 22 ? -3.94663  -5.20940  7.76615   1.000 33.35369 ? 22  G   C "O2'" 1 
ATOM   463 C  "C1'" . G   A 1 22 ? -4.46487  -2.89120  8.06806   1.000 35.98670 ? 22  G   C "C1'" 1 
ATOM   464 N  N9    . G   A 1 22 ? -4.19929  -1.63069  7.33703   1.000 40.07158 ? 22  G   C N9    1 
ATOM   465 C  C8    . G   A 1 22 ? -4.89108  -1.19396  6.23362   1.000 35.18060 ? 22  G   C C8    1 
ATOM   466 N  N7    . G   A 1 22 ? -4.46302  -0.06044  5.77514   1.000 32.73092 ? 22  G   C N7    1 
ATOM   467 C  C5    . G   A 1 22 ? -3.42094  0.28269   6.61889   1.000 35.00290 ? 22  G   C C5    1 
ATOM   468 C  C6    . G   A 1 22 ? -2.57110  1.41885   6.60470   1.000 35.64820 ? 22  G   C C6    1 
ATOM   469 O  O6    . G   A 1 22 ? -2.56709  2.37279   5.81918   1.000 34.23684 ? 22  G   C O6    1 
ATOM   470 N  N1    . G   A 1 22 ? -1.64915  1.37872   7.63804   1.000 36.41134 ? 22  G   C N1    1 
ATOM   471 C  C2    . G   A 1 22 ? -1.54810  0.38165   8.56910   1.000 34.97784 ? 22  G   C C2    1 
ATOM   472 N  N2    . G   A 1 22 ? -0.58455  0.54578   9.48994   1.000 35.94953 ? 22  G   C N2    1 
ATOM   473 N  N3    . G   A 1 22 ? -2.32774  -0.68328  8.59145   1.000 33.01482 ? 22  G   C N3    1 
ATOM   474 C  C4    . G   A 1 22 ? -3.23923  -0.67180  7.59429   1.000 35.13372 ? 22  G   C C4    1 
ATOM   475 P  P     . G   A 1 23 ? -0.46352  -5.18275  9.94593   1.000 36.98930 ? 23  G   C P     1 
ATOM   476 O  OP1   . G   A 1 23 ? -0.33536  -6.28331  10.95560  1.000 33.18094 ? 23  G   C OP1   1 
ATOM   477 O  OP2   . G   A 1 23 ? 0.13745   -3.85710  10.25954  1.000 36.83852 ? 23  G   C OP2   1 
ATOM   478 O  "O5'" . G   A 1 23 ? 0.09671   -5.69662  8.54008   1.000 36.85424 ? 23  G   C "O5'" 1 
ATOM   479 C  "C5'" . G   A 1 23 ? 0.34467   -4.79331  7.47497   1.000 34.91063 ? 23  G   C "C5'" 1 
ATOM   480 C  "C4'" . G   A 1 23 ? -0.43790  -5.10627  6.21846   1.000 37.33859 ? 23  G   C "C4'" 1 
ATOM   481 O  "O4'" . G   A 1 23 ? -0.10159  -4.08666  5.25136   1.000 44.95138 ? 23  G   C "O4'" 1 
ATOM   482 C  "C3'" . G   A 1 23 ? -0.09234  -6.41516  5.53351   1.000 38.28557 ? 23  G   C "C3'" 1 
ATOM   483 O  "O3'" . G   A 1 23 ? -1.10888  -6.70000  4.56349   1.000 35.96060 ? 23  G   C "O3'" 1 
ATOM   484 C  "C2'" . G   A 1 23 ? 1.16469   -6.02404  4.77774   1.000 39.05346 ? 23  G   C "C2'" 1 
ATOM   485 O  "O2'" . G   A 1 23 ? 1.49677   -6.89718  3.72240   1.000 35.45703 ? 23  G   C "O2'" 1 
ATOM   486 C  "C1'" . G   A 1 23 ? 0.78628   -4.61978  4.28248   1.000 38.89229 ? 23  G   C "C1'" 1 
ATOM   487 N  N9    . G   A 1 23 ? 1.89535   -3.66836  4.22500   1.000 38.90002 ? 23  G   C N9    1 
ATOM   488 C  C8    . G   A 1 23 ? 3.08440   -3.68398  4.91383   1.000 40.39149 ? 23  G   C C8    1 
ATOM   489 N  N7    . G   A 1 23 ? 3.82970   -2.64409  4.65212   1.000 41.90709 ? 23  G   C N7    1 
ATOM   490 C  C5    . G   A 1 23 ? 3.07632   -1.89760  3.75461   1.000 37.44990 ? 23  G   C C5    1 
ATOM   491 C  C6    . G   A 1 23 ? 3.35236   -0.66486  3.11141   1.000 39.18542 ? 23  G   C C6    1 
ATOM   492 O  O6    . G   A 1 23 ? 4.35822   0.05649   3.19616   1.000 46.44240 ? 23  G   C O6    1 
ATOM   493 N  N1    . G   A 1 23 ? 2.30536   -0.27433  2.28769   1.000 37.40879 ? 23  G   C N1    1 
ATOM   494 C  C2    . G   A 1 23 ? 1.13579   -0.96205  2.09898   1.000 37.77403 ? 23  G   C C2    1 
ATOM   495 N  N2    . G   A 1 23 ? 0.25326   -0.38862  1.26289   1.000 36.93187 ? 23  G   C N2    1 
ATOM   496 N  N3    . G   A 1 23 ? 0.86417   -2.11739  2.69286   1.000 38.13236 ? 23  G   C N3    1 
ATOM   497 C  C4    . G   A 1 23 ? 1.87431   -2.51130  3.49841   1.000 37.80247 ? 23  G   C C4    1 
ATOM   498 P  P     . G   A 1 24 ? -2.52798  -7.36001  4.96166   1.000 34.75602 ? 24  G   C P     1 
ATOM   499 O  OP1   . G   A 1 24 ? -2.98373  -6.91210  6.30004   1.000 35.14679 ? 24  G   C OP1   1 
ATOM   500 O  OP2   . G   A 1 24 ? -2.43061  -8.82238  4.72397   1.000 42.63813 ? 24  G   C OP2   1 
ATOM   501 O  "O5'" . G   A 1 24 ? -3.52009  -6.75178  3.87958   1.000 36.14025 ? 24  G   C "O5'" 1 
ATOM   502 C  "C5'" . G   A 1 24 ? -3.87508  -5.36788  3.90074   1.000 38.11922 ? 24  G   C "C5'" 1 
ATOM   503 C  "C4'" . G   A 1 24 ? -4.67560  -4.98064  2.67977   1.000 39.86909 ? 24  G   C "C4'" 1 
ATOM   504 O  "O4'" . G   A 1 24 ? -4.95697  -3.54779  2.69620   1.000 39.38510 ? 24  G   C "O4'" 1 
ATOM   505 C  "C3'" . G   A 1 24 ? -3.96585  -5.24582  1.35530   1.000 37.63214 ? 24  G   C "C3'" 1 
ATOM   506 O  "O3'" . G   A 1 24 ? -4.93690  -5.51647  0.35413   1.000 37.04909 ? 24  G   C "O3'" 1 
ATOM   507 C  "C2'" . G   A 1 24 ? -3.33994  -3.90102  1.06287   1.000 35.27337 ? 24  G   C "C2'" 1 
ATOM   508 O  "O2'" . G   A 1 24 ? -2.95811  -3.69652  -0.27016  1.000 33.51700 ? 24  G   C "O2'" 1 
ATOM   509 C  "C1'" . G   A 1 24 ? -4.46069  -2.97337  1.50200   1.000 39.04050 ? 24  G   C "C1'" 1 
ATOM   510 N  N9    . G   A 1 24 ? -4.01323  -1.59988  1.73927   1.000 43.68567 ? 24  G   C N9    1 
ATOM   511 C  C8    . G   A 1 24 ? -4.42859  -0.49395  1.04048   1.000 37.79379 ? 24  G   C C8    1 
ATOM   512 N  N7    . G   A 1 24 ? -3.82942  0.59600   1.42911   1.000 36.31450 ? 24  G   C N7    1 
ATOM   513 C  C5    . G   A 1 24 ? -2.94574  0.18360   2.41997   1.000 35.86661 ? 24  G   C C5    1 
ATOM   514 C  C6    . G   A 1 24 ? -2.03154  0.92201   3.20489   1.000 34.83201 ? 24  G   C C6    1 
ATOM   515 O  O6    . G   A 1 24 ? -1.78454  2.13065   3.20736   1.000 35.56845 ? 24  G   C O6    1 
ATOM   516 N  N1    . G   A 1 24 ? -1.35877  0.10784   4.08891   1.000 37.21970 ? 24  G   C N1    1 
ATOM   517 C  C2    . G   A 1 24 ? -1.51876  -1.23920  4.21526   1.000 36.41547 ? 24  G   C C2    1 
ATOM   518 N  N2    . G   A 1 24 ? -0.75025  -1.83402  5.13982   1.000 36.97119 ? 24  G   C N2    1 
ATOM   519 N  N3    . G   A 1 24 ? -2.36178  -1.94005  3.49404   1.000 36.54993 ? 24  G   C N3    1 
ATOM   520 C  C4    . G   A 1 24 ? -3.04248  -1.17193  2.62221   1.000 37.41688 ? 24  G   C C4    1 
ATOM   521 P  P     . G   A 1 25 ? -5.02865  -6.97296  -0.31106  1.000 33.63918 ? 25  G   C P     1 
ATOM   522 O  OP1   . G   A 1 25 ? -3.66992  -7.58136  -0.35831  1.000 33.04007 ? 25  G   C OP1   1 
ATOM   523 O  OP2   . G   A 1 25 ? -5.77135  -6.76329  -1.59534  1.000 38.97881 ? 25  G   C OP2   1 
ATOM   524 O  "O5'" . G   A 1 25 ? -5.90409  -7.80265  0.72828   1.000 35.07313 ? 25  G   C "O5'" 1 
ATOM   525 C  "C5'" . G   A 1 25 ? -7.31508  -7.69567  0.74402   1.000 41.17267 ? 25  G   C "C5'" 1 
ATOM   526 C  "C4'" . G   A 1 25 ? -7.87263  -7.98822  2.11270   1.000 44.24646 ? 25  G   C "C4'" 1 
ATOM   527 O  "O4'" . G   A 1 25 ? -7.09136  -7.30221  3.12012   1.000 40.79157 ? 25  G   C "O4'" 1 
ATOM   528 C  "C3'" . G   A 1 25 ? -9.29593  -7.51407  2.36340   1.000 47.52308 ? 25  G   C "C3'" 1 
ATOM   529 O  "O3'" . G   A 1 25 ? -10.27076 -8.39033  1.82124   1.000 56.92314 ? 25  G   C "O3'" 1 
ATOM   530 C  "C2'" . G   A 1 25 ? -9.35591  -7.38095  3.88372   1.000 43.01332 ? 25  G   C "C2'" 1 
ATOM   531 O  "O2'" . G   A 1 25 ? -9.65747  -8.62241  4.49688   1.000 42.96663 ? 25  G   C "O2'" 1 
ATOM   532 C  "C1'" . G   A 1 25 ? -7.91181  -6.99454  4.22986   1.000 44.15818 ? 25  G   C "C1'" 1 
ATOM   533 N  N9    . G   A 1 25 ? -7.77810  -5.56936  4.58435   1.000 41.62007 ? 25  G   C N9    1 
ATOM   534 C  C8    . G   A 1 25 ? -7.57468  -5.07691  5.85486   1.000 38.94519 ? 25  G   C C8    1 
ATOM   535 N  N7    . G   A 1 25 ? -7.51798  -3.77127  5.88997   1.000 38.92009 ? 25  G   C N7    1 
ATOM   536 C  C5    . G   A 1 25 ? -7.69877  -3.38055  4.56269   1.000 44.58626 ? 25  G   C C5    1 
ATOM   537 C  C6    . G   A 1 25 ? -7.73014  -2.08635  3.97051   1.000 38.83685 ? 25  G   C C6    1 
ATOM   538 O  O6    . G   A 1 25 ? -7.60127  -0.98799  4.51298   1.000 37.35448 ? 25  G   C O6    1 
ATOM   539 N  N1    . G   A 1 25 ? -7.93711  -2.13981  2.59806   1.000 39.04229 ? 25  G   C N1    1 
ATOM   540 C  C2    . G   A 1 25 ? -8.09179  -3.29544  1.87765   1.000 40.81030 ? 25  G   C C2    1 
ATOM   541 N  N2    . G   A 1 25 ? -8.27990  -3.14432  0.55929   1.000 45.75438 ? 25  G   C N2    1 
ATOM   542 N  N3    . G   A 1 25 ? -8.06438  -4.50648  2.40552   1.000 40.97144 ? 25  G   C N3    1 
ATOM   543 C  C4    . G   A 1 25 ? -7.86771  -4.48068  3.74326   1.000 42.80684 ? 25  G   C C4    1 
ATOM   544 P  P     . U   A 1 26 ? -11.33506 -7.84981  0.73816   1.000 72.83880 ? 26  U   C P     1 
ATOM   545 O  OP1   . U   A 1 26 ? -10.63057 -6.97681  -0.22874  1.000 58.41126 ? 26  U   C OP1   1 
ATOM   546 O  OP2   . U   A 1 26 ? -12.50105 -7.29124  1.47482   1.000 78.00146 ? 26  U   C OP2   1 
ATOM   547 O  "O5'" . U   A 1 26 ? -11.79947 -9.16890  -0.02568  1.000 69.43126 ? 26  U   C "O5'" 1 
ATOM   548 C  "C5'" . U   A 1 26 ? -10.84447 -10.12757 -0.46588  1.000 70.07355 ? 26  U   C "C5'" 1 
ATOM   549 C  "C4'" . U   A 1 26 ? -10.85018 -10.27418 -1.96946  1.000 76.96098 ? 26  U   C "C4'" 1 
ATOM   550 O  "O4'" . U   A 1 26 ? -12.00808 -11.05796 -2.38418  1.000 83.32799 ? 26  U   C "O4'" 1 
ATOM   551 C  "C3'" . U   A 1 26 ? -10.91819 -8.96690  -2.76631  1.000 74.68559 ? 26  U   C "C3'" 1 
ATOM   552 O  "O3'" . U   A 1 26 ? -10.16369 -9.12252  -3.97307  1.000 73.28627 ? 26  U   C "O3'" 1 
ATOM   553 C  "C2'" . U   A 1 26 ? -12.40584 -8.86913  -3.10541  1.000 77.30403 ? 26  U   C "C2'" 1 
ATOM   554 O  "O2'" . U   A 1 26 ? -12.71411 -8.04544  -4.21158  1.000 75.52357 ? 26  U   C "O2'" 1 
ATOM   555 C  "C1'" . U   A 1 26 ? -12.73002 -10.33593 -3.36722  1.000 84.53641 ? 26  U   C "C1'" 1 
ATOM   556 N  N1    . U   A 1 26 ? -14.15583 -10.71558 -3.31517  1.000 78.89543 ? 26  U   C N1    1 
ATOM   557 C  C2    . U   A 1 26 ? -14.79460 -10.80886 -4.54193  1.000 77.18734 ? 26  U   C C2    1 
ATOM   558 O  O2    . U   A 1 26 ? -14.23172 -10.55895 -5.59326  1.000 77.44322 ? 26  U   C O2    1 
ATOM   559 N  N3    . U   A 1 26 ? -16.11381 -11.19048 -4.50198  1.000 73.61785 ? 26  U   C N3    1 
ATOM   560 C  C4    . U   A 1 26 ? -16.85104 -11.49441 -3.38018  1.000 72.30880 ? 26  U   C C4    1 
ATOM   561 O  O4    . U   A 1 26 ? -18.02954 -11.81857 -3.52012  1.000 65.78061 ? 26  U   C O4    1 
ATOM   562 C  C5    . U   A 1 26 ? -16.12382 -11.39082 -2.14559  1.000 78.85381 ? 26  U   C C5    1 
ATOM   563 C  C6    . U   A 1 26 ? -14.83062 -11.02087 -2.15063  1.000 78.30765 ? 26  U   C C6    1 
ATOM   564 P  P     . A   A 1 27 ? -9.28369  -7.90168  -4.53058  1.000 66.66761 ? 27  A   C P     1 
ATOM   565 O  OP1   . A   A 1 27 ? -8.78228  -8.15557  -5.89904  1.000 68.62571 ? 27  A   C OP1   1 
ATOM   566 O  OP2   . A   A 1 27 ? -8.31193  -7.53766  -3.46219  1.000 60.54467 ? 27  A   C OP2   1 
ATOM   567 O  "O5'" . A   A 1 27 ? -10.36636 -6.76600  -4.69079  1.000 61.77388 ? 27  A   C "O5'" 1 
ATOM   568 C  "C5'" . A   A 1 27 ? -10.01021 -5.47643  -5.13687  1.000 61.10353 ? 27  A   C "C5'" 1 
ATOM   569 C  "C4'" . A   A 1 27 ? -11.25449 -4.66804  -5.34578  1.000 55.94748 ? 27  A   C "C4'" 1 
ATOM   570 O  "O4'" . A   A 1 27 ? -12.06756 -4.72150  -4.15309  1.000 48.84042 ? 27  A   C "O4'" 1 
ATOM   571 C  "C3'" . A   A 1 27 ? -11.08812 -3.18236  -5.60400  1.000 49.76327 ? 27  A   C "C3'" 1 
ATOM   572 O  "O3'" . A   A 1 27 ? -10.71801 -2.90034  -6.94349  1.000 47.63245 ? 27  A   C "O3'" 1 
ATOM   573 C  "C2'" . A   A 1 27 ? -12.46209 -2.65015  -5.24366  1.000 47.26678 ? 27  A   C "C2'" 1 
ATOM   574 O  "O2'" . A   A 1 27 ? -13.37100 -2.92969  -6.30032  1.000 59.55321 ? 27  A   C "O2'" 1 
ATOM   575 C  "C1'" . A   A 1 27 ? -12.83309 -3.54543  -4.05755  1.000 45.92298 ? 27  A   C "C1'" 1 
ATOM   576 N  N9    . A   A 1 27 ? -12.57773 -2.92134  -2.75066  1.000 43.48918 ? 27  A   C N9    1 
ATOM   577 C  C8    . A   A 1 27 ? -11.77572 -3.39974  -1.75352  1.000 43.02039 ? 27  A   C C8    1 
ATOM   578 N  N7    . A   A 1 27 ? -11.76029 -2.64240  -0.68697  1.000 40.84954 ? 27  A   C N7    1 
ATOM   579 C  C5    . A   A 1 27 ? -12.62124 -1.60544  -0.99781  1.000 40.68968 ? 27  A   C C5    1 
ATOM   580 C  C6    . A   A 1 27 ? -13.03523 -0.47408  -0.27727  1.000 40.84378 ? 27  A   C C6    1 
ATOM   581 N  N6    . A   A 1 27 ? -12.61957 -0.18267  0.96000   1.000 40.08514 ? 27  A   C N6    1 
ATOM   582 N  N1    . A   A 1 27 ? -13.90792 0.36170   -0.87727  1.000 40.12906 ? 27  A   C N1    1 
ATOM   583 C  C2    . A   A 1 27 ? -14.32585 0.07388   -2.11398  1.000 40.16093 ? 27  A   C C2    1 
ATOM   584 N  N3    . A   A 1 27 ? -14.00749 -0.95735  -2.88978  1.000 45.73273 ? 27  A   C N3    1 
ATOM   585 C  C4    . A   A 1 27 ? -13.14177 -1.77015  -2.26315  1.000 42.74470 ? 27  A   C C4    1 
ATOM   586 P  P     . G   A 1 28 ? -9.41393  -2.01210  -7.24427  1.000 47.27641 ? 28  G   C P     1 
ATOM   587 O  OP1   . G   A 1 28 ? -9.27164  -1.99741  -8.71810  1.000 50.20014 ? 28  G   C OP1   1 
ATOM   588 O  OP2   . G   A 1 28 ? -8.27512  -2.48481  -6.39669  1.000 47.50060 ? 28  G   C OP2   1 
ATOM   589 O  "O5'" . G   A 1 28 ? -9.82115  -0.54824  -6.75906  1.000 44.27912 ? 28  G   C "O5'" 1 
ATOM   590 C  "C5'" . G   A 1 28 ? -10.99239 0.08701   -7.26373  1.000 48.25076 ? 28  G   C "C5'" 1 
ATOM   591 C  "C4'" . G   A 1 28 ? -11.54142 1.11719   -6.30611  1.000 41.50549 ? 28  G   C "C4'" 1 
ATOM   592 O  "O4'" . G   A 1 28 ? -11.95092 0.47400   -5.07445  1.000 39.55762 ? 28  G   C "O4'" 1 
ATOM   593 C  "C3'" . G   A 1 28 ? -10.57250 2.20041   -5.84936  1.000 38.39701 ? 28  G   C "C3'" 1 
ATOM   594 O  "O3'" . G   A 1 28 ? -10.44831 3.25250   -6.77138  1.000 34.33820 ? 28  G   C "O3'" 1 
ATOM   595 C  "C2'" . G   A 1 28 ? -11.17676 2.65051   -4.53970  1.000 38.37901 ? 28  G   C "C2'" 1 
ATOM   596 O  "O2'" . G   A 1 28 ? -12.29621 3.48887   -4.78909  1.000 36.61523 ? 28  G   C "O2'" 1 
ATOM   597 C  "C1'" . G   A 1 28 ? -11.68117 1.32444   -3.98228  1.000 39.23321 ? 28  G   C "C1'" 1 
ATOM   598 N  N9    . G   A 1 28 ? -10.68271 0.68379   -3.11039  1.000 39.62961 ? 28  G   C N9    1 
ATOM   599 C  C8    . G   A 1 28 ? -9.83618  -0.38224  -3.35222  1.000 41.28277 ? 28  G   C C8    1 
ATOM   600 N  N7    . G   A 1 28 ? -9.07786  -0.67381  -2.31980  1.000 40.05615 ? 28  G   C N7    1 
ATOM   601 C  C5    . G   A 1 28 ? -9.46227  0.26003   -1.34948  1.000 39.64484 ? 28  G   C C5    1 
ATOM   602 C  C6    . G   A 1 28 ? -9.02577  0.47658   -0.01470  1.000 39.25429 ? 28  G   C C6    1 
ATOM   603 O  O6    . G   A 1 28 ? -8.17540  -0.14347  0.63195   1.000 39.24180 ? 28  G   C O6    1 
ATOM   604 N  N1    . G   A 1 28 ? -9.69260  1.54250   0.58771   1.000 38.69611 ? 28  G   C N1    1 
ATOM   605 C  C2    . G   A 1 28 ? -10.66074 2.31926   0.00441   1.000 38.95451 ? 28  G   C C2    1 
ATOM   606 N  N2    . G   A 1 28 ? -11.19639 3.30499   0.74871   1.000 36.77898 ? 28  G   C N2    1 
ATOM   607 N  N3    . G   A 1 28 ? -11.07479 2.12945   -1.23313  1.000 40.24386 ? 28  G   C N3    1 
ATOM   608 C  C4    . G   A 1 28 ? -10.44300 1.09762   -1.83151  1.000 39.03239 ? 28  G   C C4    1 
ATOM   609 P  P     . U   A 1 29 ? -9.06713  3.43350   -7.53669  1.000 38.03380 ? 29  U   C P     1 
ATOM   610 O  OP1   . U   A 1 29 ? -9.13397  4.57862   -8.48432  1.000 40.99307 ? 29  U   C OP1   1 
ATOM   611 O  OP2   . U   A 1 29 ? -8.67677  2.07422   -7.98522  1.000 41.16379 ? 29  U   C OP2   1 
ATOM   612 O  "O5'" . U   A 1 29 ? -8.06279  3.84507   -6.38403  1.000 38.81884 ? 29  U   C "O5'" 1 
ATOM   613 C  "C5'" . U   A 1 29 ? -8.26930  5.01941   -5.62290  1.000 36.75354 ? 29  U   C "C5'" 1 
ATOM   614 C  "C4'" . U   A 1 29 ? -7.57309  4.90024   -4.30535  1.000 36.19591 ? 29  U   C "C4'" 1 
ATOM   615 O  "O4'" . U   A 1 29 ? -7.99606  3.67103   -3.67245  1.000 37.80317 ? 29  U   C "O4'" 1 
ATOM   616 C  "C3'" . U   A 1 29 ? -6.06349  4.77411   -4.37597  1.000 34.72446 ? 29  U   C "C3'" 1 
ATOM   617 O  "O3'" . U   A 1 29 ? -5.43539  6.03339   -4.49812  1.000 37.08543 ? 29  U   C "O3'" 1 
ATOM   618 C  "C2'" . U   A 1 29 ? -5.73491  4.05234   -3.07913  1.000 34.98059 ? 29  U   C "C2'" 1 
ATOM   619 O  "O2'" . U   A 1 29 ? -5.81029  4.95744   -1.98895  1.000 35.89814 ? 29  U   C "O2'" 1 
ATOM   620 C  "C1'" . U   A 1 29 ? -6.91779  3.09689   -2.96468  1.000 37.88296 ? 29  U   C "C1'" 1 
ATOM   621 N  N1    . U   A 1 29 ? -6.64238  1.75470   -3.53388  1.000 40.22427 ? 29  U   C N1    1 
ATOM   622 C  C2    . U   A 1 29 ? -5.99116  0.83448   -2.74132  1.000 38.77865 ? 29  U   C C2    1 
ATOM   623 O  O2    . U   A 1 29 ? -5.62228  1.10508   -1.60959  1.000 37.64040 ? 29  U   C O2    1 
ATOM   624 N  N3    . U   A 1 29 ? -5.78516  -0.39263  -3.33331  1.000 40.35964 ? 29  U   C N3    1 
ATOM   625 C  C4    . U   A 1 29 ? -6.15838  -0.77783  -4.60692  1.000 42.14551 ? 29  U   C C4    1 
ATOM   626 O  O4    . U   A 1 29 ? -5.91074  -1.91934  -5.01969  1.000 51.66390 ? 29  U   C O4    1 
ATOM   627 C  C5    . U   A 1 29 ? -6.83385  0.23152   -5.34903  1.000 39.28575 ? 29  U   C C5    1 
ATOM   628 C  C6    . U   A 1 29 ? -7.05042  1.42246   -4.80380  1.000 39.10139 ? 29  U   C C6    1 
ATOM   629 P  P     . U   A 1 30 ? -4.05851  6.20541   -5.30822  1.000 39.83036 ? 30  U   C P     1 
ATOM   630 O  OP1   . U   A 1 30 ? -3.96507  7.65808   -5.61796  1.000 32.83241 ? 30  U   C OP1   1 
ATOM   631 O  OP2   . U   A 1 30 ? -3.98224  5.19015   -6.39742  1.000 33.35499 ? 30  U   C OP2   1 
ATOM   632 O  "O5'" . U   A 1 30 ? -2.93194  5.90728   -4.21841  1.000 37.26771 ? 30  U   C "O5'" 1 
ATOM   633 C  "C5'" . U   A 1 30 ? -1.60894  5.55623   -4.60052  1.000 35.90454 ? 30  U   C "C5'" 1 
ATOM   634 C  "C4'" . U   A 1 30 ? -0.58828  6.52786   -4.06163  1.000 35.72426 ? 30  U   C "C4'" 1 
ATOM   635 O  "O4'" . U   A 1 30 ? -0.68091  6.58762   -2.61855  1.000 36.38367 ? 30  U   C "O4'" 1 
ATOM   636 C  "C3'" . U   A 1 30 ? 0.86222   6.16593   -4.31437  1.000 38.26722 ? 30  U   C "C3'" 1 
ATOM   637 O  "O3'" . U   A 1 30 ? 1.30358   6.47640   -5.62688  1.000 41.00424 ? 30  U   C "O3'" 1 
ATOM   638 C  "C2'" . U   A 1 30 ? 1.58996   6.91559   -3.20631  1.000 36.92749 ? 30  U   C "C2'" 1 
ATOM   639 O  "O2'" . U   A 1 30 ? 1.73938   8.29286   -3.51449  1.000 38.83066 ? 30  U   C "O2'" 1 
ATOM   640 C  "C1'" . U   A 1 30 ? 0.59472   6.79069   -2.05949  1.000 34.20442 ? 30  U   C "C1'" 1 
ATOM   641 N  N1    . U   A 1 30 ? 0.90215   5.64588   -1.19090  1.000 32.74518 ? 30  U   C N1    1 
ATOM   642 C  C2    . U   A 1 30 ? 2.01657   5.74916   -0.39255  1.000 37.19467 ? 30  U   C C2    1 
ATOM   643 O  O2    . U   A 1 30 ? 2.73934   6.73139   -0.38148  1.000 36.85020 ? 30  U   C O2    1 
ATOM   644 N  N3    . U   A 1 30 ? 2.25887   4.65181   0.39497   1.000 44.00121 ? 30  U   C N3    1 
ATOM   645 C  C4    . U   A 1 30 ? 1.50836   3.48986   0.45955   1.000 38.78980 ? 30  U   C C4    1 
ATOM   646 O  O4    . U   A 1 30 ? 1.86493   2.58828   1.22874   1.000 43.90938 ? 30  U   C O4    1 
ATOM   647 C  C5    . U   A 1 30 ? 0.36514   3.47253   -0.40929  1.000 34.55060 ? 30  U   C C5    1 
ATOM   648 C  C6    . U   A 1 30 ? 0.10947   4.53121   -1.18897  1.000 34.22650 ? 30  U   C C6    1 
ATOM   649 P  P     . G   A 1 31 ? 2.06148   5.34729   -6.47962  1.000 42.99957 ? 31  G   C P     1 
ATOM   650 O  OP1   . G   A 1 31 ? 2.36391   5.80460   -7.85833  1.000 40.87071 ? 31  G   C OP1   1 
ATOM   651 O  OP2   . G   A 1 31 ? 1.29159   4.08847   -6.29609  1.000 44.70476 ? 31  G   C OP2   1 
ATOM   652 O  "O5'" . G   A 1 31 ? 3.45163   5.22346   -5.72689  1.000 42.49025 ? 31  G   C "O5'" 1 
ATOM   653 C  "C5'" . G   A 1 31 ? 4.25922   6.36841   -5.55600  1.000 39.92389 ? 31  G   C "C5'" 1 
ATOM   654 C  "C4'" . G   A 1 31 ? 5.25602   6.15884   -4.45850  1.000 40.80734 ? 31  G   C "C4'" 1 
ATOM   655 O  "O4'" . G   A 1 31 ? 4.57322   5.87739   -3.21228  1.000 39.96607 ? 31  G   C "O4'" 1 
ATOM   656 C  "C3'" . G   A 1 31 ? 6.19027   4.98034   -4.62170  1.000 41.95143 ? 31  G   C "C3'" 1 
ATOM   657 O  "O3'" . G   A 1 31 ? 7.23485   5.22683   -5.54719  1.000 42.56393 ? 31  G   C "O3'" 1 
ATOM   658 C  "C2'" . G   A 1 31 ? 6.65346   4.75418   -3.18511  1.000 41.10119 ? 31  G   C "C2'" 1 
ATOM   659 O  "O2'" . G   A 1 31 ? 7.58644   5.75371   -2.79147  1.000 42.68138 ? 31  G   C "O2'" 1 
ATOM   660 C  "C1'" . G   A 1 31 ? 5.35716   5.00767   -2.42352  1.000 38.83507 ? 31  G   C "C1'" 1 
ATOM   661 N  N9    . G   A 1 31 ? 4.58507   3.77220   -2.20601  1.000 37.35899 ? 31  G   C N9    1 
ATOM   662 C  C8    . G   A 1 31 ? 3.39867   3.47289   -2.82663  1.000 37.00032 ? 31  G   C C8    1 
ATOM   663 N  N7    . G   A 1 31 ? 2.90608   2.32058   -2.47157  1.000 36.09526 ? 31  G   C N7    1 
ATOM   664 C  C5    . G   A 1 31 ? 3.81362   1.82883   -1.55710  1.000 35.74204 ? 31  G   C C5    1 
ATOM   665 C  C6    . G   A 1 31 ? 3.78775   0.61272   -0.84810  1.000 36.36407 ? 31  G   C C6    1 
ATOM   666 O  O6    . G   A 1 31 ? 2.91805   -0.26297  -0.91070  1.000 36.05180 ? 31  G   C O6    1 
ATOM   667 N  N1    . G   A 1 31 ? 4.90262   0.47877   -0.01751  1.000 37.72533 ? 31  G   C N1    1 
ATOM   668 C  C2    . G   A 1 31 ? 5.91471   1.40369   0.10590   1.000 37.30402 ? 31  G   C C2    1 
ATOM   669 N  N2    . G   A 1 31 ? 6.90625   1.09318   0.95540   1.000 35.88920 ? 31  G   C N2    1 
ATOM   670 N  N3    . G   A 1 31 ? 5.95297   2.54989   -0.56475  1.000 38.03525 ? 31  G   C N3    1 
ATOM   671 C  C4    . G   A 1 31 ? 4.86968   2.70320   -1.37232  1.000 41.20348 ? 31  G   C C4    1 
ATOM   672 P  P     . U   A 1 32 ? 8.04700   3.99990   -6.18641  1.000 64.55746 ? 32  U   C P     1 
ATOM   673 O  OP1   . U   A 1 32 ? 9.21989   4.51234   -6.94769  1.000 67.59282 ? 32  U   C OP1   1 
ATOM   674 O  OP2   . U   A 1 32 ? 7.03969   3.16523   -6.88774  1.000 53.20055 ? 32  U   C OP2   1 
ATOM   675 O  "O5'" . U   A 1 32 ? 8.60289   3.18704   -4.92581  1.000 43.30318 ? 32  U   C "O5'" 1 
ATOM   676 C  "C5'" . U   A 1 32 ? 9.78279   3.57912   -4.23781  1.000 39.96732 ? 32  U   C "C5'" 1 
ATOM   677 C  "C4'" . U   A 1 32 ? 10.19624  2.54689   -3.21076  1.000 40.65749 ? 32  U   C "C4'" 1 
ATOM   678 O  "O4'" . U   A 1 32 ? 9.08186   2.24808   -2.32866  1.000 41.05828 ? 32  U   C "O4'" 1 
ATOM   679 C  "C3'" . U   A 1 32 ? 10.60997  1.17535   -3.73428  1.000 40.54533 ? 32  U   C "C3'" 1 
ATOM   680 O  "O3'" . U   A 1 32 ? 11.92818  1.13834   -4.25018  1.000 38.60579 ? 32  U   C "O3'" 1 
ATOM   681 C  "C2'" . U   A 1 32 ? 10.41154  0.29630   -2.50747  1.000 38.76468 ? 32  U   C "C2'" 1 
ATOM   682 O  "O2'" . U   A 1 32 ? 11.44225  0.51315   -1.56185  1.000 38.31001 ? 32  U   C "O2'" 1 
ATOM   683 C  "C1'" . U   A 1 32 ? 9.13544   0.89008   -1.92906  1.000 38.64497 ? 32  U   C "C1'" 1 
ATOM   684 N  N1    . U   A 1 32 ? 7.92730   0.18559   -2.42207  1.000 36.62823 ? 32  U   C N1    1 
ATOM   685 C  C2    . U   A 1 32 ? 7.64316   -1.03411  -1.85316  1.000 37.38792 ? 32  U   C C2    1 
ATOM   686 O  O2    . U   A 1 32 ? 8.33150   -1.53395  -0.98284  1.000 43.03715 ? 32  U   C O2    1 
ATOM   687 N  N3    . U   A 1 32 ? 6.52269   -1.64557  -2.33311  1.000 36.21145 ? 32  U   C N3    1 
ATOM   688 C  C4    . U   A 1 32 ? 5.67234   -1.16893  -3.30175  1.000 36.22270 ? 32  U   C C4    1 
ATOM   689 O  O4    . U   A 1 32 ? 4.70048   -1.84522  -3.63028  1.000 34.77478 ? 32  U   C O4    1 
ATOM   690 C  C5    . U   A 1 32 ? 6.03356   0.09734   -3.84467  1.000 36.31368 ? 32  U   C C5    1 
ATOM   691 C  C6    . U   A 1 32 ? 7.12352   0.71239   -3.39675  1.000 36.91146 ? 32  U   C C6    1 
ATOM   692 P  P     . C   A 1 33 ? 12.33494  0.12673   -5.42510  1.000 41.60968 ? 33  C   C P     1 
ATOM   693 O  OP1   . C   A 1 33 ? 13.69448  0.55440   -5.84117  1.000 47.31276 ? 33  C   C OP1   1 
ATOM   694 O  OP2   . C   A 1 33 ? 11.27144  0.03031   -6.45779  1.000 42.79371 ? 33  C   C OP2   1 
ATOM   695 O  "O5'" . C   A 1 33 ? 12.42908  -1.29227  -4.70020  1.000 42.40728 ? 33  C   C "O5'" 1 
ATOM   696 C  "C5'" . C   A 1 33 ? 13.35880  -1.51662  -3.64809  1.000 43.47361 ? 33  C   C "C5'" 1 
ATOM   697 C  "C4'" . C   A 1 33 ? 13.12611  -2.84628  -2.97794  1.000 44.66987 ? 33  C   C "C4'" 1 
ATOM   698 O  "O4'" . C   A 1 33 ? 11.79912  -2.87556  -2.39200  1.000 42.44860 ? 33  C   C "O4'" 1 
ATOM   699 C  "C3'" . C   A 1 33 ? 13.16204  -4.06166  -3.89240  1.000 54.23509 ? 33  C   C "C3'" 1 
ATOM   700 O  "O3'" . C   A 1 33 ? 14.47786  -4.53349  -4.12075  1.000 58.32602 ? 33  C   C "O3'" 1 
ATOM   701 C  "C2'" . C   A 1 33 ? 12.29217  -5.07099  -3.15837  1.000 46.35027 ? 33  C   C "C2'" 1 
ATOM   702 O  "O2'" . C   A 1 33 ? 13.03624  -5.72330  -2.14099  1.000 46.88852 ? 33  C   C "O2'" 1 
ATOM   703 C  "C1'" . C   A 1 33 ? 11.24199  -4.16403  -2.51324  1.000 43.10800 ? 33  C   C "C1'" 1 
ATOM   704 N  N1    . C   A 1 33 ? 10.02876  -4.05644  -3.34754  1.000 40.81629 ? 33  C   C N1    1 
ATOM   705 C  C2    . C   A 1 33 ? 9.12938   -5.12662  -3.40223  1.000 42.07322 ? 33  C   C C2    1 
ATOM   706 O  O2    . C   A 1 33 ? 9.36430   -6.15389  -2.74333  1.000 43.16863 ? 33  C   C O2    1 
ATOM   707 N  N3    . C   A 1 33 ? 8.02911   -5.01929  -4.17724  1.000 40.39658 ? 33  C   C N3    1 
ATOM   708 C  C4    . C   A 1 33 ? 7.81953   -3.89980  -4.86046  1.000 39.05236 ? 33  C   C C4    1 
ATOM   709 N  N4    . C   A 1 33 ? 6.72967   -3.82283  -5.61922  1.000 39.21612 ? 33  C   C N4    1 
ATOM   710 C  C5    . C   A 1 33 ? 8.71802   -2.80594  -4.81618  1.000 38.34953 ? 33  C   C C5    1 
ATOM   711 C  C6    . C   A 1 33 ? 9.80383   -2.92352  -4.05822  1.000 38.81404 ? 33  C   C C6    1 
ATOM   712 P  P     . G   A 1 34 ? 14.91794  -5.01239  -5.58734  1.000 61.02675 ? 34  G   C P     1 
ATOM   713 O  OP1   . G   A 1 34 ? 16.39878  -4.93310  -5.58786  1.000 62.31686 ? 34  G   C OP1   1 
ATOM   714 O  OP2   . G   A 1 34 ? 14.13755  -4.27114  -6.61185  1.000 50.79087 ? 34  G   C OP2   1 
ATOM   715 O  "O5'" . G   A 1 34 ? 14.44640  -6.53528  -5.66721  1.000 51.61654 ? 34  G   C "O5'" 1 
ATOM   716 C  "C5'" . G   A 1 34 ? 15.03088  -7.53270  -4.83971  1.000 51.21105 ? 34  G   C "C5'" 1 
ATOM   717 C  "C4'" . G   A 1 34 ? 14.22583  -8.80721  -4.86682  1.000 50.95237 ? 34  G   C "C4'" 1 
ATOM   718 O  "O4'" . G   A 1 34 ? 12.87905  -8.54481  -4.40375  1.000 52.77087 ? 34  G   C "O4'" 1 
ATOM   719 C  "C3'" . G   A 1 34 ? 14.02975  -9.44329  -6.23365  1.000 51.75638 ? 34  G   C "C3'" 1 
ATOM   720 O  "O3'" . G   A 1 34 ? 15.13861  -10.22860 -6.63380  1.000 52.88779 ? 34  G   C "O3'" 1 
ATOM   721 C  "C2'" . G   A 1 34 ? 12.75967  -10.25992 -6.04882  1.000 52.91336 ? 34  G   C "C2'" 1 
ATOM   722 O  "O2'" . G   A 1 34 ? 13.04956  -11.50074 -5.41555  1.000 53.89597 ? 34  G   C "O2'" 1 
ATOM   723 C  "C1'" . G   A 1 34 ? 11.96410  -9.38516  -5.07655  1.000 51.47182 ? 34  G   C "C1'" 1 
ATOM   724 N  N9    . G   A 1 34 ? 10.92286  -8.56519  -5.74639  1.000 49.31899 ? 34  G   C N9    1 
ATOM   725 C  C8    . G   A 1 34 ? 10.88345  -7.20692  -5.96296  1.000 47.67821 ? 34  G   C C8    1 
ATOM   726 N  N7    . G   A 1 34 ? 9.80816   -6.79716  -6.58269  1.000 45.20735 ? 34  G   C N7    1 
ATOM   727 C  C5    . G   A 1 34 ? 9.07291   -7.95974  -6.78947  1.000 51.62224 ? 34  G   C C5    1 
ATOM   728 C  C6    . G   A 1 34 ? 7.80123   -8.17864  -7.40744  1.000 54.95590 ? 34  G   C C6    1 
ATOM   729 O  O6    . G   A 1 34 ? 7.01907   -7.36003  -7.92716  1.000 50.58160 ? 34  G   C O6    1 
ATOM   730 N  N1    . G   A 1 34 ? 7.45560   -9.52636  -7.38231  1.000 49.55509 ? 34  G   C N1    1 
ATOM   731 C  C2    . G   A 1 34 ? 8.21204   -10.53219 -6.84611  1.000 50.59625 ? 34  G   C C2    1 
ATOM   732 N  N2    . G   A 1 34 ? 7.71494   -11.77161 -6.91823  1.000 54.68703 ? 34  G   C N2    1 
ATOM   733 N  N3    . G   A 1 34 ? 9.37566   -10.34413 -6.26897  1.000 52.40553 ? 34  G   C N3    1 
ATOM   734 C  C4    . G   A 1 34 ? 9.74678   -9.04764  -6.27222  1.000 51.61926 ? 34  G   C C4    1 
ATOM   735 P  P     . U   A 1 35 ? 15.66532  -10.14084 -8.14699  1.000 50.97560 ? 35  U   C P     1 
ATOM   736 O  OP1   . U   A 1 35 ? 17.12406  -10.38930 -8.15232  1.000 54.81631 ? 35  U   C OP1   1 
ATOM   737 O  OP2   . U   A 1 35 ? 15.18469  -8.83342  -8.66860  1.000 54.31134 ? 35  U   C OP2   1 
ATOM   738 O  "O5'" . U   A 1 35 ? 14.89358  -11.32903 -8.89867  1.000 59.30587 ? 35  U   C "O5'" 1 
ATOM   739 C  "C5'" . U   A 1 35 ? 14.53705  -12.53278 -8.22048  1.000 61.06117 ? 35  U   C "C5'" 1 
ATOM   740 C  "C4'" . U   A 1 35 ? 13.40210  -13.27576 -8.90065  1.000 62.50961 ? 35  U   C "C4'" 1 
ATOM   741 O  "O4'" . U   A 1 35 ? 12.11376  -12.85208 -8.37037  1.000 64.32517 ? 35  U   C "O4'" 1 
ATOM   742 C  "C3'" . U   A 1 35 ? 13.25046  -13.07189 -10.39823 1.000 65.26032 ? 35  U   C "C3'" 1 
ATOM   743 O  "O3'" . U   A 1 35 ? 14.19094  -13.77823 -11.17901 1.000 66.79332 ? 35  U   C "O3'" 1 
ATOM   744 C  "C2'" . U   A 1 35 ? 11.79823  -13.47297 -10.64106 1.000 64.82800 ? 35  U   C "C2'" 1 
ATOM   745 O  "O2'" . U   A 1 35 ? 11.62935  -14.88246 -10.62445 1.000 63.03400 ? 35  U   C "O2'" 1 
ATOM   746 C  "C1'" . U   A 1 35 ? 11.13312  -12.89903 -9.39650  1.000 62.50640 ? 35  U   C "C1'" 1 
ATOM   747 N  N1    . U   A 1 35 ? 10.63556  -11.53221 -9.66109  1.000 59.31359 ? 35  U   C N1    1 
ATOM   748 C  C2    . U   A 1 35 ? 9.42536   -11.43536 -10.31814 1.000 58.67856 ? 35  U   C C2    1 
ATOM   749 O  O2    . U   A 1 35 ? 8.77540   -12.40659 -10.65991 1.000 57.50829 ? 35  U   C O2    1 
ATOM   750 N  N3    . U   A 1 35 ? 8.99519   -10.15315 -10.55052 1.000 58.74408 ? 35  U   C N3    1 
ATOM   751 C  C4    . U   A 1 35 ? 9.64564   -8.98434  -10.20908 1.000 55.97210 ? 35  U   C C4    1 
ATOM   752 O  O4    . U   A 1 35 ? 9.13057   -7.90217  -10.49911 1.000 55.78856 ? 35  U   C O4    1 
ATOM   753 C  C5    . U   A 1 35 ? 10.89870  -9.17028  -9.54170  1.000 54.91261 ? 35  U   C C5    1 
ATOM   754 C  C6    . U   A 1 35 ? 11.34409  -10.40795 -9.30707  1.000 56.62498 ? 35  U   C C6    1 
ATOM   755 P  P     . A   A 1 36 ? 14.84474  -13.03948 -12.44330 1.000 81.36643 ? 36  A   C P     1 
ATOM   756 O  OP1   . A   A 1 36 ? 16.14422  -13.69106 -12.75017 1.000 72.88090 ? 36  A   C OP1   1 
ATOM   757 O  OP2   . A   A 1 36 ? 14.81383  -11.57882 -12.17065 1.000 82.23353 ? 36  A   C OP2   1 
ATOM   758 O  "O5'" . A   A 1 36 ? 13.80762  -13.32651 -13.61536 1.000 67.47522 ? 36  A   C "O5'" 1 
ATOM   759 C  "C5'" . A   A 1 36 ? 13.41797  -14.65790 -13.89506 1.000 67.49340 ? 36  A   C "C5'" 1 
ATOM   760 C  "C4'" . A   A 1 36 ? 12.08401  -14.71029 -14.58171 1.000 65.73486 ? 36  A   C "C4'" 1 
ATOM   761 O  "O4'" . A   A 1 36 ? 11.05759  -14.16304 -13.71801 1.000 66.03861 ? 36  A   C "O4'" 1 
ATOM   762 C  "C3'" . A   A 1 36 ? 11.96074  -13.89139 -15.84733 1.000 66.06691 ? 36  A   C "C3'" 1 
ATOM   763 O  "O3'" . A   A 1 36 ? 12.56330  -14.52388 -16.95804 1.000 64.92084 ? 36  A   C "O3'" 1 
ATOM   764 C  "C2'" . A   A 1 36 ? 10.45011  -13.70590 -15.96627 1.000 67.85575 ? 36  A   C "C2'" 1 
ATOM   765 O  "O2'" . A   A 1 36 ? 9.81944   -14.87906 -16.45711 1.000 72.00219 ? 36  A   C "O2'" 1 
ATOM   766 C  "C1'" . A   A 1 36 ? 10.05555  -13.54655 -14.50115 1.000 65.19474 ? 36  A   C "C1'" 1 
ATOM   767 N  N9    . A   A 1 36 ? 9.96215   -12.13192 -14.12208 1.000 64.61252 ? 36  A   C N9    1 
ATOM   768 C  C8    . A   A 1 36 ? 10.84752  -11.37936 -13.39227 1.000 68.68065 ? 36  A   C C8    1 
ATOM   769 N  N7    . A   A 1 36 ? 10.46738  -10.13151 -13.23817 1.000 64.75361 ? 36  A   C N7    1 
ATOM   770 C  C5    . A   A 1 36 ? 9.25675   -10.06704 -13.91678 1.000 63.02171 ? 36  A   C C5    1 
ATOM   771 C  C6    . A   A 1 36 ? 8.34378   -9.01584  -14.12690 1.000 62.25166 ? 36  A   C C6    1 
ATOM   772 N  N6    . A   A 1 36 ? 8.51390   -7.77879  -13.65140 1.000 59.36406 ? 36  A   C N6    1 
ATOM   773 N  N1    . A   A 1 36 ? 7.23392   -9.29848  -14.85375 1.000 64.37940 ? 36  A   C N1    1 
ATOM   774 C  C2    . A   A 1 36 ? 7.06446   -10.54987 -15.32019 1.000 66.36955 ? 36  A   C C2    1 
ATOM   775 N  N3    . A   A 1 36 ? 7.84787   -11.62183 -15.18848 1.000 64.76147 ? 36  A   C N3    1 
ATOM   776 C  C4    . A   A 1 36 ? 8.93681   -11.29979 -14.46899 1.000 64.27255 ? 36  A   C C4    1 
ATOM   777 P  P     . C   A 1 37 ? 13.04355  -13.66355 -18.22461 1.000 68.22901 ? 37  C   C P     1 
ATOM   778 O  OP1   . C   A 1 37 ? 13.79598  -14.57887 -19.11813 1.000 70.23536 ? 37  C   C OP1   1 
ATOM   779 O  OP2   . C   A 1 37 ? 13.71327  -12.43123 -17.74238 1.000 74.92575 ? 37  C   C OP2   1 
ATOM   780 O  "O5'" . C   A 1 37 ? 11.67996  -13.27626 -18.95261 1.000 67.86093 ? 37  C   C "O5'" 1 
ATOM   781 C  "C5'" . C   A 1 37 ? 10.87738  -14.28888 -19.55317 1.000 70.20213 ? 37  C   C "C5'" 1 
ATOM   782 C  "C4'" . C   A 1 37 ? 9.45405   -13.83460 -19.74806 1.000 72.43929 ? 37  C   C "C4'" 1 
ATOM   783 O  "O4'" . C   A 1 37 ? 9.15480   -12.80501 -18.76753 1.000 74.33836 ? 37  C   C "O4'" 1 
ATOM   784 C  "C3'" . C   A 1 37 ? 9.14466   -13.22147 -21.11521 1.000 75.93742 ? 37  C   C "C3'" 1 
ATOM   785 O  "O3'" . C   A 1 37 ? 7.79645   -13.52302 -21.48407 1.000 81.78791 ? 37  C   C "O3'" 1 
ATOM   786 C  "C2'" . C   A 1 37 ? 9.26679   -11.73023 -20.84300 1.000 69.92090 ? 37  C   C "C2'" 1 
ATOM   787 O  "O2'" . C   A 1 37 ? 8.54517   -10.91362 -21.73781 1.000 70.52642 ? 37  C   C "O2'" 1 
ATOM   788 C  "C1'" . C   A 1 37 ? 8.71093   -11.63941 -19.42716 1.000 71.20307 ? 37  C   C "C1'" 1 
ATOM   789 N  N1    . C   A 1 37 ? 9.19782   -10.47479 -18.68750 1.000 69.51289 ? 37  C   C N1    1 
ATOM   790 C  C2    . C   A 1 37 ? 8.42391   -9.31791  -18.74889 1.000 68.20802 ? 37  C   C C2    1 
ATOM   791 O  O2    . C   A 1 37 ? 7.37398   -9.35994  -19.40907 1.000 72.26739 ? 37  C   C O2    1 
ATOM   792 N  N3    . C   A 1 37 ? 8.83982   -8.20746  -18.09862 1.000 64.77264 ? 37  C   C N3    1 
ATOM   793 C  C4    . C   A 1 37 ? 9.98347   -8.25320  -17.41188 1.000 64.21610 ? 37  C   C C4    1 
ATOM   794 N  N4    . C   A 1 37 ? 10.37511  -7.14978  -16.77531 1.000 63.18671 ? 37  C   C N4    1 
ATOM   795 C  C5    . C   A 1 37 ? 10.78744  -9.43022  -17.33516 1.000 65.16457 ? 37  C   C C5    1 
ATOM   796 C  C6    . C   A 1 37 ? 10.36641  -10.51969 -17.98551 1.000 67.27418 ? 37  C   C C6    1 
HETATM 797 MG MG    . MG  B 2 .  ? -14.39616 4.87128   -1.30335  0.50  41.59455 ? 101 MG  C MG    1 
HETATM 798 C  C11   . OXV C 3 .  ? -15.76799 10.64079  5.97602   1.000 42.83619 ? 102 OXV C C11   1 
HETATM 799 C  C12   . OXV C 3 .  ? -14.24058 10.49214  6.00243   1.000 39.43797 ? 102 OXV C C12   1 
HETATM 800 C  C01   . OXV C 3 .  ? -24.59797 5.79591   2.04826   1.000 33.78271 ? 102 OXV C C01   1 
HETATM 801 C  C02   . OXV C 3 .  ? -23.24723 6.47803   1.90524   1.000 37.63024 ? 102 OXV C C02   1 
HETATM 802 C  C03   . OXV C 3 .  ? -22.68114 6.89874   3.25923   1.000 41.41386 ? 102 OXV C C03   1 
HETATM 803 C  C04   . OXV C 3 .  ? -21.94422 8.23380   3.15984   1.000 43.70392 ? 102 OXV C C04   1 
HETATM 804 C  C05   . OXV C 3 .  ? -20.42300 8.10530   3.26424   1.000 44.40794 ? 102 OXV C C05   1 
HETATM 805 C  C08   . OXV C 3 .  ? -18.18255 9.09525   4.09666   1.000 43.07475 ? 102 OXV C C08   1 
HETATM 806 C  C09   . OXV C 3 .  ? -17.65683 10.45959  4.58131   1.000 42.03321 ? 102 OXV C C09   1 
HETATM 807 C  C14   . OXV C 3 .  ? -12.46064 9.62832   7.29767   1.000 41.18255 ? 102 OXV C C14   1 
HETATM 808 C  C15   . OXV C 3 .  ? -12.20978 8.24101   7.92348   1.000 36.27488 ? 102 OXV C C15   1 
HETATM 809 C  C17   . OXV C 3 .  ? -10.05522 7.36864   8.53376   1.000 32.20924 ? 102 OXV C C17   1 
HETATM 810 C  C18   . OXV C 3 .  ? -8.96550  8.42877   8.77367   1.000 34.15910 ? 102 OXV C C18   1 
HETATM 811 C  C20   . OXV C 3 .  ? -6.65930  8.96980   7.71258   1.000 39.67166 ? 102 OXV C C20   1 
HETATM 812 C  C22   . OXV C 3 .  ? -5.63046  8.63464   6.61938   1.000 34.25312 ? 102 OXV C C22   1 
HETATM 813 C  C24   . OXV C 3 .  ? -3.73911  7.13022   7.52309   1.000 32.19250 ? 102 OXV C C24   1 
HETATM 814 C  C26   . OXV C 3 .  ? -5.03858  4.96951   7.22009   1.000 34.54971 ? 102 OXV C C26   1 
HETATM 815 C  C27   . OXV C 3 .  ? -5.72342  6.10492   6.82523   1.000 38.58949 ? 102 OXV C C27   1 
HETATM 816 C  C28   . OXV C 3 .  ? -7.03930  5.99350   6.31157   1.000 31.71339 ? 102 OXV C C28   1 
HETATM 817 C  C29   . OXV C 3 .  ? -7.64183  4.75689   6.20996   1.000 31.84884 ? 102 OXV C C29   1 
HETATM 818 C  C30   . OXV C 3 .  ? -6.93779  3.61762   6.60663   1.000 32.22413 ? 102 OXV C C30   1 
HETATM 819 C  C31   . OXV C 3 .  ? -5.64216  3.71884   7.11435   1.000 32.30953 ? 102 OXV C C31   1 
HETATM 820 C  C32   . OXV C 3 .  ? -2.66627  8.20574   7.84038   1.000 34.18737 ? 102 OXV C C32   1 
HETATM 821 C  C33   . OXV C 3 .  ? -1.55505  8.08406   8.58968   1.000 32.55226 ? 102 OXV C C33   1 
HETATM 822 C  C34   . OXV C 3 .  ? -1.16344  6.82226   9.23882   1.000 33.99172 ? 102 OXV C C34   1 
HETATM 823 C  C35   . OXV C 3 .  ? 0.06439   6.71779   10.07026  1.000 33.69480 ? 102 OXV C C35   1 
HETATM 824 C  C37   . OXV C 3 .  ? 2.12569   7.78412   11.05486  1.000 30.96501 ? 102 OXV C C37   1 
HETATM 825 C  C38   . OXV C 3 .  ? 0.53679   9.20051   9.60983   1.000 32.94599 ? 102 OXV C C38   1 
HETATM 826 C  C39   . OXV C 3 .  ? -0.64298  9.29436   8.81328   1.000 32.10305 ? 102 OXV C C39   1 
HETATM 827 C  C40   . OXV C 3 .  ? -0.96988  10.52860  8.22651   1.000 34.21115 ? 102 OXV C C40   1 
HETATM 828 C  C41   . OXV C 3 .  ? -0.12657  11.64008  8.43280   1.000 36.12207 ? 102 OXV C C41   1 
HETATM 829 C  C42   . OXV C 3 .  ? 1.05652   11.54886  9.21584   1.000 31.39639 ? 102 OXV C C42   1 
HETATM 830 C  C43   . OXV C 3 .  ? 1.38083   10.31544  9.80599   1.000 31.89396 ? 102 OXV C C43   1 
HETATM 831 N  N07   . OXV C 3 .  ? -19.63783 9.12888   3.94653   1.000 43.06037 ? 102 OXV C N07   1 
HETATM 832 N  N19   . OXV C 3 .  ? -7.91598  8.22746   7.78726   1.000 36.67759 ? 102 OXV C N19   1 
HETATM 833 N  N23   . OXV C 3 .  ? -5.00778  7.36903   6.97341   1.000 33.55683 ? 102 OXV C N23   1 
HETATM 834 N  N36   . OXV C 3 .  ? 0.92107   7.88116   10.25346  1.000 31.01811 ? 102 OXV C N36   1 
HETATM 835 O  O06   . OXV C 3 .  ? -19.89422 7.15842   2.79620   1.000 58.03414 ? 102 OXV C O06   1 
HETATM 836 O  O10   . OXV C 3 .  ? -16.25846 10.49470  4.66773   1.000 40.13439 ? 102 OXV C O10   1 
HETATM 837 O  O13   . OXV C 3 .  ? -13.83637 9.94241   7.23589   1.000 38.49107 ? 102 OXV C O13   1 
HETATM 838 O  O16   . OXV C 3 .  ? -10.93695 7.78837   7.51881   1.000 31.13737 ? 102 OXV C O16   1 
HETATM 839 O  O21   . OXV C 3 .  ? -6.42676  9.81330   8.51348   1.000 43.26558 ? 102 OXV C O21   1 
HETATM 840 S  S25   . OXV C 3 .  ? -3.57168  5.47992   7.74705   1.000 33.11234 ? 102 OXV C S25   1 
HETATM 841 K  K     . K   D 4 .  ? -0.46996  3.87029   5.01572   1.000 43.52429 ? 103 K   C K     1 
# 
loop_
_pdbx_poly_seq_scheme.asym_id 
_pdbx_poly_seq_scheme.entity_id 
_pdbx_poly_seq_scheme.seq_id 
_pdbx_poly_seq_scheme.mon_id 
_pdbx_poly_seq_scheme.ndb_seq_num 
_pdbx_poly_seq_scheme.pdb_seq_num 
_pdbx_poly_seq_scheme.auth_seq_num 
_pdbx_poly_seq_scheme.pdb_mon_id 
_pdbx_poly_seq_scheme.auth_mon_id 
_pdbx_poly_seq_scheme.pdb_strand_id 
_pdbx_poly_seq_scheme.pdb_ins_code 
_pdbx_poly_seq_scheme.hetero 
A 1 1  G 1  1  1  G G C . n 
A 1 2  U 2  2  2  U U C . n 
A 1 3  A 3  3  3  A A C . n 
A 1 4  C 4  4  4  C C C . n 
A 1 5  G 5  5  5  G G C . n 
A 1 6  A 6  6  6  A A C . n 
A 1 7  A 7  7  7  A A C . n 
A 1 8  G 8  8  8  G G C . n 
A 1 9  G 9  9  9  G G C . n 
A 1 10 A 10 10 10 A A C . n 
A 1 11 A 11 11 11 A A C . n 
A 1 12 G 12 12 12 G G C . n 
A 1 13 G 13 13 13 G G C . n 
A 1 14 U 14 14 14 U U C . n 
A 1 15 U 15 15 15 U U C . n 
A 1 16 U 16 16 16 U U C . n 
A 1 17 G 17 17 17 G G C . n 
A 1 18 G 18 18 18 G G C . n 
A 1 19 U 19 19 19 U U C . n 
A 1 20 A 20 20 20 A A C . n 
A 1 21 U 21 21 21 U U C . n 
A 1 22 G 22 22 22 G G C . n 
A 1 23 G 23 23 23 G G C . n 
A 1 24 G 24 24 24 G G C . n 
A 1 25 G 25 25 25 G G C . n 
A 1 26 U 26 26 26 U U C . n 
A 1 27 A 27 27 27 A A C . n 
A 1 28 G 28 28 28 G G C . n 
A 1 29 U 29 29 29 U U C . n 
A 1 30 U 30 30 30 U U C . n 
A 1 31 G 31 31 31 G G C . n 
A 1 32 U 32 32 32 U U C . n 
A 1 33 C 33 33 33 C C C . n 
A 1 34 G 34 34 34 G G C . n 
A 1 35 U 35 35 35 U U C . n 
A 1 36 A 36 36 36 A A C . n 
A 1 37 C 37 37 37 C C C . n 
# 
loop_
_pdbx_nonpoly_scheme.asym_id 
_pdbx_nonpoly_scheme.entity_id 
_pdbx_nonpoly_scheme.mon_id 
_pdbx_nonpoly_scheme.ndb_seq_num 
_pdbx_nonpoly_scheme.pdb_seq_num 
_pdbx_nonpoly_scheme.auth_seq_num 
_pdbx_nonpoly_scheme.pdb_mon_id 
_pdbx_nonpoly_scheme.auth_mon_id 
_pdbx_nonpoly_scheme.pdb_strand_id 
_pdbx_nonpoly_scheme.pdb_ins_code 
B 2 MG  1 101 1 MG  MG  C . 
C 3 OXV 1 102 1 OXV TO1 C . 
D 4 K   1 103 3 K   K   C . 
# 
_pdbx_struct_assembly.id                   1 
_pdbx_struct_assembly.details              author_defined_assembly 
_pdbx_struct_assembly.method_details       ? 
_pdbx_struct_assembly.oligomeric_details   monomeric 
_pdbx_struct_assembly.oligomeric_count     1 
# 
_pdbx_struct_assembly_gen.assembly_id       1 
_pdbx_struct_assembly_gen.oper_expression   1 
_pdbx_struct_assembly_gen.asym_id_list      A,B,C,D 
# 
_pdbx_struct_oper_list.id                   1 
_pdbx_struct_oper_list.type                 'identity operation' 
_pdbx_struct_oper_list.name                 1_555 
_pdbx_struct_oper_list.symmetry_operation   x,y,z 
_pdbx_struct_oper_list.matrix[1][1]         1.0000000000 
_pdbx_struct_oper_list.matrix[1][2]         0.0000000000 
_pdbx_struct_oper_list.matrix[1][3]         0.0000000000 
_pdbx_struct_oper_list.vector[1]            0.0000000000 
_pdbx_struct_oper_list.matrix[2][1]         0.0000000000 
_pdbx_struct_oper_list.matrix[2][2]         1.0000000000 
_pdbx_struct_oper_list.matrix[2][3]         0.0000000000 
_pdbx_struct_oper_list.vector[2]            0.0000000000 
_pdbx_struct_oper_list.matrix[3][1]         0.0000000000 
_pdbx_struct_oper_list.matrix[3][2]         0.0000000000 
_pdbx_struct_oper_list.matrix[3][3]         1.0000000000 
_pdbx_struct_oper_list.vector[3]            0.0000000000 
# 
_pdbx_struct_special_symmetry.id              1 
_pdbx_struct_special_symmetry.PDB_model_num   1 
_pdbx_struct_special_symmetry.auth_asym_id    C 
_pdbx_struct_special_symmetry.auth_comp_id    MG 
_pdbx_struct_special_symmetry.auth_seq_id     101 
_pdbx_struct_special_symmetry.PDB_ins_code    ? 
_pdbx_struct_special_symmetry.label_asym_id   B 
_pdbx_struct_special_symmetry.label_comp_id   MG 
_pdbx_struct_special_symmetry.label_seq_id    . 
# 
loop_
_pdbx_struct_conn_angle.id 
_pdbx_struct_conn_angle.ptnr1_label_atom_id 
_pdbx_struct_conn_angle.ptnr1_label_alt_id 
_pdbx_struct_conn_angle.ptnr1_label_asym_id 
_pdbx_struct_conn_angle.ptnr1_label_comp_id 
_pdbx_struct_conn_angle.ptnr1_label_seq_id 
_pdbx_struct_conn_angle.ptnr1_auth_atom_id 
_pdbx_struct_conn_angle.ptnr1_auth_asym_id 
_pdbx_struct_conn_angle.ptnr1_auth_comp_id 
_pdbx_struct_conn_angle.ptnr1_auth_seq_id 
_pdbx_struct_conn_angle.ptnr1_PDB_ins_code 
_pdbx_struct_conn_angle.ptnr1_symmetry 
_pdbx_struct_conn_angle.ptnr2_label_atom_id 
_pdbx_struct_conn_angle.ptnr2_label_alt_id 
_pdbx_struct_conn_angle.ptnr2_label_asym_id 
_pdbx_struct_conn_angle.ptnr2_label_comp_id 
_pdbx_struct_conn_angle.ptnr2_label_seq_id 
_pdbx_struct_conn_angle.ptnr2_auth_atom_id 
_pdbx_struct_conn_angle.ptnr2_auth_asym_id 
_pdbx_struct_conn_angle.ptnr2_auth_comp_id 
_pdbx_struct_conn_angle.ptnr2_auth_seq_id 
_pdbx_struct_conn_angle.ptnr2_PDB_ins_code 
_pdbx_struct_conn_angle.ptnr2_symmetry 
_pdbx_struct_conn_angle.ptnr3_label_atom_id 
_pdbx_struct_conn_angle.ptnr3_label_alt_id 
_pdbx_struct_conn_angle.ptnr3_label_asym_id 
_pdbx_struct_conn_angle.ptnr3_label_comp_id 
_pdbx_struct_conn_angle.ptnr3_label_seq_id 
_pdbx_struct_conn_angle.ptnr3_auth_atom_id 
_pdbx_struct_conn_angle.ptnr3_auth_asym_id 
_pdbx_struct_conn_angle.ptnr3_auth_comp_id 
_pdbx_struct_conn_angle.ptnr3_auth_seq_id 
_pdbx_struct_conn_angle.ptnr3_PDB_ins_code 
_pdbx_struct_conn_angle.ptnr3_symmetry 
_pdbx_struct_conn_angle.value 
_pdbx_struct_conn_angle.value_esd 
1  O6  ? A G 8  ? C G 8  ? 1_555 K  ? D K  . ? C K  103 ? 1_555 O6  ? A G 9  ? C G 9  ? 1_555 77.0  ? 
2  O6  ? A G 8  ? C G 8  ? 1_555 K  ? D K  . ? C K  103 ? 1_555 O6  ? A G 12 ? C G 12 ? 1_555 83.8  ? 
3  O6  ? A G 9  ? C G 9  ? 1_555 K  ? D K  . ? C K  103 ? 1_555 O6  ? A G 12 ? C G 12 ? 1_555 100.1 ? 
4  O6  ? A G 8  ? C G 8  ? 1_555 K  ? D K  . ? C K  103 ? 1_555 O6  ? A G 13 ? C G 13 ? 1_555 145.4 ? 
5  O6  ? A G 9  ? C G 9  ? 1_555 K  ? D K  . ? C K  103 ? 1_555 O6  ? A G 13 ? C G 13 ? 1_555 85.1  ? 
6  O6  ? A G 12 ? C G 12 ? 1_555 K  ? D K  . ? C K  103 ? 1_555 O6  ? A G 13 ? C G 13 ? 1_555 70.4  ? 
7  O6  ? A G 8  ? C G 8  ? 1_555 K  ? D K  . ? C K  103 ? 1_555 O6  ? A G 17 ? C G 17 ? 1_555 111.4 ? 
8  O6  ? A G 9  ? C G 9  ? 1_555 K  ? D K  . ? C K  103 ? 1_555 O6  ? A G 17 ? C G 17 ? 1_555 164.6 ? 
9  O6  ? A G 12 ? C G 12 ? 1_555 K  ? D K  . ? C K  103 ? 1_555 O6  ? A G 17 ? C G 17 ? 1_555 69.0  ? 
10 O6  ? A G 13 ? C G 13 ? 1_555 K  ? D K  . ? C K  103 ? 1_555 O6  ? A G 17 ? C G 17 ? 1_555 81.0  ? 
11 O6  ? A G 8  ? C G 8  ? 1_555 K  ? D K  . ? C K  103 ? 1_555 O6  ? A G 18 ? C G 18 ? 1_555 140.2 ? 
12 O6  ? A G 9  ? C G 9  ? 1_555 K  ? D K  . ? C K  103 ? 1_555 O6  ? A G 18 ? C G 18 ? 1_555 121.8 ? 
13 O6  ? A G 12 ? C G 12 ? 1_555 K  ? D K  . ? C K  103 ? 1_555 O6  ? A G 18 ? C G 18 ? 1_555 121.4 ? 
14 O6  ? A G 13 ? C G 13 ? 1_555 K  ? D K  . ? C K  103 ? 1_555 O6  ? A G 18 ? C G 18 ? 1_555 74.3  ? 
15 O6  ? A G 17 ? C G 17 ? 1_555 K  ? D K  . ? C K  103 ? 1_555 O6  ? A G 18 ? C G 18 ? 1_555 60.4  ? 
16 O6  ? A G 8  ? C G 8  ? 1_555 K  ? D K  . ? C K  103 ? 1_555 O6  ? A G 22 ? C G 22 ? 1_555 81.5  ? 
17 O6  ? A G 9  ? C G 9  ? 1_555 K  ? D K  . ? C K  103 ? 1_555 O6  ? A G 22 ? C G 22 ? 1_555 71.5  ? 
18 O6  ? A G 12 ? C G 12 ? 1_555 K  ? D K  . ? C K  103 ? 1_555 O6  ? A G 22 ? C G 22 ? 1_555 164.5 ? 
19 O6  ? A G 13 ? C G 13 ? 1_555 K  ? D K  . ? C K  103 ? 1_555 O6  ? A G 22 ? C G 22 ? 1_555 120.5 ? 
20 O6  ? A G 17 ? C G 17 ? 1_555 K  ? D K  . ? C K  103 ? 1_555 O6  ? A G 22 ? C G 22 ? 1_555 121.6 ? 
21 O6  ? A G 18 ? C G 18 ? 1_555 K  ? D K  . ? C K  103 ? 1_555 O6  ? A G 22 ? C G 22 ? 1_555 73.7  ? 
22 O6  ? A G 8  ? C G 8  ? 1_555 K  ? D K  . ? C K  103 ? 1_555 O6  ? A G 24 ? C G 24 ? 1_555 65.7  ? 
23 O6  ? A G 9  ? C G 9  ? 1_555 K  ? D K  . ? C K  103 ? 1_555 O6  ? A G 24 ? C G 24 ? 1_555 120.8 ? 
24 O6  ? A G 12 ? C G 12 ? 1_555 K  ? D K  . ? C K  103 ? 1_555 O6  ? A G 24 ? C G 24 ? 1_555 118.5 ? 
25 O6  ? A G 13 ? C G 13 ? 1_555 K  ? D K  . ? C K  103 ? 1_555 O6  ? A G 24 ? C G 24 ? 1_555 147.3 ? 
26 O6  ? A G 17 ? C G 17 ? 1_555 K  ? D K  . ? C K  103 ? 1_555 O6  ? A G 24 ? C G 24 ? 1_555 74.6  ? 
27 O6  ? A G 18 ? C G 18 ? 1_555 K  ? D K  . ? C K  103 ? 1_555 O6  ? A G 24 ? C G 24 ? 1_555 74.8  ? 
28 O6  ? A G 22 ? C G 22 ? 1_555 K  ? D K  . ? C K  103 ? 1_555 O6  ? A G 24 ? C G 24 ? 1_555 59.3  ? 
29 OP1 ? A U 19 ? C U 19 ? 1_555 MG ? B MG . ? C MG 101 ? 1_555 OP1 ? A U 19 ? C U 19 ? 1_555 0.0   ? 
# 
loop_
_pdbx_audit_revision_history.ordinal 
_pdbx_audit_revision_history.data_content_type 
_pdbx_audit_revision_history.major_revision 
_pdbx_audit_revision_history.minor_revision 
_pdbx_audit_revision_history.revision_date 
1 'Structure model' 1 0 2019-07-31 
2 'Structure model' 1 1 2019-08-21 
3 'Structure model' 1 2 2019-08-28 
4 'Structure model' 1 3 2023-10-11 
# 
_pdbx_audit_revision_details.ordinal             1 
_pdbx_audit_revision_details.revision_ordinal    1 
_pdbx_audit_revision_details.data_content_type   'Structure model' 
_pdbx_audit_revision_details.provider            repository 
_pdbx_audit_revision_details.type                'Initial release' 
_pdbx_audit_revision_details.description         ? 
_pdbx_audit_revision_details.details             ? 
# 
loop_
_pdbx_audit_revision_group.ordinal 
_pdbx_audit_revision_group.revision_ordinal 
_pdbx_audit_revision_group.data_content_type 
_pdbx_audit_revision_group.group 
1 2 'Structure model' 'Data collection'        
2 2 'Structure model' 'Database references'    
3 3 'Structure model' 'Data collection'        
4 3 'Structure model' 'Database references'    
5 4 'Structure model' 'Data collection'        
6 4 'Structure model' 'Database references'    
7 4 'Structure model' 'Derived calculations'   
8 4 'Structure model' 'Refinement description' 
# 
loop_
_pdbx_audit_revision_category.ordinal 
_pdbx_audit_revision_category.revision_ordinal 
_pdbx_audit_revision_category.data_content_type 
_pdbx_audit_revision_category.category 
1  2 'Structure model' citation                      
2  2 'Structure model' citation_author               
3  3 'Structure model' citation_author               
4  3 'Structure model' reflns                        
5  3 'Structure model' reflns_shell                  
6  4 'Structure model' chem_comp_atom                
7  4 'Structure model' chem_comp_bond                
8  4 'Structure model' database_2                    
9  4 'Structure model' pdbx_initial_refinement_model 
10 4 'Structure model' struct_conn                   
# 
loop_
_pdbx_audit_revision_item.ordinal 
_pdbx_audit_revision_item.revision_ordinal 
_pdbx_audit_revision_item.data_content_type 
_pdbx_audit_revision_item.item 
1  2 'Structure model' '_citation.country'                   
2  2 'Structure model' '_citation.journal_abbrev'            
3  2 'Structure model' '_citation.journal_id_ASTM'           
4  2 'Structure model' '_citation.journal_id_CSD'            
5  2 'Structure model' '_citation.journal_id_ISSN'           
6  2 'Structure model' '_citation.journal_volume'            
7  2 'Structure model' '_citation.page_first'                
8  2 'Structure model' '_citation.page_last'                 
9  2 'Structure model' '_citation.pdbx_database_id_DOI'      
10 2 'Structure model' '_citation.pdbx_database_id_PubMed'   
11 2 'Structure model' '_citation.title'                     
12 2 'Structure model' '_citation.year'                      
13 3 'Structure model' '_citation_author.name'               
14 3 'Structure model' '_reflns.pdbx_R_split'                
15 3 'Structure model' '_reflns_shell.pdbx_R_split'          
16 4 'Structure model' '_database_2.pdbx_DOI'                
17 4 'Structure model' '_database_2.pdbx_database_accession' 
18 4 'Structure model' '_struct_conn.pdbx_dist_value'        
19 4 'Structure model' '_struct_conn.ptnr1_auth_comp_id'     
20 4 'Structure model' '_struct_conn.ptnr1_auth_seq_id'      
21 4 'Structure model' '_struct_conn.ptnr1_label_atom_id'    
22 4 'Structure model' '_struct_conn.ptnr1_label_comp_id'    
23 4 'Structure model' '_struct_conn.ptnr1_label_seq_id'     
24 4 'Structure model' '_struct_conn.ptnr2_auth_comp_id'     
25 4 'Structure model' '_struct_conn.ptnr2_auth_seq_id'      
26 4 'Structure model' '_struct_conn.ptnr2_label_asym_id'    
27 4 'Structure model' '_struct_conn.ptnr2_label_atom_id'    
28 4 'Structure model' '_struct_conn.ptnr2_label_comp_id'    
29 4 'Structure model' '_struct_conn.ptnr2_symmetry'         
# 
loop_
_space_group_symop.id 
_space_group_symop.operation_xyz 
1  x,y,z                
2  -y+1/2,x,z+3/4       
3  y+1/2,-x,z+3/4       
4  x+1/2,-y,-z+3/4      
5  -x+1/2,y,-z+3/4      
6  -x,-y,z              
7  y,x,-z               
8  -y,-x,-z             
9  x+1/2,y+1/2,z+1/2    
10 -y+1,x+1/2,z+5/4     
11 y+1,-x+1/2,z+5/4     
12 x+1,-y+1/2,-z+5/4    
13 -x+1,y+1/2,-z+5/4    
14 -x+1/2,-y+1/2,z+1/2  
15 y+1/2,x+1/2,-z+1/2   
16 -y+1/2,-x+1/2,-z+1/2 
# 
loop_
_software.citation_id 
_software.classification 
_software.compiler_name 
_software.compiler_version 
_software.contact_author 
_software.contact_author_email 
_software.date 
_software.description 
_software.dependencies 
_software.hardware 
_software.language 
_software.location 
_software.mods 
_software.name 
_software.os 
_software.os_version 
_software.type 
_software.version 
_software.pdbx_ordinal 
? refinement       ? ? ? ? ? ? ? ? ? ? ? PHENIX   ? ? ? 1.14_3260 1 
? 'data reduction' ? ? ? ? ? ? ? ? ? ? ? CrystFEL ? ? ? .         2 
? 'data scaling'   ? ? ? ? ? ? ? ? ? ? ? CrystFEL ? ? ? .         3 
? phasing          ? ? ? ? ? ? ? ? ? ? ? PHASER   ? ? ? .         4 
# 
_pdbx_entry_details.entry_id                 6PQ7 
_pdbx_entry_details.nonpolymer_details       ? 
_pdbx_entry_details.sequence_details         ? 
_pdbx_entry_details.compound_details         ? 
_pdbx_entry_details.source_details           ? 
_pdbx_entry_details.has_ligand_of_interest   N 
# 
_pdbx_validate_symm_contact.id                1 
_pdbx_validate_symm_contact.PDB_model_num     1 
_pdbx_validate_symm_contact.auth_atom_id_1    "O2'" 
_pdbx_validate_symm_contact.auth_asym_id_1    C 
_pdbx_validate_symm_contact.auth_comp_id_1    U 
_pdbx_validate_symm_contact.auth_seq_id_1     26 
_pdbx_validate_symm_contact.PDB_ins_code_1    ? 
_pdbx_validate_symm_contact.label_alt_id_1    ? 
_pdbx_validate_symm_contact.site_symmetry_1   1_555 
_pdbx_validate_symm_contact.auth_atom_id_2    O2 
_pdbx_validate_symm_contact.auth_asym_id_2    C 
_pdbx_validate_symm_contact.auth_comp_id_2    U 
_pdbx_validate_symm_contact.auth_seq_id_2     26 
_pdbx_validate_symm_contact.PDB_ins_code_2    ? 
_pdbx_validate_symm_contact.label_alt_id_2    ? 
_pdbx_validate_symm_contact.site_symmetry_2   5_454 
_pdbx_validate_symm_contact.dist              2.12 
# 
_pdbx_validate_rmsd_angle.id                         1 
_pdbx_validate_rmsd_angle.PDB_model_num              1 
_pdbx_validate_rmsd_angle.auth_atom_id_1             "O4'" 
_pdbx_validate_rmsd_angle.auth_asym_id_1             C 
_pdbx_validate_rmsd_angle.auth_comp_id_1             G 
_pdbx_validate_rmsd_angle.auth_seq_id_1              8 
_pdbx_validate_rmsd_angle.PDB_ins_code_1             ? 
_pdbx_validate_rmsd_angle.label_alt_id_1             ? 
_pdbx_validate_rmsd_angle.auth_atom_id_2             "C1'" 
_pdbx_validate_rmsd_angle.auth_asym_id_2             C 
_pdbx_validate_rmsd_angle.auth_comp_id_2             G 
_pdbx_validate_rmsd_angle.auth_seq_id_2              8 
_pdbx_validate_rmsd_angle.PDB_ins_code_2             ? 
_pdbx_validate_rmsd_angle.label_alt_id_2             ? 
_pdbx_validate_rmsd_angle.auth_atom_id_3             N9 
_pdbx_validate_rmsd_angle.auth_asym_id_3             C 
_pdbx_validate_rmsd_angle.auth_comp_id_3             G 
_pdbx_validate_rmsd_angle.auth_seq_id_3              8 
_pdbx_validate_rmsd_angle.PDB_ins_code_3             ? 
_pdbx_validate_rmsd_angle.label_alt_id_3             ? 
_pdbx_validate_rmsd_angle.angle_value                114.14 
_pdbx_validate_rmsd_angle.angle_target_value         108.50 
_pdbx_validate_rmsd_angle.angle_deviation            5.64 
_pdbx_validate_rmsd_angle.angle_standard_deviation   0.70 
_pdbx_validate_rmsd_angle.linker_flag                N 
# 
loop_
_pdbx_unobs_or_zero_occ_atoms.id 
_pdbx_unobs_or_zero_occ_atoms.PDB_model_num 
_pdbx_unobs_or_zero_occ_atoms.polymer_flag 
_pdbx_unobs_or_zero_occ_atoms.occupancy_flag 
_pdbx_unobs_or_zero_occ_atoms.auth_asym_id 
_pdbx_unobs_or_zero_occ_atoms.auth_comp_id 
_pdbx_unobs_or_zero_occ_atoms.auth_seq_id 
_pdbx_unobs_or_zero_occ_atoms.PDB_ins_code 
_pdbx_unobs_or_zero_occ_atoms.auth_atom_id 
_pdbx_unobs_or_zero_occ_atoms.label_alt_id 
_pdbx_unobs_or_zero_occ_atoms.label_asym_id 
_pdbx_unobs_or_zero_occ_atoms.label_comp_id 
_pdbx_unobs_or_zero_occ_atoms.label_seq_id 
_pdbx_unobs_or_zero_occ_atoms.label_atom_id 
1 1 Y 1 C G 1 ? "O5'" ? A G 1 "O5'" 
2 1 Y 1 C G 1 ? "C5'" ? A G 1 "C5'" 
# 
loop_
_chem_comp_atom.comp_id 
_chem_comp_atom.atom_id 
_chem_comp_atom.type_symbol 
_chem_comp_atom.pdbx_aromatic_flag 
_chem_comp_atom.pdbx_stereo_config 
_chem_comp_atom.pdbx_ordinal 
A   OP3    O  N N 1   
A   P      P  N N 2   
A   OP1    O  N N 3   
A   OP2    O  N N 4   
A   "O5'"  O  N N 5   
A   "C5'"  C  N N 6   
A   "C4'"  C  N R 7   
A   "O4'"  O  N N 8   
A   "C3'"  C  N S 9   
A   "O3'"  O  N N 10  
A   "C2'"  C  N R 11  
A   "O2'"  O  N N 12  
A   "C1'"  C  N R 13  
A   N9     N  Y N 14  
A   C8     C  Y N 15  
A   N7     N  Y N 16  
A   C5     C  Y N 17  
A   C6     C  Y N 18  
A   N6     N  N N 19  
A   N1     N  Y N 20  
A   C2     C  Y N 21  
A   N3     N  Y N 22  
A   C4     C  Y N 23  
A   HOP3   H  N N 24  
A   HOP2   H  N N 25  
A   "H5'"  H  N N 26  
A   "H5''" H  N N 27  
A   "H4'"  H  N N 28  
A   "H3'"  H  N N 29  
A   "HO3'" H  N N 30  
A   "H2'"  H  N N 31  
A   "HO2'" H  N N 32  
A   "H1'"  H  N N 33  
A   H8     H  N N 34  
A   H61    H  N N 35  
A   H62    H  N N 36  
A   H2     H  N N 37  
C   OP3    O  N N 38  
C   P      P  N N 39  
C   OP1    O  N N 40  
C   OP2    O  N N 41  
C   "O5'"  O  N N 42  
C   "C5'"  C  N N 43  
C   "C4'"  C  N R 44  
C   "O4'"  O  N N 45  
C   "C3'"  C  N S 46  
C   "O3'"  O  N N 47  
C   "C2'"  C  N R 48  
C   "O2'"  O  N N 49  
C   "C1'"  C  N R 50  
C   N1     N  N N 51  
C   C2     C  N N 52  
C   O2     O  N N 53  
C   N3     N  N N 54  
C   C4     C  N N 55  
C   N4     N  N N 56  
C   C5     C  N N 57  
C   C6     C  N N 58  
C   HOP3   H  N N 59  
C   HOP2   H  N N 60  
C   "H5'"  H  N N 61  
C   "H5''" H  N N 62  
C   "H4'"  H  N N 63  
C   "H3'"  H  N N 64  
C   "HO3'" H  N N 65  
C   "H2'"  H  N N 66  
C   "HO2'" H  N N 67  
C   "H1'"  H  N N 68  
C   H41    H  N N 69  
C   H42    H  N N 70  
C   H5     H  N N 71  
C   H6     H  N N 72  
G   OP3    O  N N 73  
G   P      P  N N 74  
G   OP1    O  N N 75  
G   OP2    O  N N 76  
G   "O5'"  O  N N 77  
G   "C5'"  C  N N 78  
G   "C4'"  C  N R 79  
G   "O4'"  O  N N 80  
G   "C3'"  C  N S 81  
G   "O3'"  O  N N 82  
G   "C2'"  C  N R 83  
G   "O2'"  O  N N 84  
G   "C1'"  C  N R 85  
G   N9     N  Y N 86  
G   C8     C  Y N 87  
G   N7     N  Y N 88  
G   C5     C  Y N 89  
G   C6     C  N N 90  
G   O6     O  N N 91  
G   N1     N  N N 92  
G   C2     C  N N 93  
G   N2     N  N N 94  
G   N3     N  N N 95  
G   C4     C  Y N 96  
G   HOP3   H  N N 97  
G   HOP2   H  N N 98  
G   "H5'"  H  N N 99  
G   "H5''" H  N N 100 
G   "H4'"  H  N N 101 
G   "H3'"  H  N N 102 
G   "HO3'" H  N N 103 
G   "H2'"  H  N N 104 
G   "HO2'" H  N N 105 
G   "H1'"  H  N N 106 
G   H8     H  N N 107 
G   H1     H  N N 108 
G   H21    H  N N 109 
G   H22    H  N N 110 
K   K      K  N N 111 
MG  MG     MG N N 112 
OXV C11    C  N N 113 
OXV C12    C  N N 114 
OXV C01    C  N N 115 
OXV C02    C  N N 116 
OXV C03    C  N N 117 
OXV C04    C  N N 118 
OXV C05    C  N N 119 
OXV C08    C  N N 120 
OXV C09    C  N N 121 
OXV C14    C  N N 122 
OXV C15    C  N N 123 
OXV C17    C  N N 124 
OXV C18    C  N N 125 
OXV C20    C  N N 126 
OXV C22    C  N N 127 
OXV C24    C  Y N 128 
OXV C26    C  Y N 129 
OXV C27    C  Y N 130 
OXV C28    C  Y N 131 
OXV C29    C  Y N 132 
OXV C30    C  Y N 133 
OXV C31    C  Y N 134 
OXV C32    C  N N 135 
OXV C33    C  Y N 136 
OXV C34    C  Y N 137 
OXV C35    C  Y N 138 
OXV C37    C  N N 139 
OXV C38    C  Y N 140 
OXV C39    C  Y N 141 
OXV C40    C  Y N 142 
OXV C41    C  Y N 143 
OXV C42    C  Y N 144 
OXV C43    C  Y N 145 
OXV N07    N  N N 146 
OXV N19    N  N N 147 
OXV N23    N  Y N 148 
OXV N36    N  Y N 149 
OXV O06    O  N N 150 
OXV O10    O  N N 151 
OXV O13    O  N N 152 
OXV O16    O  N N 153 
OXV O21    O  N N 154 
OXV S25    S  Y N 155 
OXV H1     H  N N 156 
OXV H2     H  N N 157 
OXV H3     H  N N 158 
OXV H4     H  N N 159 
OXV H5     H  N N 160 
OXV H6     H  N N 161 
OXV H7     H  N N 162 
OXV H8     H  N N 163 
OXV H9     H  N N 164 
OXV H10    H  N N 165 
OXV H11    H  N N 166 
OXV H12    H  N N 167 
OXV H13    H  N N 168 
OXV H14    H  N N 169 
OXV H15    H  N N 170 
OXV H16    H  N N 171 
OXV H17    H  N N 172 
OXV H18    H  N N 173 
OXV H19    H  N N 174 
OXV H20    H  N N 175 
OXV H21    H  N N 176 
OXV H22    H  N N 177 
OXV H23    H  N N 178 
OXV H24    H  N N 179 
OXV H25    H  N N 180 
OXV H26    H  N N 181 
OXV H27    H  N N 182 
OXV H28    H  N N 183 
OXV H29    H  N N 184 
OXV H30    H  N N 185 
OXV H31    H  N N 186 
OXV H32    H  N N 187 
OXV H33    H  N N 188 
OXV H34    H  N N 189 
OXV H35    H  N N 190 
OXV H36    H  N N 191 
OXV H37    H  N N 192 
OXV H38    H  N N 193 
OXV H39    H  N N 194 
OXV H40    H  N N 195 
OXV H41    H  N N 196 
OXV H42    H  N N 197 
OXV H43    H  N N 198 
OXV H44    H  N N 199 
U   OP3    O  N N 200 
U   P      P  N N 201 
U   OP1    O  N N 202 
U   OP2    O  N N 203 
U   "O5'"  O  N N 204 
U   "C5'"  C  N N 205 
U   "C4'"  C  N R 206 
U   "O4'"  O  N N 207 
U   "C3'"  C  N S 208 
U   "O3'"  O  N N 209 
U   "C2'"  C  N R 210 
U   "O2'"  O  N N 211 
U   "C1'"  C  N R 212 
U   N1     N  N N 213 
U   C2     C  N N 214 
U   O2     O  N N 215 
U   N3     N  N N 216 
U   C4     C  N N 217 
U   O4     O  N N 218 
U   C5     C  N N 219 
U   C6     C  N N 220 
U   HOP3   H  N N 221 
U   HOP2   H  N N 222 
U   "H5'"  H  N N 223 
U   "H5''" H  N N 224 
U   "H4'"  H  N N 225 
U   "H3'"  H  N N 226 
U   "HO3'" H  N N 227 
U   "H2'"  H  N N 228 
U   "HO2'" H  N N 229 
U   "H1'"  H  N N 230 
U   H3     H  N N 231 
U   H5     H  N N 232 
U   H6     H  N N 233 
# 
loop_
_chem_comp_bond.comp_id 
_chem_comp_bond.atom_id_1 
_chem_comp_bond.atom_id_2 
_chem_comp_bond.value_order 
_chem_comp_bond.pdbx_aromatic_flag 
_chem_comp_bond.pdbx_stereo_config 
_chem_comp_bond.pdbx_ordinal 
A   OP3   P      sing N N 1   
A   OP3   HOP3   sing N N 2   
A   P     OP1    doub N N 3   
A   P     OP2    sing N N 4   
A   P     "O5'"  sing N N 5   
A   OP2   HOP2   sing N N 6   
A   "O5'" "C5'"  sing N N 7   
A   "C5'" "C4'"  sing N N 8   
A   "C5'" "H5'"  sing N N 9   
A   "C5'" "H5''" sing N N 10  
A   "C4'" "O4'"  sing N N 11  
A   "C4'" "C3'"  sing N N 12  
A   "C4'" "H4'"  sing N N 13  
A   "O4'" "C1'"  sing N N 14  
A   "C3'" "O3'"  sing N N 15  
A   "C3'" "C2'"  sing N N 16  
A   "C3'" "H3'"  sing N N 17  
A   "O3'" "HO3'" sing N N 18  
A   "C2'" "O2'"  sing N N 19  
A   "C2'" "C1'"  sing N N 20  
A   "C2'" "H2'"  sing N N 21  
A   "O2'" "HO2'" sing N N 22  
A   "C1'" N9     sing N N 23  
A   "C1'" "H1'"  sing N N 24  
A   N9    C8     sing Y N 25  
A   N9    C4     sing Y N 26  
A   C8    N7     doub Y N 27  
A   C8    H8     sing N N 28  
A   N7    C5     sing Y N 29  
A   C5    C6     sing Y N 30  
A   C5    C4     doub Y N 31  
A   C6    N6     sing N N 32  
A   C6    N1     doub Y N 33  
A   N6    H61    sing N N 34  
A   N6    H62    sing N N 35  
A   N1    C2     sing Y N 36  
A   C2    N3     doub Y N 37  
A   C2    H2     sing N N 38  
A   N3    C4     sing Y N 39  
C   OP3   P      sing N N 40  
C   OP3   HOP3   sing N N 41  
C   P     OP1    doub N N 42  
C   P     OP2    sing N N 43  
C   P     "O5'"  sing N N 44  
C   OP2   HOP2   sing N N 45  
C   "O5'" "C5'"  sing N N 46  
C   "C5'" "C4'"  sing N N 47  
C   "C5'" "H5'"  sing N N 48  
C   "C5'" "H5''" sing N N 49  
C   "C4'" "O4'"  sing N N 50  
C   "C4'" "C3'"  sing N N 51  
C   "C4'" "H4'"  sing N N 52  
C   "O4'" "C1'"  sing N N 53  
C   "C3'" "O3'"  sing N N 54  
C   "C3'" "C2'"  sing N N 55  
C   "C3'" "H3'"  sing N N 56  
C   "O3'" "HO3'" sing N N 57  
C   "C2'" "O2'"  sing N N 58  
C   "C2'" "C1'"  sing N N 59  
C   "C2'" "H2'"  sing N N 60  
C   "O2'" "HO2'" sing N N 61  
C   "C1'" N1     sing N N 62  
C   "C1'" "H1'"  sing N N 63  
C   N1    C2     sing N N 64  
C   N1    C6     sing N N 65  
C   C2    O2     doub N N 66  
C   C2    N3     sing N N 67  
C   N3    C4     doub N N 68  
C   C4    N4     sing N N 69  
C   C4    C5     sing N N 70  
C   N4    H41    sing N N 71  
C   N4    H42    sing N N 72  
C   C5    C6     doub N N 73  
C   C5    H5     sing N N 74  
C   C6    H6     sing N N 75  
G   OP3   P      sing N N 76  
G   OP3   HOP3   sing N N 77  
G   P     OP1    doub N N 78  
G   P     OP2    sing N N 79  
G   P     "O5'"  sing N N 80  
G   OP2   HOP2   sing N N 81  
G   "O5'" "C5'"  sing N N 82  
G   "C5'" "C4'"  sing N N 83  
G   "C5'" "H5'"  sing N N 84  
G   "C5'" "H5''" sing N N 85  
G   "C4'" "O4'"  sing N N 86  
G   "C4'" "C3'"  sing N N 87  
G   "C4'" "H4'"  sing N N 88  
G   "O4'" "C1'"  sing N N 89  
G   "C3'" "O3'"  sing N N 90  
G   "C3'" "C2'"  sing N N 91  
G   "C3'" "H3'"  sing N N 92  
G   "O3'" "HO3'" sing N N 93  
G   "C2'" "O2'"  sing N N 94  
G   "C2'" "C1'"  sing N N 95  
G   "C2'" "H2'"  sing N N 96  
G   "O2'" "HO2'" sing N N 97  
G   "C1'" N9     sing N N 98  
G   "C1'" "H1'"  sing N N 99  
G   N9    C8     sing Y N 100 
G   N9    C4     sing Y N 101 
G   C8    N7     doub Y N 102 
G   C8    H8     sing N N 103 
G   N7    C5     sing Y N 104 
G   C5    C6     sing N N 105 
G   C5    C4     doub Y N 106 
G   C6    O6     doub N N 107 
G   C6    N1     sing N N 108 
G   N1    C2     sing N N 109 
G   N1    H1     sing N N 110 
G   C2    N2     sing N N 111 
G   C2    N3     doub N N 112 
G   N2    H21    sing N N 113 
G   N2    H22    sing N N 114 
G   N3    C4     sing N N 115 
OXV C42   C41    doub Y N 116 
OXV C42   C43    sing Y N 117 
OXV C41   C40    sing Y N 118 
OXV C43   C38    doub Y N 119 
OXV C40   C39    doub Y N 120 
OXV C38   C39    sing Y N 121 
OXV C38   N36    sing Y N 122 
OXV C39   C33    sing Y N 123 
OXV C37   N36    sing N N 124 
OXV N36   C35    doub Y N 125 
OXV C33   C32    sing N N 126 
OXV C33   C34    doub Y N 127 
OXV C32   C24    sing N N 128 
OXV C35   C34    sing Y N 129 
OXV C24   N23    doub Y N 130 
OXV C24   S25    sing Y N 131 
OXV C22   N23    sing N N 132 
OXV C22   C20    sing N N 133 
OXV N23   C27    sing Y N 134 
OXV S25   C26    sing Y N 135 
OXV C27   C26    doub Y N 136 
OXV C27   C28    sing Y N 137 
OXV C20   O21    doub N N 138 
OXV C20   N19    sing N N 139 
OXV C26   C31    sing Y N 140 
OXV C28   C29    doub Y N 141 
OXV C31   C30    doub Y N 142 
OXV N19   C18    sing N N 143 
OXV C29   C30    sing Y N 144 
OXV C18   C17    sing N N 145 
OXV O16   C17    sing N N 146 
OXV O16   C15    sing N N 147 
OXV C12   O13    sing N N 148 
OXV C12   C11    sing N N 149 
OXV C14   O13    sing N N 150 
OXV C14   C15    sing N N 151 
OXV O10   C11    sing N N 152 
OXV O10   C09    sing N N 153 
OXV C09   C08    sing N N 154 
OXV C08   N07    sing N N 155 
OXV N07   C05    sing N N 156 
OXV O06   C05    doub N N 157 
OXV C05   C04    sing N N 158 
OXV C04   C03    sing N N 159 
OXV C02   C03    sing N N 160 
OXV C02   C01    sing N N 161 
OXV C11   H1     sing N N 162 
OXV C11   H2     sing N N 163 
OXV C12   H3     sing N N 164 
OXV C12   H4     sing N N 165 
OXV C01   H5     sing N N 166 
OXV C01   H6     sing N N 167 
OXV C01   H7     sing N N 168 
OXV C02   H8     sing N N 169 
OXV C02   H9     sing N N 170 
OXV C03   H10    sing N N 171 
OXV C03   H11    sing N N 172 
OXV C04   H12    sing N N 173 
OXV C04   H13    sing N N 174 
OXV C08   H14    sing N N 175 
OXV C08   H15    sing N N 176 
OXV C09   H16    sing N N 177 
OXV C09   H17    sing N N 178 
OXV C14   H18    sing N N 179 
OXV C14   H19    sing N N 180 
OXV C15   H20    sing N N 181 
OXV C15   H21    sing N N 182 
OXV C17   H22    sing N N 183 
OXV C17   H23    sing N N 184 
OXV C18   H24    sing N N 185 
OXV C18   H25    sing N N 186 
OXV C22   H26    sing N N 187 
OXV C22   H27    sing N N 188 
OXV C28   H28    sing N N 189 
OXV C29   H29    sing N N 190 
OXV C30   H30    sing N N 191 
OXV C31   H31    sing N N 192 
OXV C32   H32    sing N N 193 
OXV C32   H33    sing N N 194 
OXV C34   H34    sing N N 195 
OXV C35   H35    sing N N 196 
OXV C37   H36    sing N N 197 
OXV C37   H37    sing N N 198 
OXV C37   H38    sing N N 199 
OXV C40   H39    sing N N 200 
OXV C41   H40    sing N N 201 
OXV C42   H41    sing N N 202 
OXV C43   H42    sing N N 203 
OXV N07   H43    sing N N 204 
OXV N19   H44    sing N N 205 
U   OP3   P      sing N N 206 
U   OP3   HOP3   sing N N 207 
U   P     OP1    doub N N 208 
U   P     OP2    sing N N 209 
U   P     "O5'"  sing N N 210 
U   OP2   HOP2   sing N N 211 
U   "O5'" "C5'"  sing N N 212 
U   "C5'" "C4'"  sing N N 213 
U   "C5'" "H5'"  sing N N 214 
U   "C5'" "H5''" sing N N 215 
U   "C4'" "O4'"  sing N N 216 
U   "C4'" "C3'"  sing N N 217 
U   "C4'" "H4'"  sing N N 218 
U   "O4'" "C1'"  sing N N 219 
U   "C3'" "O3'"  sing N N 220 
U   "C3'" "C2'"  sing N N 221 
U   "C3'" "H3'"  sing N N 222 
U   "O3'" "HO3'" sing N N 223 
U   "C2'" "O2'"  sing N N 224 
U   "C2'" "C1'"  sing N N 225 
U   "C2'" "H2'"  sing N N 226 
U   "O2'" "HO2'" sing N N 227 
U   "C1'" N1     sing N N 228 
U   "C1'" "H1'"  sing N N 229 
U   N1    C2     sing N N 230 
U   N1    C6     sing N N 231 
U   C2    O2     doub N N 232 
U   C2    N3     sing N N 233 
U   N3    C4     sing N N 234 
U   N3    H3     sing N N 235 
U   C4    O4     doub N N 236 
U   C4    C5     sing N N 237 
U   C5    C6     doub N N 238 
U   C5    H5     sing N N 239 
U   C6    H6     sing N N 240 
# 
loop_
_ndb_struct_conf_na.entry_id 
_ndb_struct_conf_na.feature 
6PQ7 'double helix'         
6PQ7 'a-form double helix'  
6PQ7 'bulge loop'           
6PQ7 'mismatched base pair' 
6PQ7 'triple helix'         
# 
loop_
_ndb_struct_na_base_pair.model_number 
_ndb_struct_na_base_pair.i_label_asym_id 
_ndb_struct_na_base_pair.i_label_comp_id 
_ndb_struct_na_base_pair.i_label_seq_id 
_ndb_struct_na_base_pair.i_symmetry 
_ndb_struct_na_base_pair.j_label_asym_id 
_ndb_struct_na_base_pair.j_label_comp_id 
_ndb_struct_na_base_pair.j_label_seq_id 
_ndb_struct_na_base_pair.j_symmetry 
_ndb_struct_na_base_pair.shear 
_ndb_struct_na_base_pair.stretch 
_ndb_struct_na_base_pair.stagger 
_ndb_struct_na_base_pair.buckle 
_ndb_struct_na_base_pair.propeller 
_ndb_struct_na_base_pair.opening 
_ndb_struct_na_base_pair.pair_number 
_ndb_struct_na_base_pair.pair_name 
_ndb_struct_na_base_pair.i_auth_asym_id 
_ndb_struct_na_base_pair.i_auth_seq_id 
_ndb_struct_na_base_pair.i_PDB_ins_code 
_ndb_struct_na_base_pair.j_auth_asym_id 
_ndb_struct_na_base_pair.j_auth_seq_id 
_ndb_struct_na_base_pair.j_PDB_ins_code 
_ndb_struct_na_base_pair.hbond_type_28 
_ndb_struct_na_base_pair.hbond_type_12 
1 A G 1  1_555 A C 37 1_555 -0.102 0.086  0.303  5.614   -15.990 -23.175  1  C_G1:C37_C  C 1  ? C 37 ? ?  1 
1 A U 2  1_555 A A 36 1_555 1.017  0.291  -0.145 1.877   -13.412 -5.194   2  C_U2:A36_C  C 2  ? C 36 ? 20 1 
1 A A 3  1_555 A U 35 1_555 -0.102 0.058  0.282  5.306   -7.355  -3.103   3  C_A3:U35_C  C 3  ? C 35 ? 20 1 
1 A C 4  1_555 A G 34 1_555 -0.095 -0.074 -0.750 13.941  -18.289 -5.592   4  C_C4:G34_C  C 4  ? C 34 ? 19 1 
1 A G 5  1_555 A C 33 1_555 0.133  0.462  0.070  -7.287  -18.688 12.260   5  C_G5:C33_C  C 5  ? C 33 ? ?  1 
1 A A 6  1_555 A U 32 1_555 0.176  0.182  -0.098 -14.808 -6.714  -3.467   6  C_A6:U32_C  C 6  ? C 32 ? 20 1 
1 A A 7  1_555 A G 31 1_555 -0.244 1.306  -0.717 -0.427  -1.782  -17.521  7  C_A7:G31_C  C 7  ? C 31 ? 8  1 
1 A A 11 1_555 A U 30 1_555 -0.156 0.200  -0.173 -12.560 -1.208  -2.408   8  C_A11:U30_C C 11 ? C 30 ? 20 1 
1 A G 12 1_555 A G 17 1_555 1.601  3.405  0.114  -8.484  7.394   -91.158  9  C_G12:G17_C C 12 ? C 17 ? 6  3 
1 A U 14 1_555 A U 21 1_555 1.948  -1.876 0.949  2.576   -5.014  177.694  10 C_U14:U21_C C 14 ? C 21 ? 12 2 
1 A G 9  1_555 A G 22 1_555 -1.814 -2.696 0.008  -9.427  -9.097  93.244   11 C_G9:G22_C  C 9  ? C 22 ? 6  3 
1 A G 13 1_555 A G 18 1_555 1.708  3.426  0.419  1.706   -12.515 -89.492  12 C_G13:G18_C C 13 ? C 18 ? 6  3 
1 A A 20 1_555 A A 27 1_555 5.148  -4.888 0.015  29.138  41.429  177.631  13 C_A20:A27_C C 20 ? C 27 ? 2  8 
1 A G 25 1_555 A G 28 1_555 2.349  2.031  -0.048 -36.078 25.442  -109.472 14 C_G25:G28_C C 25 ? C 28 ? ?  1 
# 
loop_
_ndb_struct_na_base_pair_step.model_number 
_ndb_struct_na_base_pair_step.i_label_asym_id_1 
_ndb_struct_na_base_pair_step.i_label_comp_id_1 
_ndb_struct_na_base_pair_step.i_label_seq_id_1 
_ndb_struct_na_base_pair_step.i_symmetry_1 
_ndb_struct_na_base_pair_step.j_label_asym_id_1 
_ndb_struct_na_base_pair_step.j_label_comp_id_1 
_ndb_struct_na_base_pair_step.j_label_seq_id_1 
_ndb_struct_na_base_pair_step.j_symmetry_1 
_ndb_struct_na_base_pair_step.i_label_asym_id_2 
_ndb_struct_na_base_pair_step.i_label_comp_id_2 
_ndb_struct_na_base_pair_step.i_label_seq_id_2 
_ndb_struct_na_base_pair_step.i_symmetry_2 
_ndb_struct_na_base_pair_step.j_label_asym_id_2 
_ndb_struct_na_base_pair_step.j_label_comp_id_2 
_ndb_struct_na_base_pair_step.j_label_seq_id_2 
_ndb_struct_na_base_pair_step.j_symmetry_2 
_ndb_struct_na_base_pair_step.shift 
_ndb_struct_na_base_pair_step.slide 
_ndb_struct_na_base_pair_step.rise 
_ndb_struct_na_base_pair_step.tilt 
_ndb_struct_na_base_pair_step.roll 
_ndb_struct_na_base_pair_step.twist 
_ndb_struct_na_base_pair_step.x_displacement 
_ndb_struct_na_base_pair_step.y_displacement 
_ndb_struct_na_base_pair_step.helical_rise 
_ndb_struct_na_base_pair_step.inclination 
_ndb_struct_na_base_pair_step.tip 
_ndb_struct_na_base_pair_step.helical_twist 
_ndb_struct_na_base_pair_step.step_number 
_ndb_struct_na_base_pair_step.step_name 
_ndb_struct_na_base_pair_step.i_auth_asym_id_1 
_ndb_struct_na_base_pair_step.i_auth_seq_id_1 
_ndb_struct_na_base_pair_step.i_PDB_ins_code_1 
_ndb_struct_na_base_pair_step.j_auth_asym_id_1 
_ndb_struct_na_base_pair_step.j_auth_seq_id_1 
_ndb_struct_na_base_pair_step.j_PDB_ins_code_1 
_ndb_struct_na_base_pair_step.i_auth_asym_id_2 
_ndb_struct_na_base_pair_step.i_auth_seq_id_2 
_ndb_struct_na_base_pair_step.i_PDB_ins_code_2 
_ndb_struct_na_base_pair_step.j_auth_asym_id_2 
_ndb_struct_na_base_pair_step.j_auth_seq_id_2 
_ndb_struct_na_base_pair_step.j_PDB_ins_code_2 
1 A G 1  1_555 A C 37 1_555 A U 2  1_555 A A 36 1_555 0.853  -1.368 3.501  1.787   5.082  38.766  -2.683 -1.049 3.337  7.611   
-2.676  39.125  1  CC_G1U2:A36C37_CC   C 1  ? C 37 ? C 2  ? C 36 ? 
1 A U 2  1_555 A A 36 1_555 A A 3  1_555 A U 35 1_555 -0.220 -1.393 2.977  -0.860  17.804 27.215  -4.973 0.274  1.764  33.646  
1.625   32.441  2  CC_U2A3:U35A36_CC   C 2  ? C 36 ? C 3  ? C 35 ? 
1 A A 3  1_555 A U 35 1_555 A C 4  1_555 A G 34 1_555 0.265  -1.259 3.106  8.916   4.726  32.059  -2.904 0.909  2.866  8.303   
-15.667 33.570  3  CC_A3C4:G34U35_CC   C 3  ? C 35 ? C 4  ? C 34 ? 
1 A C 4  1_555 A G 34 1_555 A G 5  1_555 A C 33 1_555 1.486  -1.633 3.840  -0.568  15.947 31.708  -5.175 -2.532 2.710  27.143  
0.967   35.404  4  CC_C4G5:C33G34_CC   C 4  ? C 34 ? C 5  ? C 33 ? 
1 A G 5  1_555 A C 33 1_555 A A 6  1_555 A U 32 1_555 -0.404 -2.021 3.427  2.507   8.701  30.461  -5.227 1.181  2.719  16.118  
-4.644  31.748  5  CC_G5A6:U32C33_CC   C 5  ? C 33 ? C 6  ? C 32 ? 
1 A A 6  1_555 A U 32 1_555 A A 7  1_555 A G 31 1_555 -0.844 -1.710 3.069  6.791   -2.903 27.162  -2.882 3.226  2.938  -6.041  
-14.131 28.130  6  CC_A6A7:G31U32_CC   C 6  ? C 32 ? C 7  ? C 31 ? 
1 A A 7  1_555 A G 31 1_555 A A 11 1_555 A U 30 1_555 -3.411 -2.210 3.789  -3.499  1.190  62.560  -2.189 3.094  3.918  1.145   
3.366   62.658  7  CC_A7A11:U30G31_CC  C 7  ? C 31 ? C 11 ? C 30 ? 
1 A A 11 1_555 A U 30 1_555 A G 12 1_555 A G 17 1_555 -1.027 -3.187 3.020  3.039   -0.842 65.957  -2.894 1.056  3.011  -0.773  
-2.790  66.024  8  CC_A11G12:G17U30_CC C 11 ? C 30 ? C 12 ? C 17 ? 
1 A U 14 1_555 A U 21 1_555 A G 9  1_555 A G 22 1_555 -0.095 3.006  -6.293 23.557  16.358 -50.894 -1.283 -2.718 -6.337 -17.539 
25.259  -57.945 9  CC_U14G9:G22U21_CC  C 14 ? C 21 ? C 9  ? C 22 ? 
1 A G 9  1_555 A G 22 1_555 A G 13 1_555 A G 18 1_555 -2.079 -3.001 -0.289 -11.802 8.320  177.999 -1.501 1.040  -0.289 4.161   
5.902   178.015 10 CC_G9G13:G18G22_CC  C 9  ? C 22 ? C 13 ? C 18 ? 
1 A A 20 1_555 A A 27 1_555 A G 25 1_555 A G 28 1_555 -0.185 -1.858 4.546  3.701   -9.035 -84.466 1.662  -0.020 4.372  6.701   
2.745   -84.923 11 CC_A20G25:G28A27_CC C 20 ? C 27 ? C 25 ? C 28 ? 
# 
loop_
_pdbx_entity_nonpoly.entity_id 
_pdbx_entity_nonpoly.name 
_pdbx_entity_nonpoly.comp_id 
2 'MAGNESIUM ION' MG  
3 
'~{N}-[2-[2-[2-[2-[2-[2-[(1-methylquinolin-4-yl)methyl]-1,3-benzothiazol-3-yl]ethanoylamino]ethoxy]ethoxy]ethoxy]ethyl]pentanamide' 
OXV 
4 'POTASSIUM ION' K   
# 
_pdbx_initial_refinement_model.id               1 
_pdbx_initial_refinement_model.entity_id_list   ? 
_pdbx_initial_refinement_model.type             'experimental model' 
_pdbx_initial_refinement_model.source_name      PDB 
_pdbx_initial_refinement_model.accession_code   6E8U 
_pdbx_initial_refinement_model.details          ? 
# 
_pdbx_serial_crystallography_measurement.diffrn_id                    1 
_pdbx_serial_crystallography_measurement.pulse_energy                 ? 
_pdbx_serial_crystallography_measurement.pulse_duration               0.044 
_pdbx_serial_crystallography_measurement.xfel_pulse_repetition_rate   ? 
_pdbx_serial_crystallography_measurement.pulse_photon_energy          ? 
_pdbx_serial_crystallography_measurement.photons_per_pulse            ? 
_pdbx_serial_crystallography_measurement.source_size                  ? 
_pdbx_serial_crystallography_measurement.source_distance              ? 
_pdbx_serial_crystallography_measurement.focal_spot_size              1.0 
_pdbx_serial_crystallography_measurement.collimation                  ? 
_pdbx_serial_crystallography_measurement.collection_time_total        ? 
# 
_pdbx_serial_crystallography_sample_delivery.diffrn_id     1 
_pdbx_serial_crystallography_sample_delivery.description   ? 
_pdbx_serial_crystallography_sample_delivery.method        'fixed target' 
# 
_pdbx_struct_assembly_auth_evidence.id                     1 
_pdbx_struct_assembly_auth_evidence.assembly_id            1 
_pdbx_struct_assembly_auth_evidence.experimental_support   'equilibrium centrifugation' 
_pdbx_struct_assembly_auth_evidence.details                ? 
# 
_space_group.name_H-M_alt     'I 41 2 2' 
_space_group.name_Hall        'I 4bw 2bw' 
_space_group.IT_number        98 
_space_group.crystal_system   tetragonal 
_space_group.id               1 
# 
